data_5OEE
#
_entry.id   5OEE
#
_cell.length_a   100.757
_cell.length_b   102.628
_cell.length_c   103.114
_cell.angle_alpha   90.720
_cell.angle_beta   117.390
_cell.angle_gamma   119.370
#
_symmetry.space_group_name_H-M   'P 1'
#
loop_
_entity.id
_entity.type
_entity.pdbx_description
1 polymer 'Large subunit terminase'
2 non-polymer 'SODIUM ION'
3 water water
#
_entity_poly.entity_id   1
_entity_poly.type   'polypeptide(L)'
_entity_poly.pdbx_seq_one_letter_code
;GPAMKKLKPAPFYFQPFSKKQLKVLTWWRKASPVSDKDGIICDGSIRAGKTIVMSFSYVMWAMDTFNEQNFGMAGKTIGA
LRRNVITPLKRMLKSRGYRVKDHRADNYLTITFKGKTNYFYLFGGKDESSQDLIQGITLAGMFFDEVALMPESFVNQATA
RCSVDGAKLWFNCNPAGPYHWFKVEYLDKLDEKNLLHLHFTMDDNLSLSKQVKERYQRMYKGVFYQRYILGLWVLAEGII
YDMFDQDEHVVPTVPRPYEKYYVSCDYGTQNPTTFGLWGLYNGVWYKVKEYHYDGRKENKQKTDQEYYEDLMKFIEDIEK
HKFKGVIVDPSAASFIALLRQKGIKVIKAKNDVLDGIRNVATALNKKMILYNDCCKETFREYSSYVWDEKAAERGEDKPV
KQNDHQLDADRYFVNTILFG
;
_entity_poly.pdbx_strand_id   A,B,C,D,E,F
#
loop_
_chem_comp.id
_chem_comp.type
_chem_comp.name
_chem_comp.formula
NA non-polymer 'SODIUM ION' 'Na 1'
#
# COMPACT_ATOMS: atom_id res chain seq x y z
N PRO A 16 15.35 2.07 18.78
CA PRO A 16 15.52 3.44 19.24
C PRO A 16 16.88 4.03 18.87
N PHE A 17 16.85 5.20 18.24
CA PHE A 17 18.08 5.89 17.83
C PHE A 17 18.75 6.57 19.03
N SER A 18 20.07 6.63 19.00
CA SER A 18 20.85 7.32 20.02
C SER A 18 20.69 8.84 19.88
N LYS A 19 21.13 9.56 20.90
CA LYS A 19 21.08 11.02 20.90
C LYS A 19 21.85 11.62 19.71
N LYS A 20 23.01 11.03 19.41
CA LYS A 20 23.82 11.48 18.28
C LYS A 20 23.22 11.08 16.92
N GLN A 21 22.64 9.88 16.85
CA GLN A 21 21.85 9.48 15.67
C GLN A 21 20.67 10.43 15.41
N LEU A 22 20.01 10.89 16.48
CA LEU A 22 18.90 11.82 16.35
C LEU A 22 19.35 13.24 15.98
N LYS A 23 20.56 13.61 16.37
CA LYS A 23 21.14 14.88 15.92
C LYS A 23 21.41 14.90 14.41
N VAL A 24 21.77 13.74 13.84
CA VAL A 24 21.94 13.57 12.39
C VAL A 24 20.60 13.70 11.65
N LEU A 25 19.54 13.17 12.26
CA LEU A 25 18.18 13.22 11.70
C LEU A 25 17.52 14.60 11.80
N THR A 26 17.99 15.45 12.73
CA THR A 26 17.30 16.72 13.05
C THR A 26 18.13 18.01 12.92
N TRP A 27 19.41 17.94 12.55
CA TRP A 27 20.27 19.15 12.51
C TRP A 27 19.80 20.23 11.52
N TRP A 28 19.19 19.77 10.43
CA TRP A 28 18.79 20.64 9.31
C TRP A 28 17.45 21.35 9.49
N ARG A 29 16.66 20.94 10.49
CA ARG A 29 15.29 21.48 10.69
C ARG A 29 15.37 22.92 11.20
N LYS A 30 14.32 23.71 10.93
CA LYS A 30 14.27 25.14 11.34
C LYS A 30 14.58 25.37 12.83
N ALA A 31 13.97 24.54 13.68
CA ALA A 31 14.13 24.64 15.14
C ALA A 31 15.54 24.37 15.66
N SER A 32 16.35 23.63 14.90
CA SER A 32 17.74 23.34 15.27
C SER A 32 18.58 24.62 15.27
N PRO A 33 19.50 24.75 16.25
CA PRO A 33 20.41 25.91 16.30
C PRO A 33 21.63 25.81 15.36
N VAL A 34 21.75 24.68 14.64
CA VAL A 34 22.86 24.44 13.74
C VAL A 34 22.39 24.25 12.27
N SER A 35 21.18 24.71 11.96
CA SER A 35 20.59 24.59 10.61
C SER A 35 21.11 25.61 9.58
N ASP A 36 21.88 26.60 10.03
CA ASP A 36 22.55 27.54 9.11
C ASP A 36 23.74 26.92 8.35
N LYS A 37 24.20 25.75 8.78
CA LYS A 37 25.42 25.14 8.25
C LYS A 37 25.25 24.64 6.82
N ASP A 38 26.32 24.73 6.02
CA ASP A 38 26.30 24.29 4.62
C ASP A 38 26.35 22.76 4.43
N GLY A 39 26.43 22.00 5.51
CA GLY A 39 26.45 20.54 5.44
C GLY A 39 26.89 19.88 6.73
N ILE A 40 27.06 18.56 6.68
CA ILE A 40 27.43 17.76 7.85
C ILE A 40 28.52 16.74 7.51
N ILE A 41 29.43 16.49 8.46
CA ILE A 41 30.43 15.43 8.36
C ILE A 41 30.23 14.47 9.53
N CYS A 42 29.76 13.26 9.24
CA CYS A 42 29.64 12.21 10.24
C CYS A 42 30.73 11.16 9.98
N ASP A 43 31.67 11.04 10.91
CA ASP A 43 32.72 10.04 10.81
C ASP A 43 32.90 9.28 12.13
N GLY A 44 33.81 8.32 12.12
CA GLY A 44 34.16 7.56 13.31
C GLY A 44 34.13 6.06 13.05
N SER A 45 33.78 5.30 14.09
CA SER A 45 33.95 3.85 14.09
C SER A 45 33.01 3.12 13.12
N ILE A 46 33.30 1.85 12.87
CA ILE A 46 32.37 0.95 12.20
C ILE A 46 31.21 0.58 13.11
N ARG A 47 30.12 0.16 12.50
CA ARG A 47 28.89 -0.27 13.21
C ARG A 47 28.43 0.68 14.33
N ALA A 48 28.44 1.97 14.02
CA ALA A 48 27.97 3.03 14.92
C ALA A 48 26.61 3.58 14.50
N GLY A 49 25.94 2.91 13.56
CA GLY A 49 24.61 3.31 13.11
C GLY A 49 24.52 4.70 12.48
N LYS A 50 25.60 5.13 11.85
CA LYS A 50 25.69 6.49 11.30
C LYS A 50 25.34 6.53 9.81
N THR A 51 25.76 5.53 9.04
CA THR A 51 25.55 5.51 7.59
C THR A 51 24.07 5.49 7.24
N ILE A 52 23.36 4.50 7.77
CA ILE A 52 21.95 4.32 7.44
C ILE A 52 21.06 5.50 7.86
N VAL A 53 21.33 6.09 9.03
CA VAL A 53 20.51 7.22 9.52
C VAL A 53 20.90 8.52 8.82
N MET A 54 22.18 8.67 8.49
CA MET A 54 22.67 9.80 7.71
C MET A 54 21.98 9.85 6.34
N SER A 55 21.88 8.70 5.68
CA SER A 55 21.20 8.59 4.39
C SER A 55 19.70 8.82 4.52
N PHE A 56 19.13 8.27 5.58
CA PHE A 56 17.72 8.45 5.90
C PHE A 56 17.40 9.93 6.11
N SER A 57 18.25 10.62 6.86
CA SER A 57 18.08 12.05 7.09
C SER A 57 18.24 12.85 5.80
N TYR A 58 19.23 12.48 4.98
CA TYR A 58 19.51 13.18 3.72
C TYR A 58 18.26 13.24 2.83
N VAL A 59 17.60 12.10 2.65
CA VAL A 59 16.41 12.03 1.80
C VAL A 59 15.27 12.85 2.42
N MET A 60 14.98 12.60 3.70
CA MET A 60 14.00 13.38 4.46
C MET A 60 14.20 14.89 4.33
N TRP A 61 15.45 15.34 4.50
CA TRP A 61 15.81 16.73 4.28
C TRP A 61 15.47 17.20 2.86
N ALA A 62 15.89 16.43 1.86
CA ALA A 62 15.68 16.77 0.45
C ALA A 62 14.20 16.79 0.04
N MET A 63 13.43 15.82 0.54
CA MET A 63 11.98 15.79 0.31
C MET A 63 11.27 16.97 0.97
N ASP A 64 11.69 17.34 2.17
CA ASP A 64 11.05 18.41 2.95
C ASP A 64 11.46 19.83 2.52
N THR A 65 12.59 19.97 1.81
CA THR A 65 13.20 21.27 1.51
C THR A 65 13.12 21.72 0.03
N PHE A 66 12.98 20.78 -0.90
CA PHE A 66 12.91 21.09 -2.34
C PHE A 66 11.82 20.29 -3.03
N ASN A 67 11.52 20.67 -4.27
CA ASN A 67 10.62 19.90 -5.15
C ASN A 67 11.16 19.87 -6.59
N GLU A 68 11.06 18.70 -7.22
CA GLU A 68 11.50 18.48 -8.60
C GLU A 68 12.97 18.89 -8.82
N GLN A 69 13.85 18.48 -7.90
CA GLN A 69 15.29 18.75 -7.99
C GLN A 69 16.08 17.45 -8.01
N ASN A 70 17.36 17.56 -8.39
CA ASN A 70 18.28 16.43 -8.44
C ASN A 70 19.13 16.39 -7.18
N PHE A 71 19.39 15.18 -6.70
CA PHE A 71 20.23 14.96 -5.54
C PHE A 71 21.19 13.82 -5.84
N GLY A 72 22.45 13.99 -5.43
CA GLY A 72 23.47 12.99 -5.65
C GLY A 72 23.73 12.17 -4.39
N MET A 73 23.93 10.88 -4.59
CA MET A 73 24.41 9.98 -3.54
C MET A 73 25.57 9.20 -4.15
N ALA A 74 26.69 9.12 -3.42
CA ALA A 74 27.90 8.49 -3.95
C ALA A 74 28.53 7.47 -2.99
N GLY A 75 29.06 6.40 -3.58
CA GLY A 75 29.86 5.40 -2.89
C GLY A 75 31.19 5.17 -3.59
N LYS A 76 31.96 4.19 -3.09
CA LYS A 76 33.22 3.74 -3.70
C LYS A 76 32.96 3.25 -5.12
N THR A 77 31.98 2.37 -5.24
CA THR A 77 31.33 2.02 -6.52
C THR A 77 29.82 2.03 -6.26
N ILE A 78 29.03 1.87 -7.33
CA ILE A 78 27.58 1.90 -7.21
C ILE A 78 27.03 0.65 -6.49
N GLY A 79 27.60 -0.52 -6.77
CA GLY A 79 27.23 -1.76 -6.08
C GLY A 79 27.44 -1.68 -4.57
N ALA A 80 28.56 -1.09 -4.17
CA ALA A 80 28.85 -0.81 -2.76
C ALA A 80 27.79 0.11 -2.16
N LEU A 81 27.52 1.20 -2.88
CA LEU A 81 26.52 2.19 -2.45
C LEU A 81 25.14 1.58 -2.27
N ARG A 82 24.79 0.64 -3.14
CA ARG A 82 23.49 -0.05 -3.05
C ARG A 82 23.37 -1.00 -1.86
N ARG A 83 24.41 -1.79 -1.60
CA ARG A 83 24.40 -2.75 -0.49
C ARG A 83 24.60 -2.09 0.88
N ASN A 84 25.48 -1.09 0.94
CA ASN A 84 25.67 -0.29 2.17
C ASN A 84 24.45 0.58 2.50
N VAL A 85 23.96 1.34 1.52
CA VAL A 85 23.04 2.46 1.76
C VAL A 85 21.62 2.27 1.20
N ILE A 86 21.48 2.11 -0.12
CA ILE A 86 20.15 2.19 -0.78
C ILE A 86 19.19 1.06 -0.38
N THR A 87 19.69 -0.17 -0.25
CA THR A 87 18.82 -1.32 0.08
C THR A 87 18.13 -1.15 1.46
N PRO A 88 18.92 -0.92 2.54
CA PRO A 88 18.26 -0.64 3.81
C PRO A 88 17.54 0.72 3.88
N LEU A 89 18.04 1.72 3.15
CA LEU A 89 17.36 3.02 3.03
C LEU A 89 15.97 2.92 2.38
N LYS A 90 15.81 2.02 1.41
CA LYS A 90 14.54 1.82 0.70
C LYS A 90 13.45 1.24 1.60
N ARG A 91 13.75 0.11 2.26
CA ARG A 91 12.82 -0.53 3.19
C ARG A 91 12.45 0.41 4.34
N MET A 92 13.43 1.18 4.80
CA MET A 92 13.27 2.16 5.87
C MET A 92 12.41 3.35 5.43
N LEU A 93 12.58 3.79 4.18
CA LEU A 93 11.74 4.84 3.60
C LEU A 93 10.31 4.36 3.36
N LYS A 94 10.16 3.14 2.82
CA LYS A 94 8.83 2.56 2.52
C LYS A 94 7.94 2.40 3.75
N SER A 95 8.54 2.00 4.87
CA SER A 95 7.80 1.82 6.13
C SER A 95 7.39 3.17 6.77
N ARG A 96 8.02 4.26 6.36
CA ARG A 96 7.64 5.58 6.87
C ARG A 96 6.69 6.32 5.97
N GLY A 97 6.31 5.69 4.86
CA GLY A 97 5.34 6.27 3.92
C GLY A 97 5.91 6.94 2.68
N TYR A 98 7.21 6.76 2.41
CA TYR A 98 7.84 7.33 1.21
C TYR A 98 7.72 6.33 0.05
N ARG A 99 7.10 6.77 -1.04
CA ARG A 99 6.95 5.93 -2.25
C ARG A 99 8.21 6.03 -3.11
N VAL A 100 8.89 4.90 -3.30
CA VAL A 100 10.18 4.84 -4.02
C VAL A 100 10.07 4.05 -5.33
N LYS A 101 10.60 4.63 -6.41
CA LYS A 101 10.76 3.94 -7.70
C LYS A 101 12.26 3.85 -8.00
N ASP A 102 12.82 2.66 -7.80
CA ASP A 102 14.24 2.39 -8.08
C ASP A 102 14.39 2.07 -9.57
N HIS A 103 15.08 2.94 -10.30
CA HIS A 103 15.37 2.72 -11.73
C HIS A 103 16.75 2.09 -11.89
N ARG A 104 16.81 0.77 -11.74
CA ARG A 104 18.07 0.05 -11.53
C ARG A 104 19.10 0.31 -12.63
N ALA A 105 18.69 0.16 -13.88
CA ALA A 105 19.60 0.26 -15.02
C ALA A 105 20.17 1.68 -15.24
N ASP A 106 19.34 2.70 -14.99
CA ASP A 106 19.76 4.11 -15.13
C ASP A 106 20.46 4.69 -13.90
N ASN A 107 20.48 3.95 -12.79
CA ASN A 107 21.12 4.39 -11.55
C ASN A 107 20.64 5.76 -11.11
N TYR A 108 19.33 5.85 -10.90
CA TYR A 108 18.73 6.88 -10.06
C TYR A 108 17.42 6.38 -9.49
N LEU A 109 16.84 7.15 -8.57
CA LEU A 109 15.55 6.84 -7.96
C LEU A 109 14.68 8.09 -8.00
N THR A 110 13.36 7.89 -8.05
CA THR A 110 12.43 8.98 -7.72
C THR A 110 11.78 8.64 -6.38
N ILE A 111 11.72 9.63 -5.50
CA ILE A 111 11.06 9.48 -4.19
C ILE A 111 9.98 10.55 -4.09
N THR A 112 8.85 10.17 -3.50
CA THR A 112 7.66 11.03 -3.42
C THR A 112 7.04 10.98 -2.03
N PHE A 113 6.61 12.14 -1.53
CA PHE A 113 6.10 12.26 -0.16
C PHE A 113 5.32 13.56 0.03
N LYS A 114 4.04 13.44 0.42
CA LYS A 114 3.11 14.57 0.59
C LYS A 114 3.03 15.46 -0.66
N GLY A 115 2.92 14.83 -1.82
CA GLY A 115 2.81 15.54 -3.09
C GLY A 115 4.10 16.01 -3.75
N LYS A 116 5.22 16.00 -3.02
CA LYS A 116 6.51 16.48 -3.54
C LYS A 116 7.26 15.30 -4.15
N THR A 117 8.09 15.60 -5.16
CA THR A 117 8.84 14.59 -5.91
C THR A 117 10.25 15.07 -6.20
N ASN A 118 11.25 14.27 -5.85
CA ASN A 118 12.65 14.57 -6.14
C ASN A 118 13.36 13.35 -6.71
N TYR A 119 14.54 13.61 -7.28
CA TYR A 119 15.28 12.62 -8.07
C TYR A 119 16.66 12.40 -7.45
N PHE A 120 16.97 11.15 -7.14
CA PHE A 120 18.20 10.78 -6.42
C PHE A 120 19.11 9.95 -7.32
N TYR A 121 20.14 10.60 -7.86
CA TYR A 121 21.10 9.95 -8.74
C TYR A 121 22.18 9.24 -7.94
N LEU A 122 22.54 8.03 -8.37
CA LEU A 122 23.60 7.24 -7.75
C LEU A 122 24.90 7.38 -8.54
N PHE A 123 26.00 7.58 -7.83
CA PHE A 123 27.33 7.72 -8.45
C PHE A 123 28.35 6.79 -7.80
N GLY A 124 29.42 6.52 -8.54
CA GLY A 124 30.63 5.86 -8.02
C GLY A 124 31.85 6.68 -8.40
N GLY A 125 32.77 6.84 -7.46
CA GLY A 125 33.96 7.67 -7.68
C GLY A 125 34.91 7.22 -8.78
N LYS A 126 34.91 5.91 -9.07
CA LYS A 126 35.83 5.31 -10.03
C LYS A 126 35.14 4.81 -11.32
N ASP A 127 34.00 5.40 -11.68
CA ASP A 127 33.17 4.93 -12.80
C ASP A 127 33.12 5.97 -13.92
N GLU A 128 33.35 5.53 -15.16
CA GLU A 128 33.31 6.41 -16.34
C GLU A 128 31.89 6.89 -16.66
N SER A 129 30.90 6.05 -16.36
CA SER A 129 29.48 6.46 -16.47
C SER A 129 29.18 7.61 -15.50
N SER A 130 29.70 7.51 -14.27
CA SER A 130 29.49 8.51 -13.23
C SER A 130 30.22 9.82 -13.50
N GLN A 131 31.51 9.71 -13.86
CA GLN A 131 32.32 10.90 -14.20
C GLN A 131 31.84 11.59 -15.49
N ASP A 132 31.15 10.85 -16.35
CA ASP A 132 30.45 11.44 -17.51
C ASP A 132 29.28 12.32 -17.07
N LEU A 133 28.39 11.77 -16.23
CA LEU A 133 27.18 12.47 -15.78
C LEU A 133 27.43 13.60 -14.78
N ILE A 134 28.49 13.49 -13.98
CA ILE A 134 28.83 14.53 -12.99
C ILE A 134 29.32 15.83 -13.64
N GLN A 135 29.73 15.78 -14.91
CA GLN A 135 30.18 16.97 -15.65
C GLN A 135 29.06 17.98 -15.90
N GLY A 136 27.89 17.50 -16.32
CA GLY A 136 26.81 18.38 -16.80
C GLY A 136 25.53 18.46 -15.98
N ILE A 137 25.55 18.01 -14.72
CA ILE A 137 24.32 17.93 -13.89
C ILE A 137 24.20 19.05 -12.86
N THR A 138 22.96 19.44 -12.57
CA THR A 138 22.64 20.46 -11.57
C THR A 138 21.99 19.79 -10.36
N LEU A 139 22.63 19.89 -9.19
CA LEU A 139 22.20 19.22 -7.97
C LEU A 139 21.82 20.19 -6.87
N ALA A 140 20.90 19.76 -6.00
CA ALA A 140 20.48 20.53 -4.83
C ALA A 140 21.02 19.95 -3.52
N GLY A 141 22.03 19.08 -3.63
CA GLY A 141 22.60 18.40 -2.47
C GLY A 141 23.40 17.20 -2.91
N MET A 142 24.38 16.83 -2.10
CA MET A 142 25.23 15.68 -2.41
C MET A 142 25.51 14.91 -1.13
N PHE A 143 25.53 13.58 -1.24
CA PHE A 143 25.78 12.67 -0.14
C PHE A 143 26.95 11.76 -0.54
N PHE A 144 27.91 11.56 0.37
CA PHE A 144 29.06 10.68 0.14
C PHE A 144 29.17 9.61 1.22
N ASP A 145 28.97 8.34 0.86
CA ASP A 145 29.27 7.21 1.76
C ASP A 145 30.66 6.71 1.43
N GLU A 146 31.47 6.41 2.45
CA GLU A 146 32.87 6.00 2.28
C GLU A 146 33.70 7.08 1.59
N VAL A 147 33.53 8.33 2.01
CA VAL A 147 34.16 9.47 1.31
C VAL A 147 35.69 9.46 1.28
N ALA A 148 36.32 8.87 2.30
CA ALA A 148 37.77 8.73 2.35
C ALA A 148 38.32 7.79 1.26
N LEU A 149 37.51 6.82 0.87
CA LEU A 149 37.89 5.86 -0.18
C LEU A 149 37.75 6.40 -1.60
N MET A 150 37.09 7.55 -1.77
CA MET A 150 36.85 8.13 -3.10
C MET A 150 38.02 9.00 -3.54
N PRO A 151 38.17 9.22 -4.87
CA PRO A 151 39.20 10.15 -5.33
C PRO A 151 38.81 11.59 -5.04
N GLU A 152 39.78 12.39 -4.58
CA GLU A 152 39.56 13.79 -4.27
C GLU A 152 38.98 14.58 -5.45
N SER A 153 39.49 14.32 -6.65
CA SER A 153 39.06 15.05 -7.85
C SER A 153 37.56 14.89 -8.10
N PHE A 154 37.06 13.67 -7.96
CA PHE A 154 35.63 13.40 -8.07
C PHE A 154 34.81 14.21 -7.07
N VAL A 155 35.29 14.27 -5.82
CA VAL A 155 34.57 14.96 -4.75
C VAL A 155 34.58 16.50 -4.97
N ASN A 156 35.72 17.05 -5.40
CA ASN A 156 35.80 18.47 -5.78
C ASN A 156 34.84 18.82 -6.91
N GLN A 157 34.74 17.93 -7.90
CA GLN A 157 33.84 18.13 -9.02
C GLN A 157 32.36 17.93 -8.63
N ALA A 158 32.09 16.98 -7.74
CA ALA A 158 30.72 16.73 -7.26
C ALA A 158 30.14 17.93 -6.51
N THR A 159 30.95 18.52 -5.63
CA THR A 159 30.55 19.69 -4.84
C THR A 159 30.30 20.95 -5.69
N ALA A 160 31.02 21.06 -6.82
CA ALA A 160 30.80 22.15 -7.79
C ALA A 160 29.42 22.08 -8.47
N ARG A 161 28.84 20.88 -8.59
CA ARG A 161 27.51 20.71 -9.17
C ARG A 161 26.36 21.05 -8.23
N CYS A 162 26.65 21.31 -6.96
CA CYS A 162 25.66 21.75 -5.99
C CYS A 162 25.52 23.28 -6.02
N SER A 163 24.89 23.75 -7.09
CA SER A 163 24.69 25.18 -7.35
C SER A 163 23.31 25.70 -6.94
N VAL A 164 22.34 24.80 -6.70
CA VAL A 164 20.97 25.20 -6.35
C VAL A 164 20.96 25.97 -5.02
N ASP A 165 20.01 26.90 -4.90
CA ASP A 165 19.90 27.77 -3.72
C ASP A 165 19.59 26.94 -2.47
N GLY A 166 20.52 26.92 -1.52
CA GLY A 166 20.38 26.20 -0.26
C GLY A 166 20.85 24.76 -0.30
N ALA A 167 21.87 24.46 -1.11
CA ALA A 167 22.41 23.11 -1.24
C ALA A 167 23.26 22.74 -0.04
N LYS A 168 23.23 21.45 0.32
CA LYS A 168 23.91 20.95 1.51
C LYS A 168 24.74 19.71 1.15
N LEU A 169 26.00 19.69 1.58
CA LEU A 169 26.90 18.57 1.32
C LEU A 169 26.95 17.67 2.55
N TRP A 170 26.77 16.37 2.37
CA TRP A 170 26.77 15.40 3.46
C TRP A 170 27.89 14.39 3.24
N PHE A 171 28.74 14.18 4.25
CA PHE A 171 29.92 13.32 4.11
C PHE A 171 29.96 12.28 5.21
N ASN A 172 30.14 11.01 4.82
CA ASN A 172 30.19 9.89 5.74
C ASN A 172 31.43 9.05 5.43
N CYS A 173 32.20 8.70 6.47
CA CYS A 173 33.38 7.83 6.31
C CYS A 173 33.90 7.25 7.62
N ASN A 174 34.90 6.42 7.45
CA ASN A 174 35.64 5.83 8.53
C ASN A 174 37.03 6.44 8.46
N PRO A 175 37.70 6.54 9.58
CA PRO A 175 39.00 7.18 9.58
C PRO A 175 40.06 6.56 8.71
N ALA A 176 40.89 7.40 8.17
CA ALA A 176 42.06 7.00 7.42
C ALA A 176 43.22 7.67 8.13
N GLY A 177 44.26 8.00 7.39
CA GLY A 177 45.38 8.68 7.98
C GLY A 177 45.16 10.16 8.14
N PRO A 178 45.92 10.80 9.02
CA PRO A 178 45.90 12.21 9.36
C PRO A 178 46.27 13.11 8.21
N TYR A 179 46.98 12.61 7.24
CA TYR A 179 47.36 13.40 6.05
C TYR A 179 46.45 13.12 4.85
N HIS A 180 45.38 12.36 5.07
CA HIS A 180 44.38 12.10 4.03
C HIS A 180 43.71 13.42 3.66
N TRP A 181 43.40 13.58 2.37
CA TRP A 181 42.88 14.84 1.84
C TRP A 181 41.60 15.28 2.55
N PHE A 182 40.73 14.33 2.90
CA PHE A 182 39.51 14.64 3.64
C PHE A 182 39.77 15.17 5.06
N LYS A 183 40.77 14.66 5.76
CA LYS A 183 41.13 15.21 7.08
C LYS A 183 41.69 16.62 6.92
N VAL A 184 42.67 16.77 6.03
CA VAL A 184 43.38 18.04 5.83
C VAL A 184 42.49 19.12 5.21
N GLU A 185 41.81 18.82 4.11
CA GLU A 185 41.02 19.81 3.37
C GLU A 185 39.62 20.07 3.96
N TYR A 186 39.00 19.08 4.59
CA TYR A 186 37.62 19.20 5.09
C TYR A 186 37.51 19.25 6.61
N LEU A 187 38.02 18.23 7.30
CA LEU A 187 37.88 18.15 8.78
C LEU A 187 38.70 19.20 9.56
N ASP A 188 39.88 19.55 9.06
CA ASP A 188 40.70 20.61 9.66
C ASP A 188 40.25 22.02 9.27
N LYS A 189 39.31 22.13 8.31
CA LYS A 189 38.73 23.41 7.88
C LYS A 189 37.20 23.44 8.01
N LEU A 190 36.66 22.89 9.09
CA LEU A 190 35.19 22.83 9.30
C LEU A 190 34.51 24.18 9.17
N ASP A 191 34.95 25.12 9.99
CA ASP A 191 34.33 26.45 10.09
C ASP A 191 34.62 27.37 8.90
N GLU A 192 35.65 27.07 8.12
CA GLU A 192 35.87 27.73 6.82
C GLU A 192 34.77 27.36 5.80
N LYS A 193 34.30 26.12 5.85
CA LYS A 193 33.25 25.62 4.95
C LYS A 193 31.87 25.55 5.60
N ASN A 194 31.75 26.02 6.84
CA ASN A 194 30.48 26.11 7.56
C ASN A 194 29.83 24.72 7.68
N LEU A 195 30.64 23.72 8.00
CA LEU A 195 30.19 22.33 8.10
C LEU A 195 30.03 21.90 9.56
N LEU A 196 28.99 21.10 9.80
CA LEU A 196 28.75 20.49 11.09
C LEU A 196 29.58 19.21 11.14
N HIS A 197 30.05 18.84 12.32
CA HIS A 197 30.85 17.64 12.49
C HIS A 197 30.35 16.87 13.71
N LEU A 198 29.98 15.61 13.51
CA LEU A 198 29.62 14.70 14.60
C LEU A 198 30.49 13.46 14.52
N HIS A 199 30.97 13.00 15.68
CA HIS A 199 31.85 11.83 15.72
C HIS A 199 31.18 10.65 16.43
N PHE A 200 31.30 9.46 15.83
CA PHE A 200 30.56 8.27 16.24
C PHE A 200 31.48 7.15 16.74
N THR A 201 31.24 6.70 17.97
CA THR A 201 31.81 5.45 18.52
C THR A 201 30.69 4.42 18.54
N MET A 202 30.97 3.22 19.04
CA MET A 202 29.95 2.17 19.17
C MET A 202 28.92 2.44 20.29
N ASP A 203 29.26 3.34 21.22
CA ASP A 203 28.32 3.85 22.24
C ASP A 203 27.05 4.46 21.62
N ASP A 204 27.20 5.06 20.44
CA ASP A 204 26.11 5.76 19.77
C ASP A 204 25.19 4.87 18.89
N ASN A 205 25.35 3.55 18.99
CA ASN A 205 24.41 2.59 18.39
C ASN A 205 23.78 1.77 19.52
N LEU A 206 22.52 2.10 19.85
CA LEU A 206 21.84 1.48 21.00
C LEU A 206 21.48 0.00 20.82
N SER A 207 21.36 -0.46 19.58
CA SER A 207 21.01 -1.86 19.29
C SER A 207 22.23 -2.77 19.39
N LEU A 208 22.85 -2.80 20.58
CA LEU A 208 24.23 -3.30 20.72
C LEU A 208 24.56 -3.62 22.19
N SER A 209 24.79 -4.90 22.48
CA SER A 209 25.21 -5.32 23.81
C SER A 209 26.72 -5.22 23.96
N LYS A 210 27.22 -5.20 25.19
CA LYS A 210 28.66 -5.15 25.39
C LYS A 210 29.25 -6.43 24.84
N GLN A 211 28.63 -7.55 25.15
CA GLN A 211 29.12 -8.81 24.57
C GLN A 211 29.41 -8.64 23.08
N VAL A 212 28.47 -8.04 22.35
CA VAL A 212 28.64 -7.77 20.91
C VAL A 212 29.74 -6.72 20.65
N LYS A 213 29.78 -5.67 21.46
CA LYS A 213 30.80 -4.61 21.32
C LYS A 213 32.22 -5.10 21.63
N GLU A 214 32.37 -5.83 22.73
CA GLU A 214 33.68 -6.42 23.10
C GLU A 214 34.11 -7.56 22.19
N ARG A 215 33.16 -8.19 21.49
CA ARG A 215 33.50 -9.13 20.41
C ARG A 215 34.13 -8.37 19.23
N TYR A 216 33.55 -7.24 18.85
CA TYR A 216 34.10 -6.36 17.81
C TYR A 216 35.44 -5.72 18.20
N GLN A 217 35.64 -5.45 19.48
CA GLN A 217 36.96 -5.00 20.00
C GLN A 217 38.06 -6.04 19.79
N ARG A 218 37.74 -7.31 19.99
CA ARG A 218 38.68 -8.41 19.82
C ARG A 218 39.15 -8.57 18.36
N MET A 219 38.32 -8.19 17.40
CA MET A 219 38.64 -8.33 15.97
C MET A 219 39.76 -7.43 15.47
N TYR A 220 40.00 -6.31 16.16
CA TYR A 220 41.01 -5.32 15.74
C TYR A 220 42.06 -5.09 16.80
N LYS A 221 43.31 -4.98 16.35
CA LYS A 221 44.42 -4.56 17.18
C LYS A 221 45.26 -3.54 16.41
N GLY A 222 45.97 -2.68 17.14
CA GLY A 222 46.89 -1.73 16.54
C GLY A 222 46.21 -0.62 15.78
N VAL A 223 46.75 -0.29 14.61
CA VAL A 223 46.26 0.83 13.81
C VAL A 223 44.78 0.67 13.42
N PHE A 224 44.38 -0.56 13.06
CA PHE A 224 43.00 -0.85 12.68
C PHE A 224 42.03 -0.79 13.85
N TYR A 225 42.51 -1.03 15.06
CA TYR A 225 41.72 -0.80 16.27
C TYR A 225 41.53 0.68 16.50
N GLN A 226 42.62 1.43 16.40
CA GLN A 226 42.60 2.89 16.61
C GLN A 226 41.71 3.60 15.60
N ARG A 227 41.65 3.08 14.37
CA ARG A 227 40.83 3.66 13.31
C ARG A 227 39.38 3.23 13.38
N TYR A 228 39.15 1.93 13.29
CA TYR A 228 37.79 1.41 13.08
C TYR A 228 36.97 1.15 14.35
N ILE A 229 37.62 1.10 15.52
CA ILE A 229 36.91 0.96 16.80
C ILE A 229 36.88 2.30 17.53
N LEU A 230 38.05 2.89 17.76
CA LEU A 230 38.16 4.18 18.46
C LEU A 230 37.68 5.36 17.61
N GLY A 231 37.81 5.27 16.28
CA GLY A 231 37.37 6.33 15.37
C GLY A 231 38.40 7.42 15.16
N LEU A 232 39.68 7.09 15.32
CA LEU A 232 40.76 8.07 15.26
C LEU A 232 41.46 8.02 13.90
N TRP A 233 41.92 9.16 13.43
CA TRP A 233 42.70 9.24 12.19
C TRP A 233 44.19 9.04 12.51
N VAL A 234 44.59 7.80 12.81
CA VAL A 234 45.99 7.51 13.17
C VAL A 234 46.84 7.12 11.95
N LEU A 235 48.11 7.56 11.96
CA LEU A 235 49.06 7.29 10.86
C LEU A 235 49.41 5.81 10.77
N ALA A 236 49.52 5.31 9.54
CA ALA A 236 49.94 3.94 9.26
C ALA A 236 51.47 3.88 9.15
N GLU A 237 52.11 3.23 10.12
CA GLU A 237 53.56 3.26 10.26
C GLU A 237 54.11 1.89 10.66
N GLY A 238 55.27 1.55 10.12
CA GLY A 238 55.99 0.35 10.50
C GLY A 238 55.30 -0.94 10.10
N ILE A 239 55.47 -1.96 10.95
CA ILE A 239 54.99 -3.31 10.68
C ILE A 239 53.46 -3.35 10.55
N ILE A 240 53.00 -3.90 9.42
CA ILE A 240 51.57 -3.89 9.06
C ILE A 240 50.80 -4.90 9.91
N TYR A 241 51.31 -6.13 9.95
CA TYR A 241 50.74 -7.19 10.78
C TYR A 241 51.58 -7.31 12.05
N ASP A 242 51.46 -6.30 12.90
CA ASP A 242 52.15 -6.30 14.20
C ASP A 242 51.43 -7.14 15.26
N MET A 243 50.27 -7.70 14.89
CA MET A 243 49.54 -8.66 15.73
C MET A 243 49.90 -10.11 15.41
N PHE A 244 50.75 -10.35 14.41
CA PHE A 244 51.22 -11.70 14.10
C PHE A 244 52.14 -12.20 15.23
N ASP A 245 51.59 -13.08 16.06
CA ASP A 245 52.32 -13.78 17.10
C ASP A 245 52.59 -15.21 16.64
N GLN A 246 53.82 -15.68 16.84
CA GLN A 246 54.19 -17.07 16.58
C GLN A 246 53.80 -17.99 17.74
N ASP A 247 53.55 -17.43 18.92
CA ASP A 247 52.91 -18.16 20.03
C ASP A 247 51.52 -18.67 19.63
N GLU A 248 50.79 -17.88 18.84
CA GLU A 248 49.39 -18.16 18.53
C GLU A 248 49.17 -18.79 17.14
N HIS A 249 49.73 -18.18 16.10
CA HIS A 249 49.32 -18.49 14.73
C HIS A 249 50.05 -19.62 14.05
N VAL A 250 51.16 -20.07 14.62
CA VAL A 250 51.91 -21.18 14.05
C VAL A 250 51.50 -22.48 14.74
N VAL A 251 51.43 -23.56 13.96
CA VAL A 251 51.11 -24.90 14.46
C VAL A 251 52.04 -25.95 13.85
N PRO A 252 52.15 -27.14 14.50
CA PRO A 252 53.01 -28.20 13.94
C PRO A 252 52.57 -28.65 12.55
N THR A 253 53.52 -29.10 11.75
CA THR A 253 53.21 -29.60 10.41
C THR A 253 52.94 -31.09 10.53
N VAL A 254 51.70 -31.41 10.91
CA VAL A 254 51.22 -32.78 11.01
C VAL A 254 49.94 -32.95 10.19
N PRO A 255 49.63 -34.19 9.74
CA PRO A 255 48.40 -34.42 8.99
C PRO A 255 47.13 -34.13 9.79
N ARG A 256 46.11 -33.61 9.11
CA ARG A 256 44.78 -33.40 9.67
C ARG A 256 43.71 -33.81 8.65
N PRO A 257 42.54 -34.29 9.11
CA PRO A 257 41.48 -34.68 8.17
C PRO A 257 40.71 -33.45 7.69
N TYR A 258 41.29 -32.74 6.74
CA TYR A 258 40.67 -31.52 6.21
C TYR A 258 39.45 -31.90 5.38
N GLU A 259 38.42 -31.06 5.49
CA GLU A 259 37.13 -31.31 4.82
C GLU A 259 37.00 -30.57 3.50
N LYS A 260 37.95 -29.66 3.22
CA LYS A 260 37.89 -28.76 2.06
C LYS A 260 39.28 -28.17 1.81
N TYR A 261 39.57 -27.81 0.55
CA TYR A 261 40.86 -27.18 0.19
C TYR A 261 40.73 -26.05 -0.84
N TYR A 262 41.66 -25.10 -0.75
CA TYR A 262 41.96 -24.17 -1.84
C TYR A 262 43.48 -24.04 -2.00
N VAL A 263 43.91 -23.62 -3.19
CA VAL A 263 45.26 -23.12 -3.41
C VAL A 263 45.12 -21.63 -3.69
N SER A 264 46.04 -20.83 -3.14
CA SER A 264 46.10 -19.40 -3.40
C SER A 264 47.43 -19.07 -4.04
N CYS A 265 47.42 -18.15 -5.01
CA CYS A 265 48.57 -17.91 -5.88
C CYS A 265 48.95 -16.44 -6.05
N ASP A 266 50.23 -16.11 -5.82
CA ASP A 266 50.84 -14.86 -6.28
C ASP A 266 51.78 -15.21 -7.41
N TYR A 267 51.54 -14.60 -8.56
CA TYR A 267 52.20 -14.96 -9.79
C TYR A 267 53.27 -13.94 -10.15
N GLY A 268 54.42 -14.44 -10.56
CA GLY A 268 55.48 -13.60 -11.10
C GLY A 268 56.52 -14.46 -11.80
N THR A 269 56.86 -14.10 -13.03
CA THR A 269 58.05 -14.62 -13.69
C THR A 269 59.22 -13.71 -13.34
N GLN A 270 58.98 -12.40 -13.48
CA GLN A 270 59.84 -11.32 -12.99
C GLN A 270 60.19 -11.42 -11.48
N ASN A 271 59.16 -11.64 -10.66
CA ASN A 271 59.26 -11.70 -9.20
C ASN A 271 59.01 -13.16 -8.79
N PRO A 272 58.99 -13.47 -7.47
CA PRO A 272 58.65 -14.85 -7.09
C PRO A 272 57.18 -15.25 -7.35
N THR A 273 56.97 -16.51 -7.72
CA THR A 273 55.63 -17.12 -7.77
C THR A 273 55.42 -17.93 -6.49
N THR A 274 54.22 -17.85 -5.92
CA THR A 274 53.89 -18.57 -4.69
C THR A 274 52.54 -19.27 -4.77
N PHE A 275 52.51 -20.55 -4.42
CA PHE A 275 51.26 -21.25 -4.11
C PHE A 275 51.21 -21.45 -2.59
N GLY A 276 49.99 -21.48 -2.07
CA GLY A 276 49.75 -21.81 -0.67
C GLY A 276 48.50 -22.66 -0.56
N LEU A 277 48.60 -23.80 0.10
CA LEU A 277 47.50 -24.76 0.20
C LEU A 277 46.73 -24.54 1.49
N TRP A 278 45.45 -24.21 1.39
CA TRP A 278 44.61 -23.94 2.56
C TRP A 278 43.67 -25.10 2.81
N GLY A 279 43.46 -25.45 4.08
CA GLY A 279 42.62 -26.59 4.49
C GLY A 279 41.71 -26.28 5.67
N LEU A 280 40.42 -26.58 5.53
CA LEU A 280 39.43 -26.32 6.58
C LEU A 280 39.38 -27.49 7.59
N TYR A 281 39.37 -27.14 8.87
CA TYR A 281 39.31 -28.11 9.96
C TYR A 281 38.81 -27.44 11.24
N ASN A 282 37.60 -27.81 11.68
CA ASN A 282 36.92 -27.23 12.85
C ASN A 282 36.74 -25.71 12.77
N GLY A 283 36.28 -25.26 11.61
CA GLY A 283 36.05 -23.83 11.36
C GLY A 283 37.30 -22.96 11.40
N VAL A 284 38.46 -23.55 11.11
CA VAL A 284 39.73 -22.85 11.07
C VAL A 284 40.47 -23.25 9.82
N TRP A 285 40.90 -22.26 9.04
CA TRP A 285 41.66 -22.48 7.81
C TRP A 285 43.16 -22.56 8.12
N TYR A 286 43.80 -23.60 7.60
CA TYR A 286 45.22 -23.85 7.86
C TYR A 286 45.98 -23.72 6.56
N LYS A 287 47.03 -22.91 6.55
CA LYS A 287 47.97 -22.92 5.43
C LYS A 287 48.82 -24.17 5.61
N VAL A 288 48.42 -25.22 4.89
CA VAL A 288 48.95 -26.57 5.06
C VAL A 288 50.42 -26.61 4.64
N LYS A 289 50.72 -26.01 3.49
CA LYS A 289 52.10 -25.85 3.04
C LYS A 289 52.23 -24.71 2.04
N GLU A 290 53.47 -24.34 1.74
CA GLU A 290 53.76 -23.25 0.82
C GLU A 290 54.68 -23.73 -0.30
N TYR A 291 54.61 -23.01 -1.41
CA TYR A 291 55.51 -23.15 -2.54
C TYR A 291 56.04 -21.74 -2.81
N HIS A 292 57.34 -21.67 -3.10
CA HIS A 292 58.03 -20.39 -3.26
C HIS A 292 59.16 -20.59 -4.26
N TYR A 293 58.95 -20.11 -5.50
CA TYR A 293 59.99 -20.14 -6.52
C TYR A 293 60.36 -18.71 -6.91
N ASP A 294 61.65 -18.40 -6.80
CA ASP A 294 62.22 -17.10 -7.17
C ASP A 294 63.21 -17.34 -8.31
N GLY A 295 62.93 -16.77 -9.48
CA GLY A 295 63.80 -16.89 -10.65
C GLY A 295 65.11 -16.13 -10.56
N ARG A 296 65.12 -14.99 -9.86
CA ARG A 296 66.35 -14.21 -9.62
C ARG A 296 67.41 -15.10 -8.97
N LYS A 297 67.05 -15.66 -7.81
CA LYS A 297 67.98 -16.40 -6.96
C LYS A 297 68.27 -17.81 -7.48
N GLU A 298 67.25 -18.48 -8.02
CA GLU A 298 67.45 -19.76 -8.72
C GLU A 298 68.19 -19.60 -10.06
N ASN A 299 68.16 -18.39 -10.62
CA ASN A 299 68.85 -18.04 -11.86
C ASN A 299 68.27 -18.81 -13.07
N LYS A 300 66.97 -19.07 -12.98
CA LYS A 300 66.21 -19.65 -14.05
C LYS A 300 64.75 -19.26 -13.88
N GLN A 301 64.12 -18.80 -14.94
CA GLN A 301 62.70 -18.43 -14.91
C GLN A 301 61.82 -19.58 -15.39
N LYS A 302 60.59 -19.62 -14.87
CA LYS A 302 59.62 -20.65 -15.21
C LYS A 302 58.49 -20.13 -16.10
N THR A 303 57.99 -21.02 -16.96
CA THR A 303 56.89 -20.71 -17.86
C THR A 303 55.57 -20.94 -17.12
N ASP A 304 54.46 -20.63 -17.80
CA ASP A 304 53.13 -20.96 -17.28
C ASP A 304 52.96 -22.47 -17.15
N GLN A 305 53.41 -23.19 -18.18
CA GLN A 305 53.38 -24.65 -18.21
C GLN A 305 54.09 -25.29 -17.02
N GLU A 306 55.31 -24.83 -16.72
CA GLU A 306 56.09 -25.38 -15.61
C GLU A 306 55.46 -25.12 -14.24
N TYR A 307 54.89 -23.93 -14.05
CA TYR A 307 54.17 -23.62 -12.81
C TYR A 307 52.90 -24.46 -12.67
N TYR A 308 52.20 -24.68 -13.79
CA TYR A 308 51.05 -25.61 -13.82
C TYR A 308 51.48 -27.02 -13.40
N GLU A 309 52.60 -27.49 -13.95
CA GLU A 309 53.15 -28.80 -13.60
C GLU A 309 53.46 -28.92 -12.10
N ASP A 310 54.01 -27.85 -11.54
CA ASP A 310 54.29 -27.76 -10.10
C ASP A 310 53.02 -27.74 -9.28
N LEU A 311 52.01 -27.01 -9.76
CA LEU A 311 50.72 -26.94 -9.08
C LEU A 311 50.05 -28.31 -8.94
N MET A 312 50.26 -29.20 -9.93
CA MET A 312 49.73 -30.56 -9.87
C MET A 312 50.50 -31.43 -8.86
N LYS A 313 51.83 -31.33 -8.89
CA LYS A 313 52.68 -31.94 -7.85
C LYS A 313 52.33 -31.42 -6.45
N PHE A 314 52.03 -30.13 -6.37
CA PHE A 314 51.66 -29.46 -5.13
C PHE A 314 50.34 -29.97 -4.56
N ILE A 315 49.40 -30.40 -5.42
CA ILE A 315 48.10 -30.97 -5.00
C ILE A 315 47.92 -32.47 -5.35
N GLU A 316 49.02 -33.19 -5.58
CA GLU A 316 48.99 -34.64 -5.83
C GLU A 316 48.10 -35.43 -4.87
N ASP A 317 48.33 -35.22 -3.58
CA ASP A 317 47.82 -36.12 -2.54
C ASP A 317 46.39 -35.87 -2.09
N ILE A 318 45.89 -34.64 -2.22
CA ILE A 318 44.56 -34.30 -1.72
C ILE A 318 43.45 -34.87 -2.63
N GLU A 319 42.34 -35.29 -2.01
CA GLU A 319 41.19 -35.85 -2.73
C GLU A 319 40.54 -34.72 -3.53
N LYS A 320 40.47 -34.91 -4.85
CA LYS A 320 40.09 -33.83 -5.76
C LYS A 320 38.60 -33.45 -5.75
N HIS A 321 37.77 -34.24 -5.07
CA HIS A 321 36.39 -33.81 -4.75
C HIS A 321 36.35 -32.76 -3.60
N LYS A 322 37.37 -32.77 -2.73
CA LYS A 322 37.52 -31.75 -1.68
C LYS A 322 38.20 -30.46 -2.15
N PHE A 323 38.97 -30.54 -3.24
CA PHE A 323 39.63 -29.37 -3.84
C PHE A 323 38.61 -28.45 -4.52
N LYS A 324 38.49 -27.22 -4.03
CA LYS A 324 37.50 -26.24 -4.53
C LYS A 324 38.05 -25.17 -5.50
N GLY A 325 39.29 -25.31 -5.97
CA GLY A 325 39.85 -24.43 -7.00
C GLY A 325 40.99 -23.50 -6.56
N VAL A 326 41.54 -22.78 -7.54
CA VAL A 326 42.73 -21.95 -7.36
C VAL A 326 42.38 -20.46 -7.38
N ILE A 327 42.86 -19.70 -6.38
CA ILE A 327 42.68 -18.25 -6.33
C ILE A 327 43.95 -17.58 -6.86
N VAL A 328 43.79 -16.55 -7.68
CA VAL A 328 44.91 -16.02 -8.48
C VAL A 328 44.73 -14.53 -8.83
N ASP A 329 45.85 -13.80 -8.97
CA ASP A 329 45.84 -12.35 -9.24
C ASP A 329 45.13 -12.08 -10.55
N PRO A 330 44.40 -10.96 -10.65
CA PRO A 330 43.80 -10.61 -11.96
C PRO A 330 44.83 -10.43 -13.07
N SER A 331 46.00 -9.86 -12.75
CA SER A 331 47.09 -9.71 -13.73
C SER A 331 48.00 -10.95 -13.78
N ALA A 332 47.42 -12.07 -14.19
CA ALA A 332 48.17 -13.30 -14.49
C ALA A 332 47.35 -14.16 -15.44
N ALA A 333 46.83 -13.50 -16.48
CA ALA A 333 45.77 -14.06 -17.32
C ALA A 333 46.23 -15.21 -18.22
N SER A 334 47.51 -15.23 -18.60
CA SER A 334 48.05 -16.33 -19.39
C SER A 334 48.16 -17.61 -18.55
N PHE A 335 48.38 -17.45 -17.24
CA PHE A 335 48.32 -18.56 -16.30
C PHE A 335 46.87 -19.00 -16.09
N ILE A 336 45.98 -18.03 -15.88
CA ILE A 336 44.55 -18.30 -15.71
C ILE A 336 43.95 -19.00 -16.93
N ALA A 337 44.37 -18.56 -18.12
CA ALA A 337 43.94 -19.17 -19.37
C ALA A 337 44.38 -20.63 -19.48
N LEU A 338 45.65 -20.89 -19.10
CA LEU A 338 46.22 -22.24 -19.14
C LEU A 338 45.53 -23.18 -18.16
N LEU A 339 45.36 -22.73 -16.92
CA LEU A 339 44.66 -23.51 -15.89
C LEU A 339 43.22 -23.90 -16.31
N ARG A 340 42.52 -22.97 -16.96
CA ARG A 340 41.14 -23.23 -17.42
C ARG A 340 41.05 -24.16 -18.62
N GLN A 341 42.11 -24.25 -19.42
CA GLN A 341 42.21 -25.29 -20.45
C GLN A 341 42.40 -26.69 -19.84
N LYS A 342 43.03 -26.74 -18.66
CA LYS A 342 43.21 -28.00 -17.92
C LYS A 342 42.02 -28.30 -16.99
N GLY A 343 40.98 -27.47 -17.03
CA GLY A 343 39.76 -27.72 -16.28
C GLY A 343 39.88 -27.49 -14.80
N ILE A 344 40.87 -26.69 -14.38
CA ILE A 344 41.07 -26.32 -12.98
C ILE A 344 40.18 -25.12 -12.73
N LYS A 345 39.33 -25.19 -11.70
CA LYS A 345 38.45 -24.07 -11.35
C LYS A 345 39.29 -22.92 -10.80
N VAL A 346 39.15 -21.74 -11.41
CA VAL A 346 39.92 -20.56 -11.05
C VAL A 346 38.99 -19.49 -10.52
N ILE A 347 39.27 -18.97 -9.33
CA ILE A 347 38.62 -17.77 -8.81
C ILE A 347 39.56 -16.60 -9.03
N LYS A 348 39.08 -15.56 -9.73
CA LYS A 348 39.80 -14.30 -9.83
C LYS A 348 39.73 -13.63 -8.46
N ALA A 349 40.87 -13.31 -7.90
CA ALA A 349 40.94 -12.72 -6.59
C ALA A 349 40.28 -11.37 -6.60
N LYS A 350 39.69 -11.01 -5.47
CA LYS A 350 38.99 -9.74 -5.37
C LYS A 350 39.91 -8.55 -5.60
N ASN A 351 41.12 -8.65 -5.04
CA ASN A 351 42.26 -7.72 -5.17
C ASN A 351 42.32 -6.39 -4.47
N ASP A 352 41.46 -6.08 -3.52
CA ASP A 352 41.56 -4.78 -2.87
C ASP A 352 42.64 -4.84 -1.84
N VAL A 353 43.66 -4.00 -1.95
CA VAL A 353 44.75 -4.07 -0.99
C VAL A 353 44.55 -3.67 0.45
N LEU A 354 43.97 -2.51 0.70
CA LEU A 354 43.73 -2.02 2.07
C LEU A 354 42.66 -2.81 2.82
N ASP A 355 41.63 -3.25 2.09
CA ASP A 355 40.53 -4.05 2.67
C ASP A 355 40.99 -5.48 2.97
N GLY A 356 41.82 -6.05 2.10
CA GLY A 356 42.42 -7.36 2.32
C GLY A 356 43.42 -7.39 3.47
N ILE A 357 44.24 -6.34 3.59
CA ILE A 357 45.16 -6.21 4.73
C ILE A 357 44.38 -6.12 6.03
N ARG A 358 43.26 -5.41 6.02
CA ARG A 358 42.37 -5.34 7.18
C ARG A 358 41.79 -6.70 7.57
N ASN A 359 41.34 -7.45 6.57
CA ASN A 359 40.70 -8.75 6.78
C ASN A 359 41.68 -9.84 7.21
N VAL A 360 42.87 -9.83 6.62
CA VAL A 360 43.95 -10.75 7.05
C VAL A 360 44.26 -10.51 8.52
N ALA A 361 44.40 -9.25 8.92
CA ALA A 361 44.65 -8.87 10.31
C ALA A 361 43.52 -9.30 11.25
N THR A 362 42.27 -9.20 10.77
CA THR A 362 41.09 -9.64 11.54
C THR A 362 41.02 -11.16 11.64
N ALA A 363 41.33 -11.85 10.54
CA ALA A 363 41.44 -13.31 10.55
C ALA A 363 42.56 -13.80 11.48
N LEU A 364 43.62 -13.01 11.63
CA LEU A 364 44.68 -13.30 12.61
C LEU A 364 44.19 -13.06 14.03
N ASN A 365 43.56 -11.90 14.28
CA ASN A 365 43.02 -11.57 15.60
C ASN A 365 41.96 -12.57 16.08
N LYS A 366 41.03 -12.93 15.21
CA LYS A 366 39.99 -13.92 15.51
C LYS A 366 40.50 -15.36 15.46
N LYS A 367 41.59 -15.59 14.72
CA LYS A 367 42.15 -16.93 14.49
C LYS A 367 41.21 -17.81 13.66
N MET A 368 40.67 -17.21 12.61
CA MET A 368 40.02 -17.92 11.51
C MET A 368 41.06 -18.65 10.67
N ILE A 369 42.32 -18.21 10.75
CA ILE A 369 43.43 -18.84 10.04
C ILE A 369 44.59 -19.20 10.99
N LEU A 370 45.28 -20.29 10.67
CA LEU A 370 46.53 -20.68 11.35
C LEU A 370 47.51 -21.15 10.30
N TYR A 371 48.78 -21.31 10.69
CA TYR A 371 49.85 -21.61 9.73
C TYR A 371 50.69 -22.80 10.20
N ASN A 372 50.87 -23.79 9.33
CA ASN A 372 51.83 -24.87 9.60
C ASN A 372 53.24 -24.29 9.65
N ASP A 373 54.06 -24.79 10.57
CA ASP A 373 55.40 -24.24 10.78
C ASP A 373 56.36 -24.44 9.58
N CYS A 374 55.96 -25.23 8.59
CA CYS A 374 56.67 -25.32 7.31
C CYS A 374 56.57 -24.06 6.41
N CYS A 375 55.57 -23.20 6.66
CA CYS A 375 55.42 -21.94 5.91
C CYS A 375 56.49 -20.89 6.30
N LYS A 376 57.75 -21.18 6.00
CA LYS A 376 58.87 -20.38 6.53
C LYS A 376 59.06 -19.03 5.82
N GLU A 377 58.83 -19.01 4.51
CA GLU A 377 58.90 -17.76 3.73
C GLU A 377 57.80 -16.79 4.14
N THR A 378 56.59 -17.32 4.34
CA THR A 378 55.45 -16.52 4.82
C THR A 378 55.77 -15.82 6.16
N PHE A 379 56.44 -16.51 7.08
CA PHE A 379 56.80 -15.90 8.38
C PHE A 379 57.89 -14.83 8.24
N ARG A 380 58.89 -15.08 7.40
CA ARG A 380 59.91 -14.06 7.08
C ARG A 380 59.29 -12.78 6.51
N GLU A 381 58.29 -12.92 5.64
CA GLU A 381 57.58 -11.78 5.09
C GLU A 381 56.72 -11.04 6.12
N TYR A 382 56.06 -11.76 7.04
CA TYR A 382 55.35 -11.12 8.16
C TYR A 382 56.24 -10.18 8.98
N SER A 383 57.49 -10.58 9.19
CA SER A 383 58.43 -9.78 9.99
C SER A 383 58.92 -8.52 9.28
N SER A 384 58.77 -8.45 7.96
CA SER A 384 59.28 -7.32 7.17
C SER A 384 58.25 -6.49 6.39
N TYR A 385 57.01 -6.96 6.28
CA TYR A 385 55.99 -6.23 5.53
C TYR A 385 55.66 -4.96 6.30
N VAL A 386 55.91 -3.81 5.68
CA VAL A 386 55.76 -2.50 6.34
C VAL A 386 54.96 -1.52 5.48
N TRP A 387 54.32 -0.57 6.15
CA TRP A 387 53.60 0.51 5.47
C TRP A 387 54.59 1.45 4.80
N ASP A 388 54.15 2.07 3.71
CA ASP A 388 54.97 3.06 3.01
C ASP A 388 54.95 4.34 3.85
N GLU A 389 56.09 4.64 4.47
CA GLU A 389 56.26 5.79 5.34
C GLU A 389 56.09 7.11 4.58
N LYS A 390 56.70 7.19 3.39
CA LYS A 390 56.60 8.38 2.53
C LYS A 390 55.20 8.60 1.95
N ALA A 391 54.49 7.51 1.63
CA ALA A 391 53.14 7.61 1.07
C ALA A 391 52.08 7.97 2.11
N ALA A 392 52.21 7.43 3.33
CA ALA A 392 51.28 7.75 4.42
C ALA A 392 51.31 9.23 4.82
N GLU A 393 52.47 9.87 4.68
CA GLU A 393 52.64 11.28 5.00
C GLU A 393 52.13 12.23 3.90
N ARG A 394 51.83 11.67 2.72
CA ARG A 394 51.00 12.34 1.70
C ARG A 394 49.49 12.10 1.90
N GLY A 395 49.14 10.97 2.52
CA GLY A 395 47.73 10.61 2.79
C GLY A 395 47.28 9.27 2.22
N GLU A 396 48.13 8.63 1.42
CA GLU A 396 47.87 7.31 0.82
C GLU A 396 48.38 6.20 1.74
N ASP A 397 47.48 5.36 2.24
CA ASP A 397 47.86 4.18 3.02
C ASP A 397 48.10 3.04 2.04
N LYS A 398 49.32 2.53 2.03
CA LYS A 398 49.69 1.42 1.16
C LYS A 398 50.95 0.72 1.65
N PRO A 399 51.09 -0.59 1.35
CA PRO A 399 52.32 -1.29 1.69
C PRO A 399 53.49 -0.97 0.75
N VAL A 400 54.71 -1.15 1.25
CA VAL A 400 55.90 -1.21 0.42
C VAL A 400 55.87 -2.58 -0.24
N LYS A 401 55.72 -2.62 -1.56
CA LYS A 401 55.61 -3.89 -2.29
C LYS A 401 56.97 -4.56 -2.42
N GLN A 402 57.46 -5.13 -1.32
CA GLN A 402 58.77 -5.78 -1.26
C GLN A 402 58.75 -6.91 -0.22
N ASN A 403 59.00 -8.14 -0.69
CA ASN A 403 58.85 -9.39 0.09
C ASN A 403 57.42 -9.55 0.63
N ASP A 404 56.48 -9.58 -0.31
CA ASP A 404 55.05 -9.63 0.02
C ASP A 404 54.28 -10.62 -0.85
N HIS A 405 54.95 -11.67 -1.30
CA HIS A 405 54.41 -12.56 -2.33
C HIS A 405 53.59 -13.66 -1.71
N GLN A 406 54.12 -14.28 -0.67
CA GLN A 406 53.30 -15.16 0.15
C GLN A 406 52.16 -14.37 0.80
N LEU A 407 52.44 -13.17 1.30
CA LEU A 407 51.41 -12.36 1.98
C LEU A 407 50.29 -11.84 1.07
N ASP A 408 50.61 -11.57 -0.20
CA ASP A 408 49.59 -11.21 -1.19
C ASP A 408 48.71 -12.41 -1.52
N ALA A 409 49.33 -13.57 -1.74
CA ALA A 409 48.59 -14.81 -1.96
C ALA A 409 47.63 -15.09 -0.79
N ASP A 410 48.16 -15.00 0.43
CA ASP A 410 47.36 -15.17 1.65
C ASP A 410 46.20 -14.16 1.72
N ARG A 411 46.46 -12.93 1.32
CA ARG A 411 45.42 -11.90 1.26
C ARG A 411 44.36 -12.24 0.21
N TYR A 412 44.81 -12.71 -0.96
CA TYR A 412 43.88 -13.14 -2.02
C TYR A 412 42.96 -14.22 -1.48
N PHE A 413 43.51 -15.17 -0.71
CA PHE A 413 42.70 -16.22 -0.08
C PHE A 413 41.69 -15.69 0.93
N VAL A 414 42.17 -14.93 1.91
CA VAL A 414 41.32 -14.48 3.02
C VAL A 414 40.21 -13.56 2.52
N ASN A 415 40.56 -12.61 1.64
CA ASN A 415 39.58 -11.63 1.17
C ASN A 415 38.51 -12.24 0.24
N THR A 416 38.90 -13.22 -0.59
CA THR A 416 37.97 -13.88 -1.52
C THR A 416 37.04 -14.92 -0.86
N ILE A 417 37.59 -15.75 0.03
CA ILE A 417 36.85 -16.90 0.60
C ILE A 417 36.24 -16.62 1.99
N LEU A 418 37.00 -15.98 2.87
CA LEU A 418 36.54 -15.73 4.24
C LEU A 418 35.62 -14.51 4.38
N PHE A 419 35.83 -13.47 3.58
CA PHE A 419 35.16 -12.17 3.76
C PHE A 419 34.32 -11.71 2.55
N PHE B 14 10.54 13.31 13.17
CA PHE B 14 11.58 12.87 14.15
C PHE B 14 11.93 13.98 15.13
N GLN B 15 12.04 13.61 16.40
CA GLN B 15 12.27 14.57 17.49
C GLN B 15 13.60 14.24 18.17
N PRO B 16 14.38 15.27 18.54
CA PRO B 16 15.61 15.02 19.29
C PRO B 16 15.30 14.70 20.75
N PHE B 17 15.33 13.41 21.10
CA PHE B 17 15.07 12.97 22.46
C PHE B 17 16.28 13.23 23.34
N SER B 18 16.01 13.49 24.62
CA SER B 18 17.03 13.71 25.64
C SER B 18 17.45 12.37 26.25
N LYS B 19 18.41 12.44 27.18
CA LYS B 19 18.89 11.26 27.92
C LYS B 19 17.76 10.53 28.63
N LYS B 20 16.89 11.30 29.30
CA LYS B 20 15.79 10.72 30.09
C LYS B 20 14.66 10.17 29.22
N GLN B 21 14.38 10.84 28.10
CA GLN B 21 13.42 10.31 27.11
C GLN B 21 13.88 8.95 26.54
N LEU B 22 15.18 8.82 26.29
CA LEU B 22 15.76 7.56 25.80
C LEU B 22 15.78 6.45 26.86
N LYS B 23 15.92 6.83 28.12
CA LYS B 23 15.81 5.89 29.25
C LYS B 23 14.43 5.22 29.29
N VAL B 24 13.37 5.95 28.96
CA VAL B 24 12.01 5.38 28.91
C VAL B 24 11.85 4.41 27.73
N LEU B 25 12.49 4.74 26.60
CA LEU B 25 12.43 3.92 25.40
C LEU B 25 13.28 2.65 25.46
N THR B 26 14.18 2.53 26.45
CA THR B 26 15.11 1.40 26.52
C THR B 26 15.21 0.63 27.85
N TRP B 27 14.58 1.09 28.93
CA TRP B 27 14.75 0.44 30.24
C TRP B 27 14.42 -1.06 30.24
N TRP B 28 13.40 -1.42 29.48
CA TRP B 28 12.87 -2.79 29.44
C TRP B 28 13.71 -3.80 28.61
N ARG B 29 14.67 -3.31 27.82
CA ARG B 29 15.52 -4.18 26.99
C ARG B 29 16.58 -4.93 27.82
N LYS B 30 17.11 -6.01 27.26
CA LYS B 30 18.13 -6.85 27.94
C LYS B 30 19.38 -6.07 28.35
N ALA B 31 19.91 -5.27 27.43
CA ALA B 31 21.12 -4.47 27.66
C ALA B 31 21.03 -3.52 28.86
N SER B 32 19.82 -3.08 29.20
CA SER B 32 19.59 -2.19 30.34
C SER B 32 19.78 -2.90 31.70
N PRO B 33 20.33 -2.18 32.70
CA PRO B 33 20.51 -2.73 34.05
C PRO B 33 19.27 -2.69 34.98
N VAL B 34 18.09 -2.33 34.46
CA VAL B 34 16.85 -2.26 35.25
C VAL B 34 15.69 -3.07 34.62
N SER B 35 16.00 -3.99 33.72
CA SER B 35 14.98 -4.79 33.01
C SER B 35 14.21 -5.79 33.90
N ASP B 36 14.80 -6.14 35.05
CA ASP B 36 14.11 -6.98 36.04
C ASP B 36 12.92 -6.29 36.72
N LYS B 37 12.84 -4.95 36.64
CA LYS B 37 11.79 -4.18 37.32
C LYS B 37 10.39 -4.50 36.79
N ASP B 38 9.43 -4.57 37.71
CA ASP B 38 8.04 -4.94 37.37
C ASP B 38 7.21 -3.81 36.73
N GLY B 39 7.80 -2.64 36.53
CA GLY B 39 7.11 -1.53 35.90
C GLY B 39 7.86 -0.21 36.00
N ILE B 40 7.23 0.85 35.52
CA ILE B 40 7.85 2.17 35.51
C ILE B 40 6.84 3.27 35.83
N ILE B 41 7.28 4.23 36.64
CA ILE B 41 6.52 5.45 36.90
C ILE B 41 7.30 6.63 36.29
N CYS B 42 6.62 7.40 35.45
CA CYS B 42 7.16 8.67 34.96
C CYS B 42 6.22 9.77 35.39
N ASP B 43 6.76 10.80 36.02
CA ASP B 43 5.97 11.94 36.45
C ASP B 43 6.77 13.23 36.43
N GLY B 44 6.07 14.33 36.71
CA GLY B 44 6.67 15.64 36.76
C GLY B 44 5.86 16.63 35.95
N SER B 45 6.58 17.48 35.22
CA SER B 45 5.99 18.68 34.63
C SER B 45 5.04 18.40 33.47
N ILE B 46 4.37 19.47 33.06
CA ILE B 46 3.62 19.49 31.81
C ILE B 46 4.63 19.76 30.69
N ARG B 47 4.32 19.31 29.47
CA ARG B 47 5.13 19.58 28.27
C ARG B 47 6.57 19.10 28.42
N ALA B 48 6.68 17.87 28.93
CA ALA B 48 7.96 17.22 29.22
C ALA B 48 8.40 16.24 28.13
N GLY B 49 7.52 15.94 27.19
CA GLY B 49 7.80 14.95 26.16
C GLY B 49 7.86 13.52 26.69
N LYS B 50 6.98 13.21 27.65
CA LYS B 50 6.98 11.89 28.29
C LYS B 50 5.80 11.02 27.84
N THR B 51 4.60 11.59 27.73
CA THR B 51 3.42 10.80 27.33
C THR B 51 3.64 10.09 25.99
N ILE B 52 4.28 10.79 25.05
CA ILE B 52 4.57 10.23 23.74
C ILE B 52 5.63 9.12 23.76
N VAL B 53 6.76 9.33 24.45
CA VAL B 53 7.83 8.30 24.51
C VAL B 53 7.39 7.12 25.37
N MET B 54 6.69 7.42 26.46
CA MET B 54 6.15 6.42 27.37
C MET B 54 5.17 5.49 26.64
N SER B 55 4.28 6.07 25.85
CA SER B 55 3.31 5.31 25.07
C SER B 55 4.00 4.48 23.98
N PHE B 56 4.93 5.11 23.26
CA PHE B 56 5.68 4.42 22.21
C PHE B 56 6.56 3.29 22.76
N SER B 57 7.22 3.52 23.88
CA SER B 57 8.01 2.48 24.54
C SER B 57 7.14 1.29 24.97
N TYR B 58 5.91 1.59 25.43
CA TYR B 58 4.95 0.56 25.84
C TYR B 58 4.55 -0.36 24.69
N VAL B 59 4.21 0.22 23.54
CA VAL B 59 3.86 -0.56 22.35
C VAL B 59 5.10 -1.32 21.89
N MET B 60 6.24 -0.64 21.79
CA MET B 60 7.53 -1.29 21.49
C MET B 60 7.80 -2.49 22.40
N TRP B 61 7.87 -2.25 23.71
CA TRP B 61 8.06 -3.31 24.69
C TRP B 61 7.11 -4.46 24.40
N ALA B 62 5.81 -4.15 24.36
CA ALA B 62 4.75 -5.17 24.18
C ALA B 62 4.86 -5.96 22.88
N MET B 63 5.18 -5.27 21.78
CA MET B 63 5.36 -5.94 20.48
C MET B 63 6.61 -6.83 20.43
N ASP B 64 7.71 -6.37 21.02
CA ASP B 64 8.97 -7.14 21.08
C ASP B 64 8.95 -8.34 22.03
N THR B 65 8.17 -8.26 23.11
CA THR B 65 8.22 -9.21 24.22
C THR B 65 7.13 -10.30 24.18
N PHE B 66 6.04 -10.07 23.45
CA PHE B 66 4.92 -11.03 23.40
C PHE B 66 4.34 -11.14 22.00
N ASN B 67 3.53 -12.18 21.80
CA ASN B 67 2.67 -12.31 20.62
C ASN B 67 1.30 -12.82 21.03
N GLU B 68 0.27 -12.33 20.35
CA GLU B 68 -1.12 -12.77 20.54
C GLU B 68 -1.61 -12.62 22.00
N GLN B 69 -1.14 -11.58 22.68
CA GLN B 69 -1.57 -11.26 24.05
C GLN B 69 -2.37 -9.97 24.06
N ASN B 70 -3.05 -9.73 25.18
CA ASN B 70 -3.83 -8.51 25.36
C ASN B 70 -3.05 -7.51 26.22
N PHE B 71 -3.19 -6.23 25.89
CA PHE B 71 -2.60 -5.14 26.66
C PHE B 71 -3.64 -4.06 26.92
N GLY B 72 -3.47 -3.34 28.02
CA GLY B 72 -4.40 -2.29 28.41
C GLY B 72 -3.77 -0.90 28.36
N MET B 73 -4.58 0.08 27.95
CA MET B 73 -4.23 1.49 28.04
C MET B 73 -5.40 2.21 28.70
N ALA B 74 -5.10 3.10 29.65
CA ALA B 74 -6.14 3.75 30.46
C ALA B 74 -5.93 5.27 30.66
N GLY B 75 -7.04 6.02 30.60
CA GLY B 75 -7.07 7.46 30.86
C GLY B 75 -8.20 7.83 31.81
N LYS B 76 -8.34 9.12 32.10
CA LYS B 76 -9.44 9.63 32.95
C LYS B 76 -10.79 9.28 32.32
N THR B 77 -10.91 9.66 31.06
CA THR B 77 -11.98 9.19 30.17
C THR B 77 -11.32 8.53 28.95
N ILE B 78 -12.15 8.04 28.04
CA ILE B 78 -11.69 7.23 26.92
C ILE B 78 -11.22 8.15 25.79
N GLY B 79 -11.98 9.22 25.52
CA GLY B 79 -11.61 10.24 24.55
C GLY B 79 -10.44 11.12 24.96
N ALA B 80 -10.24 11.29 26.27
CA ALA B 80 -9.06 11.97 26.80
C ALA B 80 -7.80 11.18 26.47
N LEU B 81 -7.86 9.87 26.72
CA LEU B 81 -6.82 8.91 26.33
C LEU B 81 -6.52 8.96 24.83
N ARG B 82 -7.56 9.10 24.01
CA ARG B 82 -7.38 9.25 22.56
C ARG B 82 -6.67 10.57 22.20
N ARG B 83 -7.11 11.65 22.85
CA ARG B 83 -6.58 12.99 22.60
C ARG B 83 -5.11 13.10 23.03
N ASN B 84 -4.83 12.70 24.28
CA ASN B 84 -3.50 12.82 24.86
C ASN B 84 -2.50 11.77 24.33
N VAL B 85 -2.97 10.55 24.10
CA VAL B 85 -2.08 9.38 23.91
C VAL B 85 -2.20 8.67 22.55
N ILE B 86 -3.39 8.20 22.19
CA ILE B 86 -3.57 7.22 21.08
C ILE B 86 -3.28 7.79 19.69
N THR B 87 -3.88 8.93 19.36
CA THR B 87 -3.76 9.48 17.98
C THR B 87 -2.37 10.06 17.62
N PRO B 88 -1.65 10.68 18.58
CA PRO B 88 -0.22 10.92 18.33
C PRO B 88 0.65 9.67 18.32
N LEU B 89 0.32 8.68 19.15
CA LEU B 89 1.00 7.38 19.15
C LEU B 89 0.80 6.64 17.83
N LYS B 90 -0.43 6.64 17.32
CA LYS B 90 -0.76 5.99 16.03
C LYS B 90 0.03 6.54 14.85
N ARG B 91 0.18 7.86 14.80
CA ARG B 91 0.91 8.52 13.72
C ARG B 91 2.38 8.07 13.73
N MET B 92 2.97 8.10 14.93
CA MET B 92 4.37 7.70 15.15
C MET B 92 4.59 6.22 14.88
N LEU B 93 3.70 5.37 15.35
CA LEU B 93 3.84 3.95 15.18
C LEU B 93 3.81 3.64 13.72
N LYS B 94 2.92 4.29 13.01
CA LYS B 94 2.80 4.11 11.58
C LYS B 94 4.03 4.60 10.87
N SER B 95 4.59 5.70 11.34
CA SER B 95 5.82 6.28 10.83
C SER B 95 6.99 5.37 10.98
N ARG B 96 7.04 4.62 12.07
CA ARG B 96 8.15 3.72 12.32
C ARG B 96 7.95 2.34 11.73
N GLY B 97 6.87 2.12 11.03
CA GLY B 97 6.65 0.83 10.41
C GLY B 97 5.65 -0.12 10.98
N TYR B 98 4.97 0.26 12.03
CA TYR B 98 3.96 -0.61 12.59
C TYR B 98 2.64 -0.57 11.84
N ARG B 99 1.92 -1.68 11.78
CA ARG B 99 0.60 -1.69 11.16
C ARG B 99 -0.42 -1.60 12.30
N VAL B 100 -1.22 -0.53 12.32
CA VAL B 100 -2.22 -0.30 13.38
C VAL B 100 -3.65 -0.32 12.80
N LYS B 101 -4.52 -1.15 13.38
CA LYS B 101 -5.93 -1.24 12.99
C LYS B 101 -6.84 -0.83 14.16
N ASP B 102 -7.30 0.42 14.13
CA ASP B 102 -8.11 1.01 15.22
C ASP B 102 -9.58 0.57 15.15
N HIS B 103 -10.00 -0.32 16.07
CA HIS B 103 -11.38 -0.80 16.14
C HIS B 103 -12.16 0.13 17.08
N ARG B 104 -12.72 1.18 16.48
CA ARG B 104 -13.11 2.38 17.22
C ARG B 104 -14.32 2.17 18.14
N ALA B 105 -15.35 1.50 17.65
CA ALA B 105 -16.57 1.24 18.44
C ALA B 105 -16.36 0.32 19.65
N ASP B 106 -15.40 -0.60 19.55
CA ASP B 106 -15.13 -1.60 20.60
C ASP B 106 -14.06 -1.21 21.62
N ASN B 107 -13.44 -0.04 21.44
CA ASN B 107 -12.39 0.46 22.35
C ASN B 107 -11.17 -0.46 22.42
N TYR B 108 -10.64 -0.85 21.26
CA TYR B 108 -9.35 -1.56 21.21
C TYR B 108 -8.67 -1.47 19.83
N LEU B 109 -7.43 -1.95 19.76
CA LEU B 109 -6.59 -1.88 18.56
C LEU B 109 -5.79 -3.16 18.32
N THR B 110 -5.69 -3.59 17.06
CA THR B 110 -4.73 -4.61 16.63
C THR B 110 -3.49 -3.89 16.06
N ILE B 111 -2.32 -4.18 16.63
CA ILE B 111 -1.04 -3.65 16.16
C ILE B 111 -0.17 -4.83 15.69
N THR B 112 0.46 -4.71 14.53
CA THR B 112 1.32 -5.77 13.98
C THR B 112 2.66 -5.24 13.45
N PHE B 113 3.72 -6.04 13.63
CA PHE B 113 5.11 -5.57 13.45
C PHE B 113 6.10 -6.73 13.40
N LYS B 114 6.95 -6.76 12.37
CA LYS B 114 7.94 -7.85 12.16
C LYS B 114 7.31 -9.25 12.32
N GLY B 115 6.16 -9.46 11.67
CA GLY B 115 5.43 -10.73 11.75
C GLY B 115 4.92 -11.09 13.13
N LYS B 116 4.45 -10.09 13.88
CA LYS B 116 3.85 -10.28 15.21
C LYS B 116 2.58 -9.45 15.32
N THR B 117 1.69 -9.85 16.23
CA THR B 117 0.38 -9.20 16.41
C THR B 117 0.00 -9.15 17.90
N ASN B 118 -0.43 -7.98 18.37
CA ASN B 118 -0.95 -7.82 19.74
C ASN B 118 -2.19 -6.95 19.78
N TYR B 119 -2.92 -7.04 20.89
CA TYR B 119 -4.23 -6.40 21.06
C TYR B 119 -4.20 -5.43 22.23
N PHE B 120 -4.66 -4.20 21.98
CA PHE B 120 -4.48 -3.07 22.89
C PHE B 120 -5.82 -2.43 23.23
N TYR B 121 -6.31 -2.71 24.44
CA TYR B 121 -7.64 -2.26 24.88
C TYR B 121 -7.59 -0.89 25.57
N LEU B 122 -8.55 -0.04 25.22
CA LEU B 122 -8.66 1.30 25.78
C LEU B 122 -9.68 1.32 26.92
N PHE B 123 -9.29 1.90 28.05
CA PHE B 123 -10.15 2.00 29.24
C PHE B 123 -10.28 3.44 29.71
N GLY B 124 -11.37 3.71 30.41
CA GLY B 124 -11.57 4.96 31.14
C GLY B 124 -11.88 4.60 32.58
N GLY B 125 -11.34 5.37 33.52
CA GLY B 125 -11.49 5.08 34.95
C GLY B 125 -12.92 5.08 35.45
N LYS B 126 -13.66 6.14 35.10
CA LYS B 126 -15.07 6.28 35.49
C LYS B 126 -16.06 5.68 34.48
N ASP B 127 -15.56 5.18 33.35
CA ASP B 127 -16.42 4.61 32.30
C ASP B 127 -17.10 3.31 32.77
N GLU B 128 -18.33 3.10 32.30
CA GLU B 128 -19.16 1.95 32.70
C GLU B 128 -18.86 0.72 31.85
N SER B 129 -18.60 0.93 30.56
CA SER B 129 -18.14 -0.13 29.66
C SER B 129 -16.80 -0.71 30.10
N SER B 130 -15.91 0.16 30.56
CA SER B 130 -14.57 -0.23 31.04
C SER B 130 -14.61 -1.12 32.29
N GLN B 131 -15.46 -0.74 33.25
CA GLN B 131 -15.49 -1.40 34.56
C GLN B 131 -15.99 -2.85 34.55
N ASP B 132 -16.78 -3.23 33.55
CA ASP B 132 -17.24 -4.64 33.42
C ASP B 132 -16.44 -5.48 32.41
N LEU B 133 -15.52 -4.86 31.66
CA LEU B 133 -14.54 -5.59 30.84
C LEU B 133 -13.29 -5.94 31.66
N ILE B 134 -12.88 -5.01 32.53
CA ILE B 134 -11.72 -5.23 33.41
C ILE B 134 -11.94 -6.37 34.42
N GLN B 135 -13.18 -6.80 34.63
CA GLN B 135 -13.47 -7.97 35.47
C GLN B 135 -12.90 -9.24 34.86
N GLY B 136 -13.21 -9.49 33.59
CA GLY B 136 -12.94 -10.77 32.93
C GLY B 136 -11.64 -10.90 32.14
N ILE B 137 -11.09 -9.78 31.67
CA ILE B 137 -9.96 -9.80 30.73
C ILE B 137 -8.63 -10.21 31.37
N THR B 138 -7.78 -10.87 30.58
CA THR B 138 -6.42 -11.24 30.98
C THR B 138 -5.43 -10.35 30.22
N LEU B 139 -4.57 -9.64 30.94
CA LEU B 139 -3.64 -8.67 30.35
C LEU B 139 -2.18 -9.06 30.55
N ALA B 140 -1.38 -8.82 29.51
CA ALA B 140 0.07 -8.97 29.59
C ALA B 140 0.77 -7.68 30.01
N GLY B 141 0.02 -6.58 30.09
CA GLY B 141 0.58 -5.30 30.55
C GLY B 141 -0.49 -4.25 30.70
N MET B 142 -0.11 -3.09 31.21
CA MET B 142 -1.06 -2.02 31.48
C MET B 142 -0.37 -0.66 31.48
N PHE B 143 -0.98 0.29 30.78
CA PHE B 143 -0.51 1.66 30.68
C PHE B 143 -1.53 2.59 31.32
N PHE B 144 -1.07 3.50 32.19
CA PHE B 144 -1.94 4.49 32.84
C PHE B 144 -1.52 5.92 32.52
N ASP B 145 -2.30 6.62 31.69
CA ASP B 145 -2.10 8.05 31.41
C ASP B 145 -2.91 8.85 32.40
N GLU B 146 -2.28 9.84 33.04
CA GLU B 146 -2.92 10.66 34.08
C GLU B 146 -3.46 9.77 35.21
N VAL B 147 -2.59 8.92 35.76
CA VAL B 147 -3.01 8.00 36.82
C VAL B 147 -3.52 8.71 38.09
N ALA B 148 -2.98 9.91 38.39
CA ALA B 148 -3.41 10.69 39.56
C ALA B 148 -4.91 11.05 39.55
N LEU B 149 -5.49 11.19 38.37
CA LEU B 149 -6.92 11.48 38.20
C LEU B 149 -7.80 10.23 38.08
N MET B 150 -7.21 9.05 38.03
CA MET B 150 -8.01 7.82 37.94
C MET B 150 -8.43 7.36 39.32
N PRO B 151 -9.63 6.75 39.43
CA PRO B 151 -10.05 6.22 40.73
C PRO B 151 -9.15 5.07 41.19
N GLU B 152 -8.78 5.07 42.46
CA GLU B 152 -7.86 4.06 43.01
C GLU B 152 -8.38 2.62 42.85
N SER B 153 -9.68 2.43 43.07
CA SER B 153 -10.31 1.11 42.93
C SER B 153 -10.09 0.51 41.54
N PHE B 154 -10.19 1.35 40.51
CA PHE B 154 -9.97 0.91 39.13
C PHE B 154 -8.53 0.47 38.89
N VAL B 155 -7.58 1.27 39.33
CA VAL B 155 -6.19 0.98 39.09
C VAL B 155 -5.75 -0.31 39.73
N ASN B 156 -6.09 -0.46 40.99
CA ASN B 156 -5.80 -1.69 41.76
C ASN B 156 -6.51 -2.93 41.21
N GLN B 157 -7.73 -2.75 40.69
CA GLN B 157 -8.40 -3.82 39.94
C GLN B 157 -7.67 -4.13 38.62
N ALA B 158 -7.27 -3.10 37.89
CA ALA B 158 -6.59 -3.27 36.60
C ALA B 158 -5.21 -3.92 36.72
N THR B 159 -4.46 -3.61 37.79
CA THR B 159 -3.17 -4.27 38.08
C THR B 159 -3.32 -5.78 38.37
N ALA B 160 -4.45 -6.15 38.98
CA ALA B 160 -4.76 -7.56 39.26
C ALA B 160 -5.00 -8.42 38.02
N ARG B 161 -5.37 -7.80 36.89
CA ARG B 161 -5.57 -8.51 35.63
C ARG B 161 -4.29 -8.74 34.83
N CYS B 162 -3.18 -8.14 35.27
CA CYS B 162 -1.87 -8.37 34.66
C CYS B 162 -1.26 -9.67 35.20
N SER B 163 -1.83 -10.79 34.75
CA SER B 163 -1.54 -12.13 35.28
C SER B 163 -0.61 -12.97 34.40
N VAL B 164 -0.37 -12.55 33.16
CA VAL B 164 0.54 -13.24 32.24
C VAL B 164 1.98 -13.13 32.76
N ASP B 165 2.79 -14.17 32.54
CA ASP B 165 4.20 -14.15 32.94
C ASP B 165 4.94 -13.07 32.17
N GLY B 166 5.68 -12.22 32.89
CA GLY B 166 6.45 -11.14 32.29
C GLY B 166 5.77 -9.78 32.21
N ALA B 167 4.55 -9.67 32.74
CA ALA B 167 3.78 -8.42 32.66
C ALA B 167 4.42 -7.26 33.41
N LYS B 168 4.26 -6.05 32.87
CA LYS B 168 4.81 -4.84 33.48
C LYS B 168 3.74 -3.75 33.52
N LEU B 169 3.83 -2.89 34.53
CA LEU B 169 2.90 -1.79 34.74
C LEU B 169 3.57 -0.48 34.34
N TRP B 170 2.83 0.41 33.70
CA TRP B 170 3.38 1.69 33.23
C TRP B 170 2.49 2.81 33.71
N PHE B 171 3.04 3.77 34.44
CA PHE B 171 2.27 4.86 35.01
C PHE B 171 2.84 6.19 34.55
N ASN B 172 1.98 7.06 34.06
CA ASN B 172 2.36 8.39 33.57
C ASN B 172 1.40 9.39 34.23
N CYS B 173 1.94 10.35 35.00
CA CYS B 173 1.08 11.35 35.63
C CYS B 173 1.75 12.69 35.84
N ASN B 174 0.92 13.70 36.08
CA ASN B 174 1.36 14.98 36.59
C ASN B 174 1.04 15.03 38.08
N PRO B 175 1.90 15.65 38.89
CA PRO B 175 1.79 15.53 40.35
C PRO B 175 0.55 16.19 40.93
N ALA B 176 0.04 15.59 42.00
CA ALA B 176 -1.02 16.16 42.84
C ALA B 176 -0.41 16.38 44.25
N GLY B 177 -1.20 16.26 45.31
CA GLY B 177 -0.72 16.48 46.68
C GLY B 177 0.05 15.30 47.25
N PRO B 178 0.90 15.55 48.27
CA PRO B 178 1.73 14.49 48.84
C PRO B 178 0.96 13.39 49.60
N TYR B 179 -0.27 13.67 50.01
CA TYR B 179 -1.16 12.66 50.61
C TYR B 179 -2.03 11.90 49.59
N HIS B 180 -1.73 12.04 48.30
CA HIS B 180 -2.48 11.36 47.24
C HIS B 180 -2.17 9.86 47.26
N TRP B 181 -3.15 9.05 46.84
CA TRP B 181 -2.98 7.58 46.90
C TRP B 181 -1.78 7.10 46.06
N PHE B 182 -1.61 7.62 44.85
CA PHE B 182 -0.49 7.24 44.01
C PHE B 182 0.87 7.65 44.59
N LYS B 183 0.96 8.82 45.21
CA LYS B 183 2.20 9.24 45.87
C LYS B 183 2.52 8.29 47.01
N VAL B 184 1.55 8.13 47.91
CA VAL B 184 1.72 7.36 49.14
C VAL B 184 1.83 5.84 48.89
N GLU B 185 0.97 5.29 48.04
CA GLU B 185 0.95 3.83 47.80
C GLU B 185 1.99 3.35 46.78
N TYR B 186 2.21 4.11 45.71
CA TYR B 186 3.09 3.67 44.62
C TYR B 186 4.46 4.35 44.64
N LEU B 187 4.50 5.68 44.63
CA LEU B 187 5.76 6.42 44.54
C LEU B 187 6.63 6.33 45.79
N ASP B 188 6.01 6.23 46.96
CA ASP B 188 6.74 6.02 48.22
C ASP B 188 7.11 4.55 48.47
N LYS B 189 6.43 3.62 47.78
CA LYS B 189 6.70 2.18 47.89
C LYS B 189 7.35 1.63 46.62
N LEU B 190 8.35 2.34 46.15
CA LEU B 190 8.92 2.13 44.82
C LEU B 190 9.75 0.85 44.74
N ASP B 191 10.64 0.65 45.71
CA ASP B 191 11.41 -0.58 45.84
C ASP B 191 10.57 -1.77 46.30
N GLU B 192 9.47 -1.51 47.03
CA GLU B 192 8.55 -2.57 47.46
C GLU B 192 7.82 -3.23 46.28
N LYS B 193 7.30 -2.41 45.37
CA LYS B 193 6.59 -2.89 44.18
C LYS B 193 7.53 -3.06 42.96
N ASN B 194 8.82 -2.72 43.13
CA ASN B 194 9.89 -2.99 42.17
C ASN B 194 9.64 -2.26 40.86
N LEU B 195 9.54 -0.94 40.98
CA LEU B 195 9.19 -0.06 39.87
C LEU B 195 10.28 0.96 39.62
N LEU B 196 10.55 1.22 38.35
CA LEU B 196 11.49 2.26 37.96
C LEU B 196 10.79 3.61 38.17
N HIS B 197 11.57 4.62 38.53
CA HIS B 197 11.06 5.98 38.68
C HIS B 197 11.93 6.96 37.92
N LEU B 198 11.32 7.71 37.00
CA LEU B 198 11.97 8.83 36.32
C LEU B 198 11.10 10.07 36.51
N HIS B 199 11.74 11.22 36.65
CA HIS B 199 11.03 12.48 36.87
C HIS B 199 11.43 13.51 35.81
N PHE B 200 10.45 14.02 35.08
CA PHE B 200 10.70 14.92 33.96
C PHE B 200 10.36 16.38 34.27
N THR B 201 11.34 17.27 34.11
CA THR B 201 11.09 18.71 33.99
C THR B 201 11.22 19.07 32.52
N MET B 202 10.93 20.33 32.16
CA MET B 202 10.94 20.76 30.76
C MET B 202 12.31 20.69 30.10
N ASP B 203 13.37 20.75 30.91
CA ASP B 203 14.76 20.55 30.44
C ASP B 203 14.89 19.23 29.66
N ASP B 204 14.18 18.20 30.11
CA ASP B 204 14.19 16.89 29.48
C ASP B 204 13.47 16.84 28.11
N ASN B 205 12.69 17.88 27.79
CA ASN B 205 12.14 18.07 26.44
C ASN B 205 13.07 18.95 25.59
N LEU B 206 13.86 18.31 24.73
CA LEU B 206 14.83 19.01 23.86
C LEU B 206 14.17 19.76 22.70
N SER B 207 12.96 19.34 22.30
CA SER B 207 12.22 20.03 21.23
C SER B 207 11.82 21.48 21.58
N LEU B 208 11.87 21.83 22.87
CA LEU B 208 11.56 23.18 23.34
C LEU B 208 12.80 24.07 23.41
N SER B 209 12.58 25.35 23.13
CA SER B 209 13.61 26.40 23.22
C SER B 209 13.50 27.11 24.57
N LYS B 210 14.58 27.76 24.98
CA LYS B 210 14.63 28.50 26.26
C LYS B 210 13.68 29.70 26.30
N GLN B 211 13.27 30.19 25.13
CA GLN B 211 12.24 31.23 25.03
C GLN B 211 10.85 30.67 25.35
N VAL B 212 10.49 29.55 24.71
CA VAL B 212 9.14 28.98 24.83
C VAL B 212 8.91 28.32 26.20
N LYS B 213 9.96 27.73 26.78
CA LYS B 213 9.92 27.18 28.15
C LYS B 213 9.62 28.25 29.21
N GLU B 214 10.29 29.40 29.10
CA GLU B 214 10.04 30.53 30.01
C GLU B 214 8.65 31.17 29.83
N ARG B 215 8.04 31.00 28.66
CA ARG B 215 6.68 31.47 28.42
C ARG B 215 5.61 30.58 29.08
N TYR B 216 5.96 29.32 29.35
CA TYR B 216 5.11 28.47 30.21
C TYR B 216 5.27 28.77 31.69
N GLN B 217 6.48 29.16 32.11
CA GLN B 217 6.71 29.58 33.51
C GLN B 217 5.85 30.79 33.94
N ARG B 218 5.58 31.69 32.98
CA ARG B 218 4.66 32.80 33.19
C ARG B 218 3.21 32.34 33.38
N MET B 219 2.80 31.25 32.72
CA MET B 219 1.44 30.71 32.84
C MET B 219 1.05 30.23 34.24
N TYR B 220 2.05 29.88 35.07
CA TYR B 220 1.80 29.33 36.39
C TYR B 220 2.50 30.07 37.52
N LYS B 221 1.75 30.27 38.60
CA LYS B 221 2.26 30.77 39.88
C LYS B 221 1.65 29.94 41.00
N GLY B 222 2.36 29.84 42.12
CA GLY B 222 1.84 29.18 43.32
C GLY B 222 1.80 27.67 43.22
N VAL B 223 0.76 27.06 43.79
CA VAL B 223 0.67 25.60 43.88
C VAL B 223 0.71 24.91 42.51
N PHE B 224 0.04 25.49 41.51
CA PHE B 224 0.04 24.93 40.15
C PHE B 224 1.40 25.04 39.46
N TYR B 225 2.15 26.10 39.74
CA TYR B 225 3.53 26.22 39.27
C TYR B 225 4.40 25.12 39.85
N GLN B 226 4.34 24.99 41.17
CA GLN B 226 5.08 23.97 41.89
C GLN B 226 4.78 22.53 41.39
N ARG B 227 3.52 22.27 41.04
CA ARG B 227 3.12 20.96 40.50
C ARG B 227 3.49 20.82 39.03
N TYR B 228 2.84 21.62 38.19
CA TYR B 228 2.90 21.44 36.74
C TYR B 228 4.18 21.96 36.04
N ILE B 229 4.90 22.88 36.67
CA ILE B 229 6.17 23.37 36.12
C ILE B 229 7.36 22.72 36.82
N LEU B 230 7.41 22.79 38.15
CA LEU B 230 8.52 22.22 38.92
C LEU B 230 8.44 20.70 39.10
N GLY B 231 7.26 20.12 38.88
CA GLY B 231 7.08 18.66 39.01
C GLY B 231 7.07 18.18 40.45
N LEU B 232 6.50 18.99 41.35
CA LEU B 232 6.54 18.69 42.79
C LEU B 232 5.16 18.30 43.31
N TRP B 233 5.12 17.27 44.16
CA TRP B 233 3.88 16.86 44.82
C TRP B 233 3.65 17.76 46.05
N VAL B 234 3.11 18.94 45.83
CA VAL B 234 2.95 19.97 46.87
C VAL B 234 1.51 20.04 47.36
N LEU B 235 1.35 20.23 48.68
CA LEU B 235 0.05 20.34 49.33
C LEU B 235 -0.67 21.62 48.91
N ALA B 236 -1.98 21.52 48.70
CA ALA B 236 -2.83 22.66 48.36
C ALA B 236 -3.41 23.28 49.64
N GLU B 237 -2.76 24.35 50.12
CA GLU B 237 -3.16 25.04 51.35
C GLU B 237 -3.48 26.50 51.06
N GLY B 238 -4.51 27.01 51.73
CA GLY B 238 -4.81 28.43 51.75
C GLY B 238 -5.58 28.93 50.54
N ILE B 239 -5.35 30.19 50.20
CA ILE B 239 -6.06 30.86 49.09
C ILE B 239 -5.75 30.14 47.77
N ILE B 240 -6.82 29.85 47.02
CA ILE B 240 -6.72 29.11 45.76
C ILE B 240 -6.12 30.00 44.67
N TYR B 241 -6.75 31.16 44.47
CA TYR B 241 -6.32 32.11 43.48
C TYR B 241 -5.44 33.17 44.13
N ASP B 242 -4.30 32.72 44.65
CA ASP B 242 -3.34 33.62 45.32
C ASP B 242 -2.58 34.53 44.32
N MET B 243 -2.72 34.25 43.02
CA MET B 243 -2.22 35.11 41.96
C MET B 243 -3.21 36.20 41.52
N PHE B 244 -4.37 36.29 42.18
CA PHE B 244 -5.29 37.41 41.95
C PHE B 244 -4.73 38.66 42.63
N ASP B 245 -4.82 39.79 41.94
CA ASP B 245 -4.13 41.02 42.30
C ASP B 245 -4.92 42.16 41.68
N GLN B 246 -5.43 43.05 42.51
CA GLN B 246 -6.30 44.15 42.06
C GLN B 246 -5.51 45.26 41.35
N ASP B 247 -4.18 45.26 41.51
CA ASP B 247 -3.27 46.06 40.68
C ASP B 247 -3.28 45.65 39.21
N GLU B 248 -3.51 44.35 38.93
CA GLU B 248 -3.33 43.78 37.59
C GLU B 248 -4.61 43.34 36.86
N HIS B 249 -5.62 42.85 37.57
CA HIS B 249 -6.82 42.24 36.93
C HIS B 249 -8.11 43.05 37.00
N VAL B 250 -8.09 44.19 37.68
CA VAL B 250 -9.27 45.06 37.77
C VAL B 250 -9.07 46.25 36.85
N VAL B 251 -10.08 46.55 36.03
CA VAL B 251 -10.05 47.67 35.09
C VAL B 251 -11.30 48.53 35.32
N PRO B 252 -11.25 49.82 34.91
CA PRO B 252 -12.42 50.69 35.12
C PRO B 252 -13.69 50.19 34.42
N THR B 253 -14.84 50.52 34.99
CA THR B 253 -16.12 50.16 34.37
C THR B 253 -16.50 51.25 33.36
N VAL B 254 -15.97 51.12 32.14
CA VAL B 254 -16.23 52.05 31.04
C VAL B 254 -16.74 51.30 29.80
N PRO B 255 -17.56 51.94 28.96
CA PRO B 255 -17.98 51.28 27.72
C PRO B 255 -16.82 50.97 26.78
N ARG B 256 -16.89 49.80 26.13
CA ARG B 256 -15.89 49.37 25.15
C ARG B 256 -16.58 48.78 23.92
N PRO B 257 -15.90 48.80 22.75
CA PRO B 257 -16.46 48.19 21.54
C PRO B 257 -16.25 46.66 21.56
N TYR B 258 -17.14 45.95 22.25
CA TYR B 258 -17.01 44.51 22.42
C TYR B 258 -17.45 43.79 21.15
N GLU B 259 -16.63 42.83 20.72
CA GLU B 259 -16.88 42.05 19.50
C GLU B 259 -18.02 41.04 19.66
N LYS B 260 -18.14 40.49 20.86
CA LYS B 260 -18.83 39.23 21.07
C LYS B 260 -19.08 39.03 22.57
N TYR B 261 -20.31 38.65 22.94
CA TYR B 261 -20.68 38.47 24.34
C TYR B 261 -21.02 37.02 24.68
N TYR B 262 -20.71 36.63 25.92
CA TYR B 262 -21.29 35.46 26.57
C TYR B 262 -21.87 35.86 27.91
N VAL B 263 -22.82 35.06 28.40
CA VAL B 263 -23.29 35.12 29.78
C VAL B 263 -22.95 33.78 30.45
N SER B 264 -22.39 33.83 31.65
CA SER B 264 -22.09 32.62 32.42
C SER B 264 -22.85 32.63 33.73
N CYS B 265 -23.40 31.48 34.09
CA CYS B 265 -24.40 31.37 35.15
C CYS B 265 -24.08 30.27 36.15
N ASP B 266 -24.13 30.60 37.43
CA ASP B 266 -24.19 29.62 38.51
C ASP B 266 -25.58 29.74 39.11
N TYR B 267 -26.25 28.61 39.29
CA TYR B 267 -27.67 28.59 39.60
C TYR B 267 -27.90 28.10 41.03
N GLY B 268 -28.69 28.86 41.77
CA GLY B 268 -29.17 28.44 43.09
C GLY B 268 -30.52 29.06 43.41
N THR B 269 -31.42 28.26 43.97
CA THR B 269 -32.68 28.78 44.52
C THR B 269 -32.48 28.93 46.03
N GLN B 270 -32.10 27.82 46.67
CA GLN B 270 -31.62 27.79 48.05
C GLN B 270 -30.37 28.65 48.29
N ASN B 271 -29.47 28.67 47.29
CA ASN B 271 -28.19 29.40 47.35
C ASN B 271 -28.26 30.59 46.37
N PRO B 272 -27.22 31.45 46.32
CA PRO B 272 -27.29 32.59 45.39
C PRO B 272 -27.16 32.22 43.92
N THR B 273 -27.90 32.92 43.06
CA THR B 273 -27.79 32.78 41.60
C THR B 273 -26.97 33.93 41.07
N THR B 274 -26.06 33.63 40.13
CA THR B 274 -25.16 34.62 39.57
C THR B 274 -25.08 34.51 38.04
N PHE B 275 -25.19 35.66 37.37
CA PHE B 275 -24.88 35.77 35.94
C PHE B 275 -23.65 36.65 35.81
N GLY B 276 -22.85 36.39 34.78
CA GLY B 276 -21.70 37.25 34.44
C GLY B 276 -21.67 37.50 32.94
N LEU B 277 -21.62 38.77 32.55
CA LEU B 277 -21.50 39.17 31.13
C LEU B 277 -20.03 39.28 30.71
N TRP B 278 -19.66 38.63 29.61
CA TRP B 278 -18.26 38.58 29.16
C TRP B 278 -18.10 39.12 27.74
N GLY B 279 -17.39 40.25 27.60
CA GLY B 279 -17.16 40.88 26.30
C GLY B 279 -15.73 40.68 25.80
N LEU B 280 -15.57 40.37 24.52
CA LEU B 280 -14.24 40.23 23.90
C LEU B 280 -13.79 41.57 23.32
N TYR B 281 -12.54 41.94 23.59
CA TYR B 281 -11.96 43.19 23.12
C TYR B 281 -10.44 43.06 23.02
N ASN B 282 -9.92 43.09 21.79
CA ASN B 282 -8.49 42.92 21.51
C ASN B 282 -7.92 41.68 22.19
N GLY B 283 -8.58 40.54 21.95
CA GLY B 283 -8.17 39.24 22.49
C GLY B 283 -8.17 39.13 24.01
N VAL B 284 -9.06 39.84 24.68
CA VAL B 284 -9.17 39.81 26.14
C VAL B 284 -10.66 39.85 26.53
N TRP B 285 -11.08 38.86 27.31
CA TRP B 285 -12.46 38.75 27.79
C TRP B 285 -12.66 39.54 29.09
N TYR B 286 -13.63 40.44 29.09
CA TYR B 286 -13.88 41.34 30.21
C TYR B 286 -15.18 40.95 30.89
N LYS B 287 -15.14 40.69 32.20
CA LYS B 287 -16.36 40.52 32.95
C LYS B 287 -16.98 41.91 33.10
N VAL B 288 -17.91 42.22 32.20
CA VAL B 288 -18.41 43.60 32.03
C VAL B 288 -19.28 44.02 33.19
N LYS B 289 -20.12 43.10 33.67
CA LYS B 289 -20.86 43.30 34.90
C LYS B 289 -21.25 41.96 35.52
N GLU B 290 -21.73 42.03 36.75
CA GLU B 290 -22.15 40.86 37.49
C GLU B 290 -23.59 41.04 37.94
N TYR B 291 -24.26 39.92 38.09
CA TYR B 291 -25.56 39.86 38.75
C TYR B 291 -25.39 38.86 39.90
N HIS B 292 -25.99 39.19 41.04
CA HIS B 292 -25.82 38.41 42.27
C HIS B 292 -27.07 38.49 43.14
N TYR B 293 -27.91 37.45 43.08
CA TYR B 293 -29.14 37.39 43.87
C TYR B 293 -29.10 36.25 44.90
N ASP B 294 -29.25 36.61 46.18
CA ASP B 294 -29.28 35.67 47.29
C ASP B 294 -30.69 35.61 47.91
N GLY B 295 -31.35 34.46 47.80
CA GLY B 295 -32.68 34.26 48.38
C GLY B 295 -32.75 34.33 49.90
N ARG B 296 -31.67 33.92 50.57
CA ARG B 296 -31.58 33.98 52.04
C ARG B 296 -31.53 35.44 52.52
N LYS B 297 -30.53 36.17 52.05
CA LYS B 297 -30.30 37.56 52.45
C LYS B 297 -31.41 38.52 52.00
N GLU B 298 -32.02 38.23 50.85
CA GLU B 298 -33.17 39.00 50.36
C GLU B 298 -34.49 38.54 51.00
N ASN B 299 -34.51 37.32 51.51
CA ASN B 299 -35.67 36.74 52.22
C ASN B 299 -36.87 36.53 51.28
N LYS B 300 -36.60 36.22 50.01
CA LYS B 300 -37.62 35.83 49.04
C LYS B 300 -36.95 35.10 47.86
N GLN B 301 -37.28 33.83 47.68
CA GLN B 301 -36.63 32.99 46.66
C GLN B 301 -37.17 33.32 45.29
N LYS B 302 -36.39 33.00 44.24
CA LYS B 302 -36.80 33.27 42.86
C LYS B 302 -36.99 32.00 42.01
N THR B 303 -38.02 32.04 41.18
CA THR B 303 -38.39 30.96 40.29
C THR B 303 -37.50 31.01 39.03
N ASP B 304 -37.50 29.91 38.28
CA ASP B 304 -36.82 29.85 36.98
C ASP B 304 -37.27 30.99 36.08
N GLN B 305 -38.57 31.27 36.10
CA GLN B 305 -39.21 32.33 35.32
C GLN B 305 -38.63 33.70 35.65
N GLU B 306 -38.60 34.04 36.93
CA GLU B 306 -38.08 35.32 37.39
C GLU B 306 -36.61 35.52 37.06
N TYR B 307 -35.81 34.46 37.15
CA TYR B 307 -34.39 34.51 36.75
C TYR B 307 -34.23 34.72 35.25
N TYR B 308 -35.12 34.11 34.45
CA TYR B 308 -35.13 34.34 32.99
C TYR B 308 -35.44 35.80 32.68
N GLU B 309 -36.44 36.38 33.37
CA GLU B 309 -36.78 37.78 33.20
C GLU B 309 -35.58 38.69 33.52
N ASP B 310 -34.91 38.42 34.63
CA ASP B 310 -33.71 39.15 35.04
C ASP B 310 -32.57 39.01 34.03
N LEU B 311 -32.38 37.78 33.52
CA LEU B 311 -31.36 37.51 32.49
C LEU B 311 -31.57 38.36 31.22
N MET B 312 -32.83 38.53 30.81
CA MET B 312 -33.17 39.35 29.65
C MET B 312 -32.86 40.83 29.91
N LYS B 313 -33.28 41.33 31.08
CA LYS B 313 -32.88 42.68 31.54
C LYS B 313 -31.37 42.84 31.60
N PHE B 314 -30.68 41.80 32.08
CA PHE B 314 -29.22 41.77 32.16
C PHE B 314 -28.55 41.94 30.79
N ILE B 315 -29.14 41.38 29.73
CA ILE B 315 -28.60 41.51 28.36
C ILE B 315 -29.39 42.46 27.42
N GLU B 316 -30.34 43.23 27.97
CA GLU B 316 -31.16 44.19 27.19
C GLU B 316 -30.40 45.04 26.18
N ASP B 317 -29.32 45.66 26.63
CA ASP B 317 -28.65 46.72 25.87
C ASP B 317 -27.63 46.26 24.82
N ILE B 318 -27.32 44.96 24.76
CA ILE B 318 -26.31 44.47 23.80
C ILE B 318 -26.92 44.05 22.46
N GLU B 319 -26.10 44.08 21.40
CA GLU B 319 -26.52 43.66 20.07
C GLU B 319 -26.70 42.14 20.07
N LYS B 320 -27.93 41.69 19.83
CA LYS B 320 -28.27 40.26 19.91
C LYS B 320 -27.46 39.36 18.97
N HIS B 321 -26.99 39.89 17.85
CA HIS B 321 -26.14 39.11 16.92
C HIS B 321 -24.74 38.82 17.49
N LYS B 322 -24.24 39.72 18.34
CA LYS B 322 -22.97 39.50 19.04
C LYS B 322 -23.11 38.58 20.25
N PHE B 323 -24.30 38.49 20.82
CA PHE B 323 -24.60 37.59 21.94
C PHE B 323 -24.59 36.11 21.51
N LYS B 324 -23.62 35.34 22.01
CA LYS B 324 -23.39 33.94 21.59
C LYS B 324 -23.98 32.86 22.53
N GLY B 325 -24.89 33.23 23.43
CA GLY B 325 -25.58 32.27 24.31
C GLY B 325 -25.11 32.22 25.76
N VAL B 326 -25.82 31.43 26.57
CA VAL B 326 -25.61 31.35 28.02
C VAL B 326 -24.87 30.06 28.40
N ILE B 327 -24.05 30.13 29.44
CA ILE B 327 -23.33 28.96 29.99
C ILE B 327 -23.81 28.75 31.42
N VAL B 328 -24.20 27.51 31.73
CA VAL B 328 -24.88 27.23 33.01
C VAL B 328 -24.51 25.85 33.58
N ASP B 329 -24.41 25.77 34.92
CA ASP B 329 -24.19 24.49 35.62
C ASP B 329 -25.31 23.52 35.27
N PRO B 330 -24.97 22.32 34.76
CA PRO B 330 -26.04 21.46 34.22
C PRO B 330 -27.00 20.85 35.26
N SER B 331 -26.73 21.06 36.55
CA SER B 331 -27.71 20.80 37.61
C SER B 331 -28.78 21.90 37.78
N ALA B 332 -28.94 22.78 36.79
CA ALA B 332 -30.08 23.69 36.70
C ALA B 332 -30.90 23.36 35.47
N ALA B 333 -31.26 22.07 35.36
CA ALA B 333 -31.92 21.54 34.17
C ALA B 333 -33.30 22.16 33.89
N SER B 334 -34.05 22.49 34.95
CA SER B 334 -35.37 23.15 34.78
C SER B 334 -35.24 24.59 34.27
N PHE B 335 -34.13 25.25 34.64
CA PHE B 335 -33.79 26.57 34.11
C PHE B 335 -33.30 26.46 32.66
N ILE B 336 -32.50 25.44 32.37
CA ILE B 336 -32.04 25.18 31.00
C ILE B 336 -33.22 24.83 30.08
N ALA B 337 -34.19 24.07 30.61
CA ALA B 337 -35.41 23.74 29.87
C ALA B 337 -36.23 24.98 29.52
N LEU B 338 -36.31 25.92 30.46
CA LEU B 338 -36.97 27.21 30.23
C LEU B 338 -36.25 28.05 29.18
N LEU B 339 -34.95 28.29 29.41
CA LEU B 339 -34.14 29.12 28.52
C LEU B 339 -34.21 28.65 27.06
N ARG B 340 -34.10 27.33 26.85
CA ARG B 340 -34.19 26.76 25.50
C ARG B 340 -35.57 26.88 24.86
N GLN B 341 -36.64 26.85 25.67
CA GLN B 341 -37.99 27.14 25.16
C GLN B 341 -38.15 28.58 24.65
N LYS B 342 -37.39 29.51 25.25
CA LYS B 342 -37.44 30.93 24.86
C LYS B 342 -36.51 31.26 23.67
N GLY B 343 -35.85 30.25 23.11
CA GLY B 343 -34.97 30.44 21.96
C GLY B 343 -33.52 30.73 22.30
N ILE B 344 -33.18 30.74 23.60
CA ILE B 344 -31.85 31.14 24.05
C ILE B 344 -30.91 29.97 23.82
N LYS B 345 -29.77 30.22 23.17
CA LYS B 345 -28.75 29.20 23.01
C LYS B 345 -28.07 28.97 24.37
N VAL B 346 -28.19 27.75 24.88
CA VAL B 346 -27.59 27.37 26.15
C VAL B 346 -26.45 26.41 25.86
N ILE B 347 -25.33 26.60 26.53
CA ILE B 347 -24.20 25.68 26.48
C ILE B 347 -24.10 25.00 27.84
N LYS B 348 -24.09 23.67 27.85
CA LYS B 348 -23.96 22.89 29.07
C LYS B 348 -22.52 23.02 29.58
N ALA B 349 -22.35 23.56 30.78
CA ALA B 349 -21.03 23.77 31.36
C ALA B 349 -20.39 22.44 31.75
N LYS B 350 -19.08 22.37 31.63
CA LYS B 350 -18.31 21.14 31.90
C LYS B 350 -18.32 20.76 33.39
N ASN B 351 -18.09 21.77 34.25
CA ASN B 351 -18.06 21.61 35.71
C ASN B 351 -16.88 20.72 36.19
N ASP B 352 -15.78 20.72 35.44
CA ASP B 352 -14.53 20.09 35.87
C ASP B 352 -13.90 21.05 36.87
N VAL B 353 -13.83 20.64 38.14
CA VAL B 353 -13.44 21.53 39.24
C VAL B 353 -11.92 21.74 39.30
N LEU B 354 -11.17 20.66 39.47
CA LEU B 354 -9.70 20.74 39.56
C LEU B 354 -9.05 21.44 38.35
N ASP B 355 -9.50 21.08 37.15
CA ASP B 355 -8.90 21.62 35.92
C ASP B 355 -9.46 22.99 35.52
N GLY B 356 -10.69 23.30 35.94
CA GLY B 356 -11.28 24.63 35.74
C GLY B 356 -10.61 25.68 36.61
N ILE B 357 -10.36 25.34 37.87
CA ILE B 357 -9.60 26.21 38.78
C ILE B 357 -8.17 26.45 38.25
N ARG B 358 -7.56 25.43 37.66
CA ARG B 358 -6.24 25.56 37.03
C ARG B 358 -6.26 26.55 35.85
N ASN B 359 -7.31 26.46 35.03
CA ASN B 359 -7.45 27.30 33.83
C ASN B 359 -7.85 28.74 34.14
N VAL B 360 -8.68 28.94 35.16
CA VAL B 360 -8.95 30.31 35.65
C VAL B 360 -7.64 30.95 36.11
N ALA B 361 -6.89 30.23 36.93
CA ALA B 361 -5.56 30.69 37.38
C ALA B 361 -4.63 31.00 36.21
N THR B 362 -4.59 30.12 35.21
CA THR B 362 -3.76 30.32 34.02
C THR B 362 -4.18 31.58 33.25
N ALA B 363 -5.49 31.76 33.09
CA ALA B 363 -6.03 32.95 32.42
C ALA B 363 -5.64 34.25 33.11
N LEU B 364 -5.58 34.23 34.44
CA LEU B 364 -5.18 35.40 35.24
C LEU B 364 -3.69 35.69 35.09
N ASN B 365 -2.88 34.64 35.10
CA ASN B 365 -1.43 34.77 34.87
C ASN B 365 -1.11 35.31 33.48
N LYS B 366 -1.80 34.77 32.47
CA LYS B 366 -1.66 35.23 31.08
C LYS B 366 -2.43 36.51 30.76
N LYS B 367 -3.34 36.92 31.64
CA LYS B 367 -4.24 38.07 31.45
C LYS B 367 -5.11 37.91 30.19
N MET B 368 -5.69 36.72 30.05
CA MET B 368 -6.72 36.45 29.05
C MET B 368 -8.07 36.98 29.53
N ILE B 369 -8.20 37.24 30.83
CA ILE B 369 -9.40 37.82 31.41
C ILE B 369 -9.09 39.00 32.29
N LEU B 370 -10.05 39.93 32.38
CA LEU B 370 -9.99 41.09 33.28
C LEU B 370 -11.40 41.39 33.80
N TYR B 371 -11.48 42.20 34.85
CA TYR B 371 -12.75 42.47 35.52
C TYR B 371 -13.02 43.97 35.62
N ASN B 372 -14.23 44.38 35.25
CA ASN B 372 -14.68 45.74 35.56
C ASN B 372 -14.83 45.85 37.09
N ASP B 373 -14.47 47.01 37.64
CA ASP B 373 -14.50 47.21 39.11
C ASP B 373 -15.89 47.13 39.77
N CYS B 374 -16.93 47.04 38.93
CA CYS B 374 -18.30 46.77 39.39
C CYS B 374 -18.54 45.33 39.83
N CYS B 375 -17.68 44.39 39.43
CA CYS B 375 -17.79 42.98 39.87
C CYS B 375 -17.35 42.80 41.34
N LYS B 376 -18.06 43.45 42.25
CA LYS B 376 -17.62 43.56 43.65
C LYS B 376 -17.73 42.26 44.45
N GLU B 377 -18.81 41.51 44.23
CA GLU B 377 -19.00 40.20 44.87
C GLU B 377 -18.05 39.12 44.32
N THR B 378 -17.52 39.31 43.11
CA THR B 378 -16.51 38.42 42.55
C THR B 378 -15.16 38.58 43.27
N PHE B 379 -14.80 39.82 43.60
CA PHE B 379 -13.52 40.13 44.28
C PHE B 379 -13.53 39.71 45.74
N ARG B 380 -14.69 39.84 46.35
CA ARG B 380 -14.88 39.43 47.72
C ARG B 380 -14.73 37.95 47.75
N GLU B 381 -15.31 37.29 46.77
CA GLU B 381 -15.20 35.87 46.70
C GLU B 381 -13.81 35.38 46.48
N TYR B 382 -13.06 36.08 45.65
CA TYR B 382 -11.69 35.73 45.35
C TYR B 382 -10.81 35.76 46.59
N SER B 383 -11.04 36.75 47.42
CA SER B 383 -10.32 36.96 48.65
C SER B 383 -10.59 35.91 49.73
N SER B 384 -11.70 35.19 49.65
CA SER B 384 -12.02 34.15 50.61
C SER B 384 -12.10 32.71 50.10
N TYR B 385 -11.74 32.45 48.84
CA TYR B 385 -11.83 31.10 48.30
C TYR B 385 -10.62 30.33 48.68
N VAL B 386 -10.80 29.22 49.37
CA VAL B 386 -9.66 28.42 49.82
C VAL B 386 -9.84 26.92 49.64
N TRP B 387 -8.73 26.22 49.70
CA TRP B 387 -8.73 24.77 49.61
C TRP B 387 -9.27 24.18 50.90
N ASP B 388 -9.92 23.02 50.80
CA ASP B 388 -10.34 22.28 51.98
C ASP B 388 -9.10 21.63 52.60
N GLU B 389 -8.73 22.14 53.78
CA GLU B 389 -7.56 21.68 54.53
C GLU B 389 -7.68 20.18 54.87
N LYS B 390 -8.88 19.77 55.28
CA LYS B 390 -9.17 18.40 55.69
C LYS B 390 -9.04 17.40 54.53
N ALA B 391 -9.57 17.77 53.36
CA ALA B 391 -9.53 16.90 52.17
C ALA B 391 -8.14 16.77 51.58
N ALA B 392 -7.37 17.86 51.58
CA ALA B 392 -6.01 17.87 51.01
C ALA B 392 -5.07 16.88 51.68
N GLU B 393 -5.22 16.70 53.00
CA GLU B 393 -4.41 15.72 53.76
C GLU B 393 -4.92 14.25 53.70
N ARG B 394 -6.14 14.05 53.18
CA ARG B 394 -6.62 12.72 52.74
C ARG B 394 -6.22 12.34 51.30
N GLY B 395 -5.77 13.32 50.51
CA GLY B 395 -5.33 13.11 49.13
C GLY B 395 -6.25 13.66 48.04
N GLU B 396 -7.29 14.41 48.42
CA GLU B 396 -8.27 14.95 47.48
C GLU B 396 -8.21 16.47 47.48
N ASP B 397 -7.86 17.06 46.33
CA ASP B 397 -7.83 18.51 46.19
C ASP B 397 -9.24 19.02 45.89
N LYS B 398 -9.77 19.86 46.79
CA LYS B 398 -11.13 20.39 46.68
C LYS B 398 -11.17 21.82 47.21
N PRO B 399 -11.99 22.69 46.58
CA PRO B 399 -12.31 23.95 47.26
C PRO B 399 -13.31 23.73 48.38
N VAL B 400 -13.31 24.61 49.36
CA VAL B 400 -14.39 24.68 50.34
C VAL B 400 -15.53 25.40 49.63
N LYS B 401 -16.63 24.68 49.34
CA LYS B 401 -17.74 25.27 48.60
C LYS B 401 -18.54 26.23 49.50
N GLN B 402 -17.97 27.43 49.68
CA GLN B 402 -18.57 28.49 50.48
C GLN B 402 -18.11 29.83 49.91
N ASN B 403 -19.09 30.68 49.53
CA ASN B 403 -18.84 31.95 48.84
C ASN B 403 -18.05 31.73 47.55
N ASP B 404 -18.66 31.00 46.62
CA ASP B 404 -17.98 30.57 45.40
C ASP B 404 -18.88 30.62 44.14
N HIS B 405 -19.88 31.49 44.16
CA HIS B 405 -20.96 31.46 43.18
C HIS B 405 -20.62 32.28 41.94
N GLN B 406 -20.05 33.46 42.14
CA GLN B 406 -19.44 34.20 41.04
C GLN B 406 -18.24 33.42 40.49
N LEU B 407 -17.39 32.91 41.38
CA LEU B 407 -16.17 32.19 40.98
C LEU B 407 -16.41 30.88 40.24
N ASP B 408 -17.55 30.25 40.48
CA ASP B 408 -17.92 29.04 39.74
C ASP B 408 -18.46 29.38 38.36
N ALA B 409 -19.29 30.42 38.26
CA ALA B 409 -19.74 30.95 36.97
C ALA B 409 -18.54 31.33 36.10
N ASP B 410 -17.60 32.07 36.68
CA ASP B 410 -16.35 32.44 36.00
C ASP B 410 -15.60 31.21 35.46
N ARG B 411 -15.52 30.16 36.29
CA ARG B 411 -14.87 28.90 35.90
C ARG B 411 -15.59 28.25 34.72
N TYR B 412 -16.92 28.19 34.78
CA TYR B 412 -17.73 27.61 33.69
C TYR B 412 -17.44 28.31 32.36
N PHE B 413 -17.37 29.63 32.40
CA PHE B 413 -16.99 30.44 31.22
C PHE B 413 -15.57 30.14 30.71
N VAL B 414 -14.60 30.22 31.61
CA VAL B 414 -13.18 30.09 31.23
C VAL B 414 -12.87 28.68 30.71
N ASN B 415 -13.34 27.68 31.43
CA ASN B 415 -13.05 26.28 31.07
C ASN B 415 -13.73 25.86 29.74
N THR B 416 -14.97 26.34 29.52
CA THR B 416 -15.76 26.04 28.31
C THR B 416 -15.34 26.83 27.06
N ILE B 417 -15.13 28.14 27.22
CA ILE B 417 -14.90 29.03 26.07
C ILE B 417 -13.42 29.31 25.78
N LEU B 418 -12.60 29.45 26.83
CA LEU B 418 -11.17 29.78 26.67
C LEU B 418 -10.21 28.58 26.59
N PHE B 419 -10.66 27.38 26.99
CA PHE B 419 -9.79 26.20 27.05
C PHE B 419 -10.46 24.95 26.46
N PRO C 16 5.18 -25.86 -3.44
CA PRO C 16 4.02 -26.28 -4.23
C PRO C 16 3.19 -27.34 -3.50
N PHE C 17 2.04 -27.70 -4.07
CA PHE C 17 1.11 -28.64 -3.43
C PHE C 17 0.90 -29.92 -4.24
N SER C 18 0.61 -31.00 -3.52
CA SER C 18 0.30 -32.30 -4.10
C SER C 18 -1.14 -32.34 -4.60
N LYS C 19 -1.47 -33.43 -5.29
CA LYS C 19 -2.85 -33.68 -5.78
C LYS C 19 -3.85 -33.74 -4.62
N LYS C 20 -3.44 -34.35 -3.52
CA LYS C 20 -4.29 -34.43 -2.34
C LYS C 20 -4.55 -33.09 -1.72
N GLN C 21 -3.49 -32.32 -1.54
CA GLN C 21 -3.63 -30.97 -0.98
C GLN C 21 -4.52 -30.09 -1.85
N LEU C 22 -4.33 -30.16 -3.16
CA LEU C 22 -5.16 -29.42 -4.12
C LEU C 22 -6.62 -29.89 -4.12
N LYS C 23 -6.84 -31.20 -3.96
CA LYS C 23 -8.20 -31.74 -3.82
C LYS C 23 -8.95 -31.09 -2.66
N VAL C 24 -8.27 -30.89 -1.52
CA VAL C 24 -8.85 -30.20 -0.36
C VAL C 24 -9.15 -28.73 -0.68
N LEU C 25 -8.27 -28.10 -1.46
CA LEU C 25 -8.45 -26.71 -1.90
C LEU C 25 -9.54 -26.48 -2.96
N THR C 26 -9.97 -27.53 -3.67
CA THR C 26 -10.90 -27.39 -4.82
C THR C 26 -12.12 -28.32 -4.87
N TRP C 27 -12.28 -29.23 -3.91
CA TRP C 27 -13.39 -30.20 -3.95
C TRP C 27 -14.79 -29.55 -3.84
N TRP C 28 -14.88 -28.45 -3.10
CA TRP C 28 -16.17 -27.78 -2.81
C TRP C 28 -16.71 -26.97 -3.99
N ARG C 29 -15.83 -26.58 -4.91
CA ARG C 29 -16.19 -25.72 -6.05
C ARG C 29 -17.18 -26.44 -6.96
N LYS C 30 -18.15 -25.70 -7.50
CA LYS C 30 -19.19 -26.27 -8.39
C LYS C 30 -18.62 -26.96 -9.64
N ALA C 31 -17.43 -26.52 -10.08
CA ALA C 31 -16.67 -27.21 -11.13
C ALA C 31 -16.35 -28.68 -10.81
N SER C 32 -16.01 -28.98 -9.56
CA SER C 32 -15.53 -30.31 -9.17
C SER C 32 -16.64 -31.38 -9.25
N PRO C 33 -16.24 -32.67 -9.45
CA PRO C 33 -17.20 -33.78 -9.53
C PRO C 33 -17.75 -34.27 -8.17
N VAL C 34 -17.10 -33.91 -7.06
CA VAL C 34 -17.52 -34.32 -5.71
C VAL C 34 -18.09 -33.15 -4.89
N SER C 35 -18.52 -32.09 -5.57
CA SER C 35 -19.14 -30.92 -4.93
C SER C 35 -20.48 -31.21 -4.22
N ASP C 36 -21.20 -32.24 -4.65
CA ASP C 36 -22.48 -32.65 -4.01
C ASP C 36 -22.33 -33.14 -2.55
N LYS C 37 -21.13 -33.59 -2.18
CA LYS C 37 -20.89 -34.18 -0.84
C LYS C 37 -21.06 -33.15 0.27
N ASP C 38 -21.63 -33.59 1.39
CA ASP C 38 -22.02 -32.70 2.49
C ASP C 38 -20.87 -32.34 3.46
N GLY C 39 -19.62 -32.58 3.04
CA GLY C 39 -18.47 -32.37 3.90
C GLY C 39 -17.23 -33.17 3.48
N ILE C 40 -16.17 -33.07 4.28
CA ILE C 40 -14.89 -33.73 3.98
C ILE C 40 -14.19 -34.18 5.28
N ILE C 41 -13.50 -35.32 5.22
CA ILE C 41 -12.71 -35.86 6.32
C ILE C 41 -11.27 -36.03 5.85
N CYS C 42 -10.33 -35.40 6.56
CA CYS C 42 -8.90 -35.52 6.26
C CYS C 42 -8.13 -36.11 7.43
N ASP C 43 -8.21 -37.43 7.59
CA ASP C 43 -7.39 -38.11 8.57
C ASP C 43 -6.01 -38.35 7.98
N GLY C 44 -5.12 -38.95 8.76
CA GLY C 44 -3.80 -39.34 8.29
C GLY C 44 -2.67 -38.84 9.14
N SER C 45 -1.47 -38.92 8.58
CA SER C 45 -0.24 -38.66 9.34
C SER C 45 -0.08 -37.20 9.73
N ILE C 46 0.78 -36.96 10.71
CA ILE C 46 1.27 -35.61 11.01
C ILE C 46 2.16 -35.12 9.88
N ARG C 47 2.28 -33.79 9.78
CA ARG C 47 3.17 -33.13 8.83
C ARG C 47 2.87 -33.42 7.36
N ALA C 48 1.59 -33.66 7.06
CA ALA C 48 1.14 -33.82 5.69
C ALA C 48 0.83 -32.45 5.05
N GLY C 49 0.87 -31.38 5.84
CA GLY C 49 0.46 -30.06 5.38
C GLY C 49 -1.02 -30.03 5.05
N LYS C 50 -1.80 -30.81 5.80
CA LYS C 50 -3.25 -30.91 5.58
C LYS C 50 -4.04 -29.93 6.45
N THR C 51 -3.58 -29.74 7.69
CA THR C 51 -4.26 -28.89 8.69
C THR C 51 -4.43 -27.45 8.22
N ILE C 52 -3.37 -26.90 7.65
CA ILE C 52 -3.35 -25.50 7.25
C ILE C 52 -4.14 -25.25 5.96
N VAL C 53 -4.05 -26.16 4.98
CA VAL C 53 -4.72 -25.98 3.68
C VAL C 53 -6.22 -26.26 3.82
N MET C 54 -6.57 -27.18 4.71
CA MET C 54 -7.97 -27.45 5.01
C MET C 54 -8.61 -26.29 5.78
N SER C 55 -7.81 -25.60 6.61
CA SER C 55 -8.28 -24.39 7.32
C SER C 55 -8.47 -23.22 6.35
N PHE C 56 -7.52 -23.04 5.43
CA PHE C 56 -7.63 -22.03 4.37
C PHE C 56 -8.77 -22.32 3.39
N SER C 57 -8.94 -23.59 3.00
CA SER C 57 -10.00 -23.98 2.07
C SER C 57 -11.38 -23.77 2.67
N TYR C 58 -11.49 -23.97 3.98
CA TYR C 58 -12.74 -23.72 4.71
C TYR C 58 -13.16 -22.26 4.58
N VAL C 59 -12.20 -21.35 4.75
CA VAL C 59 -12.48 -19.90 4.67
C VAL C 59 -12.80 -19.51 3.21
N MET C 60 -11.98 -19.96 2.27
CA MET C 60 -12.27 -19.79 0.84
C MET C 60 -13.70 -20.19 0.50
N TRP C 61 -14.03 -21.44 0.83
CA TRP C 61 -15.35 -22.00 0.56
C TRP C 61 -16.45 -21.11 1.15
N ALA C 62 -16.33 -20.80 2.43
CA ALA C 62 -17.36 -20.06 3.17
C ALA C 62 -17.54 -18.64 2.64
N MET C 63 -16.43 -17.93 2.45
CA MET C 63 -16.45 -16.58 1.92
C MET C 63 -17.10 -16.51 0.54
N ASP C 64 -16.78 -17.46 -0.32
CA ASP C 64 -17.32 -17.55 -1.69
C ASP C 64 -18.80 -17.96 -1.71
N THR C 65 -19.13 -19.02 -0.99
CA THR C 65 -20.48 -19.59 -1.04
C THR C 65 -21.56 -18.80 -0.28
N PHE C 66 -21.18 -18.02 0.73
CA PHE C 66 -22.16 -17.34 1.59
C PHE C 66 -21.82 -15.87 1.90
N ASN C 67 -22.83 -15.12 2.34
CA ASN C 67 -22.66 -13.73 2.78
C ASN C 67 -23.41 -13.51 4.10
N GLU C 68 -22.75 -12.82 5.03
CA GLU C 68 -23.33 -12.44 6.33
C GLU C 68 -23.73 -13.65 7.20
N GLN C 69 -23.12 -14.81 6.97
CA GLN C 69 -23.47 -16.06 7.66
C GLN C 69 -22.46 -16.38 8.76
N ASN C 70 -22.90 -17.20 9.72
CA ASN C 70 -22.06 -17.68 10.82
C ASN C 70 -21.40 -18.99 10.46
N PHE C 71 -20.21 -19.22 11.00
CA PHE C 71 -19.45 -20.45 10.80
C PHE C 71 -18.74 -20.83 12.08
N GLY C 72 -18.42 -22.10 12.23
CA GLY C 72 -17.79 -22.60 13.44
C GLY C 72 -16.44 -23.25 13.19
N MET C 73 -15.49 -22.97 14.08
CA MET C 73 -14.18 -23.66 14.10
C MET C 73 -13.94 -24.16 15.52
N ALA C 74 -13.44 -25.39 15.64
CA ALA C 74 -13.28 -26.03 16.94
C ALA C 74 -11.95 -26.80 17.02
N GLY C 75 -11.34 -26.75 18.22
CA GLY C 75 -10.23 -27.64 18.58
C GLY C 75 -10.50 -28.32 19.91
N LYS C 76 -9.48 -29.01 20.42
CA LYS C 76 -9.52 -29.63 21.76
C LYS C 76 -9.87 -28.56 22.80
N THR C 77 -9.18 -27.43 22.70
CA THR C 77 -9.55 -26.19 23.39
C THR C 77 -9.44 -25.02 22.42
N ILE C 78 -9.96 -23.86 22.82
CA ILE C 78 -9.84 -22.63 22.04
C ILE C 78 -8.36 -22.21 21.90
N GLY C 79 -7.62 -22.30 23.00
CA GLY C 79 -6.19 -21.98 23.01
C GLY C 79 -5.38 -22.83 22.04
N ALA C 80 -5.71 -24.12 22.00
CA ALA C 80 -5.06 -25.07 21.07
C ALA C 80 -5.38 -24.76 19.61
N LEU C 81 -6.68 -24.57 19.32
CA LEU C 81 -7.17 -24.19 17.99
C LEU C 81 -6.53 -22.89 17.49
N ARG C 82 -6.32 -21.94 18.41
CA ARG C 82 -5.61 -20.70 18.08
C ARG C 82 -4.15 -20.94 17.71
N ARG C 83 -3.45 -21.76 18.50
CA ARG C 83 -2.04 -22.14 18.23
C ARG C 83 -1.88 -22.88 16.90
N ASN C 84 -2.63 -23.98 16.76
CA ASN C 84 -2.50 -24.89 15.63
C ASN C 84 -2.96 -24.29 14.32
N VAL C 85 -4.15 -23.70 14.35
CA VAL C 85 -4.90 -23.36 13.14
C VAL C 85 -5.01 -21.85 12.88
N ILE C 86 -5.61 -21.11 13.81
CA ILE C 86 -6.07 -19.73 13.55
C ILE C 86 -4.91 -18.74 13.34
N THR C 87 -3.88 -18.81 14.18
CA THR C 87 -2.75 -17.87 14.11
C THR C 87 -1.94 -17.92 12.80
N PRO C 88 -1.58 -19.13 12.30
CA PRO C 88 -1.00 -19.19 10.95
C PRO C 88 -2.01 -18.99 9.84
N LEU C 89 -3.28 -19.38 10.06
CA LEU C 89 -4.33 -19.15 9.07
C LEU C 89 -4.52 -17.66 8.80
N LYS C 90 -4.52 -16.85 9.87
CA LYS C 90 -4.65 -15.39 9.75
C LYS C 90 -3.56 -14.76 8.89
N ARG C 91 -2.31 -15.17 9.13
CA ARG C 91 -1.17 -14.67 8.33
C ARG C 91 -1.32 -15.04 6.86
N MET C 92 -1.61 -16.32 6.62
CA MET C 92 -1.84 -16.86 5.27
C MET C 92 -3.00 -16.15 4.55
N LEU C 93 -4.09 -15.91 5.27
CA LEU C 93 -5.24 -15.17 4.73
C LEU C 93 -4.89 -13.71 4.41
N LYS C 94 -4.20 -13.05 5.34
CA LYS C 94 -3.78 -11.65 5.17
C LYS C 94 -2.79 -11.41 4.03
N SER C 95 -2.06 -12.45 3.64
CA SER C 95 -1.21 -12.41 2.45
C SER C 95 -2.04 -12.39 1.15
N ARG C 96 -3.07 -13.24 1.10
CA ARG C 96 -3.84 -13.49 -0.14
C ARG C 96 -5.13 -12.66 -0.25
N GLY C 97 -5.11 -11.41 0.23
CA GLY C 97 -6.20 -10.44 0.03
C GLY C 97 -7.36 -10.43 1.02
N TYR C 98 -7.34 -11.33 2.01
CA TYR C 98 -8.44 -11.43 2.98
C TYR C 98 -8.19 -10.48 4.16
N ARG C 99 -9.18 -9.63 4.45
CA ARG C 99 -9.11 -8.71 5.59
C ARG C 99 -9.79 -9.33 6.82
N VAL C 100 -9.08 -9.34 7.95
CA VAL C 100 -9.48 -10.10 9.15
C VAL C 100 -9.52 -9.23 10.42
N LYS C 101 -10.53 -9.44 11.26
CA LYS C 101 -10.61 -8.82 12.58
C LYS C 101 -10.78 -9.91 13.65
N ASP C 102 -9.79 -10.06 14.52
CA ASP C 102 -9.86 -11.00 15.63
C ASP C 102 -10.60 -10.35 16.80
N HIS C 103 -11.70 -10.98 17.22
CA HIS C 103 -12.39 -10.62 18.46
C HIS C 103 -11.87 -11.60 19.52
N ARG C 104 -11.16 -11.08 20.50
CA ARG C 104 -10.35 -11.91 21.39
C ARG C 104 -11.18 -12.61 22.46
N ALA C 105 -11.85 -11.82 23.30
CA ALA C 105 -12.59 -12.35 24.46
C ALA C 105 -13.84 -13.12 24.04
N ASP C 106 -14.55 -12.59 23.04
CA ASP C 106 -15.75 -13.23 22.50
C ASP C 106 -15.46 -14.46 21.62
N ASN C 107 -14.20 -14.61 21.18
CA ASN C 107 -13.72 -15.78 20.45
C ASN C 107 -14.48 -16.02 19.13
N TYR C 108 -14.34 -15.03 18.25
CA TYR C 108 -14.79 -15.15 16.86
C TYR C 108 -14.04 -14.16 15.98
N LEU C 109 -14.18 -14.32 14.66
CA LEU C 109 -13.52 -13.45 13.68
C LEU C 109 -14.56 -12.96 12.69
N THR C 110 -14.42 -11.73 12.21
CA THR C 110 -15.03 -11.35 10.94
C THR C 110 -13.91 -11.44 9.91
N ILE C 111 -14.19 -12.13 8.82
CA ILE C 111 -13.31 -12.13 7.65
C ILE C 111 -14.10 -11.47 6.54
N THR C 112 -13.43 -10.58 5.82
CA THR C 112 -14.03 -9.87 4.69
C THR C 112 -13.17 -10.11 3.45
N PHE C 113 -13.83 -10.42 2.34
CA PHE C 113 -13.15 -10.67 1.07
C PHE C 113 -14.02 -10.28 -0.11
N LYS C 114 -13.47 -9.39 -0.96
CA LYS C 114 -14.12 -8.92 -2.18
C LYS C 114 -15.61 -8.67 -1.97
N GLY C 115 -15.91 -7.77 -1.03
CA GLY C 115 -17.29 -7.35 -0.75
C GLY C 115 -18.02 -8.14 0.32
N LYS C 116 -17.77 -9.45 0.38
CA LYS C 116 -18.53 -10.36 1.24
C LYS C 116 -17.90 -10.46 2.63
N THR C 117 -18.75 -10.59 3.65
CA THR C 117 -18.35 -10.62 5.06
C THR C 117 -18.99 -11.81 5.75
N ASN C 118 -18.19 -12.57 6.51
CA ASN C 118 -18.69 -13.72 7.28
C ASN C 118 -18.03 -13.82 8.64
N TYR C 119 -18.68 -14.58 9.52
CA TYR C 119 -18.35 -14.64 10.94
C TYR C 119 -17.96 -16.07 11.34
N PHE C 120 -16.78 -16.20 11.97
CA PHE C 120 -16.18 -17.50 12.29
C PHE C 120 -16.00 -17.63 13.79
N TYR C 121 -16.90 -18.37 14.43
CA TYR C 121 -16.92 -18.52 15.89
C TYR C 121 -16.03 -19.69 16.36
N LEU C 122 -15.15 -19.41 17.32
CA LEU C 122 -14.24 -20.41 17.85
C LEU C 122 -14.88 -21.22 18.99
N PHE C 123 -14.57 -22.51 19.03
CA PHE C 123 -15.13 -23.43 20.03
C PHE C 123 -14.05 -24.37 20.56
N GLY C 124 -14.39 -25.12 21.60
CA GLY C 124 -13.50 -26.10 22.24
C GLY C 124 -14.25 -27.37 22.57
N GLY C 125 -13.62 -28.52 22.33
CA GLY C 125 -14.22 -29.83 22.61
C GLY C 125 -13.32 -30.71 23.47
N LEU C 133 -19.78 -23.56 25.82
CA LEU C 133 -20.14 -24.27 24.60
C LEU C 133 -21.59 -23.97 24.20
N ILE C 134 -21.78 -23.45 22.98
CA ILE C 134 -23.05 -22.80 22.59
C ILE C 134 -24.04 -23.79 21.96
N GLN C 135 -25.33 -23.59 22.28
CA GLN C 135 -26.47 -24.33 21.74
C GLN C 135 -27.38 -23.51 20.82
N GLY C 136 -27.58 -22.23 21.16
CA GLY C 136 -28.52 -21.37 20.43
C GLY C 136 -28.13 -21.02 18.99
N ILE C 137 -26.83 -20.95 18.72
CA ILE C 137 -26.31 -20.42 17.44
C ILE C 137 -26.73 -21.28 16.23
N THR C 138 -26.83 -20.63 15.07
CA THR C 138 -27.08 -21.30 13.79
C THR C 138 -25.85 -21.08 12.93
N LEU C 139 -25.45 -22.11 12.18
CA LEU C 139 -24.18 -22.10 11.42
C LEU C 139 -24.38 -22.50 9.97
N ALA C 140 -23.50 -22.00 9.11
CA ALA C 140 -23.49 -22.34 7.69
C ALA C 140 -22.39 -23.36 7.34
N GLY C 141 -21.66 -23.79 8.35
CA GLY C 141 -20.56 -24.75 8.18
C GLY C 141 -19.85 -24.95 9.51
N MET C 142 -19.03 -25.98 9.60
CA MET C 142 -18.32 -26.29 10.84
C MET C 142 -17.03 -27.01 10.52
N PHE C 143 -15.95 -26.56 11.16
CA PHE C 143 -14.61 -27.08 10.94
C PHE C 143 -14.12 -27.64 12.26
N PHE C 144 -13.72 -28.91 12.27
CA PHE C 144 -13.19 -29.56 13.47
C PHE C 144 -11.72 -29.92 13.28
N ASP C 145 -10.84 -29.42 14.14
CA ASP C 145 -9.44 -29.83 14.16
C ASP C 145 -9.18 -30.75 15.33
N GLU C 146 -8.40 -31.79 15.11
CA GLU C 146 -8.12 -32.83 16.12
C GLU C 146 -9.46 -33.46 16.59
N VAL C 147 -10.35 -33.76 15.65
CA VAL C 147 -11.70 -34.27 16.00
C VAL C 147 -11.66 -35.61 16.76
N ALA C 148 -10.60 -36.40 16.56
CA ALA C 148 -10.37 -37.62 17.34
C ALA C 148 -10.18 -37.39 18.85
N LEU C 149 -9.68 -36.22 19.24
CA LEU C 149 -9.53 -35.85 20.65
C LEU C 149 -10.82 -35.33 21.31
N MET C 150 -11.79 -34.90 20.50
CA MET C 150 -13.02 -34.27 21.00
C MET C 150 -14.04 -35.32 21.47
N PRO C 151 -14.98 -34.92 22.36
CA PRO C 151 -16.06 -35.81 22.78
C PRO C 151 -17.20 -35.84 21.76
N GLU C 152 -17.69 -37.04 21.44
CA GLU C 152 -18.74 -37.27 20.42
C GLU C 152 -19.95 -36.34 20.56
N SER C 153 -20.41 -36.15 21.79
CA SER C 153 -21.57 -35.32 22.09
C SER C 153 -21.42 -33.89 21.58
N PHE C 154 -20.23 -33.32 21.74
CA PHE C 154 -19.96 -31.96 21.25
C PHE C 154 -20.12 -31.87 19.73
N VAL C 155 -19.60 -32.85 18.98
CA VAL C 155 -19.64 -32.77 17.51
C VAL C 155 -21.04 -33.08 16.96
N ASN C 156 -21.76 -34.03 17.57
CA ASN C 156 -23.16 -34.30 17.21
C ASN C 156 -24.05 -33.06 17.43
N GLN C 157 -23.79 -32.32 18.51
CA GLN C 157 -24.53 -31.10 18.80
C GLN C 157 -24.02 -29.91 17.95
N ALA C 158 -22.73 -29.93 17.59
CA ALA C 158 -22.16 -28.93 16.68
C ALA C 158 -22.67 -29.11 15.25
N THR C 159 -22.67 -30.35 14.76
CA THR C 159 -23.22 -30.67 13.43
C THR C 159 -24.75 -30.52 13.35
N ALA C 160 -25.43 -30.64 14.50
CA ALA C 160 -26.87 -30.36 14.60
C ALA C 160 -27.21 -28.91 14.27
N ARG C 161 -26.28 -27.99 14.57
CA ARG C 161 -26.49 -26.55 14.36
C ARG C 161 -26.07 -26.04 12.96
N CYS C 162 -25.65 -26.93 12.08
CA CYS C 162 -25.42 -26.60 10.66
C CYS C 162 -26.72 -26.77 9.84
N SER C 163 -27.73 -25.97 10.17
CA SER C 163 -29.08 -26.09 9.59
C SER C 163 -29.25 -25.36 8.26
N VAL C 164 -28.49 -24.27 8.05
CA VAL C 164 -28.52 -23.50 6.80
C VAL C 164 -28.20 -24.41 5.62
N ASP C 165 -28.94 -24.25 4.52
CA ASP C 165 -28.80 -25.10 3.35
C ASP C 165 -27.47 -24.80 2.64
N GLY C 166 -26.84 -25.83 2.10
CA GLY C 166 -25.49 -25.75 1.54
C GLY C 166 -24.39 -25.84 2.59
N ALA C 167 -24.74 -26.20 3.84
CA ALA C 167 -23.75 -26.34 4.91
C ALA C 167 -22.91 -27.59 4.72
N LYS C 168 -21.64 -27.47 5.11
CA LYS C 168 -20.65 -28.52 4.89
C LYS C 168 -19.90 -28.76 6.20
N LEU C 169 -19.64 -30.04 6.49
CA LEU C 169 -18.92 -30.44 7.70
C LEU C 169 -17.48 -30.74 7.33
N TRP C 170 -16.53 -30.10 8.02
CA TRP C 170 -15.10 -30.31 7.74
C TRP C 170 -14.40 -30.92 8.95
N PHE C 171 -13.74 -32.06 8.73
CA PHE C 171 -13.11 -32.82 9.81
C PHE C 171 -11.63 -33.06 9.54
N ASN C 172 -10.79 -32.65 10.49
CA ASN C 172 -9.35 -32.90 10.44
C ASN C 172 -8.94 -33.64 11.72
N CYS C 173 -8.18 -34.72 11.56
CA CYS C 173 -7.66 -35.46 12.71
C CYS C 173 -6.45 -36.31 12.35
N ASN C 174 -5.83 -36.81 13.38
CA ASN C 174 -4.79 -37.79 13.28
C ASN C 174 -5.44 -39.06 13.82
N PRO C 175 -4.96 -40.20 13.40
CA PRO C 175 -5.60 -41.43 13.84
C PRO C 175 -5.57 -41.68 15.32
N ALA C 176 -6.63 -42.30 15.77
CA ALA C 176 -6.80 -42.75 17.13
C ALA C 176 -6.97 -44.26 17.02
N GLY C 177 -7.78 -44.83 17.88
CA GLY C 177 -8.05 -46.24 17.80
C GLY C 177 -9.17 -46.56 16.85
N PRO C 178 -9.26 -47.80 16.41
CA PRO C 178 -10.27 -48.36 15.53
C PRO C 178 -11.64 -48.40 16.15
N TYR C 179 -11.75 -48.43 17.46
CA TYR C 179 -13.03 -48.43 18.12
C TYR C 179 -13.49 -47.05 18.47
N HIS C 180 -12.68 -46.06 18.13
CA HIS C 180 -13.01 -44.65 18.43
C HIS C 180 -14.25 -44.23 17.64
N TRP C 181 -15.09 -43.42 18.26
CA TRP C 181 -16.39 -43.04 17.67
C TRP C 181 -16.31 -42.47 16.26
N PHE C 182 -15.27 -41.68 15.99
CA PHE C 182 -15.09 -41.09 14.66
C PHE C 182 -14.80 -42.15 13.58
N LYS C 183 -13.99 -43.15 13.91
CA LYS C 183 -13.70 -44.27 12.97
C LYS C 183 -14.92 -45.16 12.71
N VAL C 184 -15.82 -45.24 13.68
CA VAL C 184 -17.00 -46.10 13.59
C VAL C 184 -18.18 -45.36 12.95
N GLU C 185 -18.47 -44.16 13.46
CA GLU C 185 -19.66 -43.40 13.06
C GLU C 185 -19.48 -42.51 11.82
N TYR C 186 -18.25 -42.18 11.44
CA TYR C 186 -18.01 -41.26 10.30
C TYR C 186 -17.19 -41.91 9.19
N LEU C 187 -15.99 -42.39 9.51
CA LEU C 187 -15.11 -42.98 8.50
C LEU C 187 -15.66 -44.27 7.87
N ASP C 188 -16.42 -45.05 8.63
CA ASP C 188 -17.03 -46.30 8.12
C ASP C 188 -18.44 -46.12 7.58
N LYS C 189 -19.20 -45.17 8.13
CA LYS C 189 -20.50 -44.76 7.60
C LYS C 189 -20.29 -43.53 6.71
N LEU C 190 -19.49 -43.71 5.67
CA LEU C 190 -19.00 -42.63 4.84
C LEU C 190 -20.04 -42.26 3.79
N ASP C 191 -20.52 -43.27 3.06
CA ASP C 191 -21.62 -43.10 2.11
C ASP C 191 -22.95 -42.83 2.80
N GLU C 192 -23.12 -43.40 4.00
CA GLU C 192 -24.30 -43.14 4.84
C GLU C 192 -24.46 -41.66 5.20
N LYS C 193 -23.34 -40.94 5.34
CA LYS C 193 -23.34 -39.48 5.60
C LYS C 193 -22.88 -38.61 4.42
N ASN C 194 -22.36 -39.23 3.35
CA ASN C 194 -22.09 -38.57 2.07
C ASN C 194 -20.92 -37.60 2.17
N LEU C 195 -19.87 -38.02 2.86
CA LEU C 195 -18.67 -37.20 3.07
C LEU C 195 -17.55 -37.67 2.15
N LEU C 196 -16.76 -36.73 1.65
CA LEU C 196 -15.50 -37.05 0.98
C LEU C 196 -14.49 -37.46 2.06
N HIS C 197 -13.50 -38.24 1.66
CA HIS C 197 -12.46 -38.71 2.59
C HIS C 197 -11.13 -38.83 1.87
N LEU C 198 -10.19 -37.94 2.20
CA LEU C 198 -8.83 -37.97 1.68
C LEU C 198 -7.89 -38.35 2.81
N HIS C 199 -7.16 -39.45 2.65
CA HIS C 199 -6.18 -39.89 3.64
C HIS C 199 -4.81 -39.35 3.30
N PHE C 200 -4.16 -38.75 4.28
CA PHE C 200 -2.87 -38.05 4.09
C PHE C 200 -1.70 -38.80 4.73
N THR C 201 -0.59 -38.88 4.00
CA THR C 201 0.71 -39.31 4.56
C THR C 201 1.73 -38.21 4.29
N MET C 202 2.98 -38.44 4.71
CA MET C 202 4.07 -37.49 4.46
C MET C 202 4.37 -37.34 2.96
N ASP C 203 4.10 -38.38 2.17
CA ASP C 203 4.25 -38.34 0.71
C ASP C 203 3.36 -37.30 0.03
N ASP C 204 2.26 -36.91 0.68
CA ASP C 204 1.35 -35.87 0.19
C ASP C 204 1.71 -34.45 0.64
N ASN C 205 2.87 -34.29 1.30
CA ASN C 205 3.49 -32.99 1.55
C ASN C 205 4.74 -32.90 0.69
N LEU C 206 4.65 -32.19 -0.42
CA LEU C 206 5.77 -32.06 -1.38
C LEU C 206 6.91 -31.17 -0.86
N SER C 207 6.61 -30.34 0.15
CA SER C 207 7.64 -29.55 0.85
C SER C 207 8.68 -30.37 1.63
N LEU C 208 8.35 -31.61 2.00
CA LEU C 208 9.23 -32.46 2.82
C LEU C 208 10.24 -33.24 1.98
N SER C 209 11.51 -33.17 2.37
CA SER C 209 12.59 -33.91 1.70
C SER C 209 12.56 -35.39 2.06
N LYS C 210 13.22 -36.20 1.24
CA LYS C 210 13.40 -37.63 1.54
C LYS C 210 14.27 -37.87 2.77
N GLN C 211 15.14 -36.91 3.08
CA GLN C 211 15.92 -36.90 4.34
C GLN C 211 15.05 -36.53 5.54
N VAL C 212 14.20 -35.52 5.37
CA VAL C 212 13.31 -35.04 6.44
C VAL C 212 12.18 -36.05 6.76
N LYS C 213 11.73 -36.81 5.76
CA LYS C 213 10.67 -37.82 5.96
C LYS C 213 11.12 -39.02 6.78
N GLU C 214 12.28 -39.59 6.43
CA GLU C 214 12.87 -40.70 7.21
C GLU C 214 13.45 -40.25 8.55
N ARG C 215 13.69 -38.94 8.69
CA ARG C 215 14.02 -38.32 9.98
C ARG C 215 12.82 -38.34 10.93
N TYR C 216 11.65 -37.92 10.44
CA TYR C 216 10.41 -37.97 11.22
C TYR C 216 9.97 -39.42 11.51
N GLN C 217 10.23 -40.35 10.59
CA GLN C 217 10.03 -41.80 10.82
C GLN C 217 10.85 -42.32 12.02
N ARG C 218 12.05 -41.77 12.19
CA ARG C 218 12.95 -42.14 13.30
C ARG C 218 12.40 -41.71 14.68
N MET C 219 11.59 -40.66 14.71
CA MET C 219 10.99 -40.15 15.94
C MET C 219 9.88 -41.03 16.55
N TYR C 220 9.40 -42.04 15.81
CA TYR C 220 8.31 -42.91 16.28
C TYR C 220 8.59 -44.40 16.07
N LYS C 221 8.11 -45.21 17.03
CA LYS C 221 8.05 -46.67 16.91
C LYS C 221 6.76 -47.17 17.55
N GLY C 222 6.34 -48.38 17.14
CA GLY C 222 5.19 -49.04 17.76
C GLY C 222 3.88 -48.43 17.31
N VAL C 223 3.00 -48.17 18.27
CA VAL C 223 1.63 -47.70 17.98
C VAL C 223 1.62 -46.26 17.47
N PHE C 224 2.58 -45.45 17.93
CA PHE C 224 2.68 -44.04 17.52
C PHE C 224 3.28 -43.87 16.12
N TYR C 225 4.13 -44.80 15.71
CA TYR C 225 4.57 -44.89 14.32
C TYR C 225 3.41 -45.27 13.42
N GLN C 226 2.68 -46.31 13.82
CA GLN C 226 1.52 -46.79 13.07
C GLN C 226 0.43 -45.73 12.91
N ARG C 227 0.19 -44.97 13.98
CA ARG C 227 -0.79 -43.88 13.96
C ARG C 227 -0.27 -42.61 13.27
N TYR C 228 0.78 -42.02 13.83
CA TYR C 228 1.20 -40.68 13.40
C TYR C 228 2.10 -40.60 12.16
N ILE C 229 2.75 -41.70 11.77
CA ILE C 229 3.49 -41.74 10.50
C ILE C 229 2.70 -42.49 9.42
N LEU C 230 2.32 -43.74 9.71
CA LEU C 230 1.57 -44.55 8.73
C LEU C 230 0.12 -44.06 8.48
N GLY C 231 -0.48 -43.40 9.48
CA GLY C 231 -1.82 -42.85 9.32
C GLY C 231 -2.91 -43.88 9.52
N LEU C 232 -2.67 -44.84 10.41
CA LEU C 232 -3.56 -46.00 10.59
C LEU C 232 -4.28 -45.92 11.92
N TRP C 233 -5.54 -46.37 11.93
CA TRP C 233 -6.33 -46.41 13.16
C TRP C 233 -6.12 -47.76 13.86
N VAL C 234 -4.91 -47.94 14.41
CA VAL C 234 -4.53 -49.18 15.11
C VAL C 234 -4.84 -49.13 16.60
N LEU C 235 -5.17 -50.29 17.16
CA LEU C 235 -5.56 -50.41 18.55
C LEU C 235 -4.38 -50.22 19.51
N ALA C 236 -4.60 -49.43 20.56
CA ALA C 236 -3.63 -49.29 21.66
C ALA C 236 -3.75 -50.51 22.60
N GLU C 237 -2.71 -51.34 22.60
CA GLU C 237 -2.70 -52.59 23.37
C GLU C 237 -1.32 -52.84 23.96
N GLY C 238 -1.28 -53.44 25.15
CA GLY C 238 -0.04 -53.89 25.77
C GLY C 238 0.79 -52.80 26.41
N ILE C 239 2.10 -53.08 26.54
CA ILE C 239 3.09 -52.15 27.07
C ILE C 239 3.09 -50.82 26.30
N ILE C 240 2.96 -49.73 27.03
CA ILE C 240 2.88 -48.38 26.44
C ILE C 240 4.21 -47.94 25.84
N TYR C 241 5.28 -48.04 26.61
CA TYR C 241 6.61 -47.62 26.18
C TYR C 241 7.41 -48.82 25.73
N ASP C 242 6.95 -49.42 24.64
CA ASP C 242 7.64 -50.58 24.04
C ASP C 242 8.98 -50.22 23.39
N MET C 243 9.22 -48.92 23.19
CA MET C 243 10.51 -48.41 22.72
C MET C 243 11.55 -48.21 23.82
N PHE C 244 11.14 -48.32 25.09
CA PHE C 244 12.10 -48.25 26.20
C PHE C 244 13.02 -49.47 26.19
N ASP C 245 14.32 -49.23 26.28
CA ASP C 245 15.34 -50.23 26.03
C ASP C 245 16.58 -49.92 26.87
N GLN C 246 16.88 -50.79 27.83
CA GLN C 246 17.95 -50.56 28.79
C GLN C 246 19.37 -50.65 28.17
N ASP C 247 19.47 -51.32 27.01
CA ASP C 247 20.66 -51.23 26.15
C ASP C 247 20.92 -49.81 25.64
N GLU C 248 19.85 -49.06 25.39
CA GLU C 248 19.91 -47.72 24.77
C GLU C 248 19.81 -46.57 25.77
N HIS C 249 18.81 -46.62 26.65
CA HIS C 249 18.36 -45.44 27.43
C HIS C 249 18.95 -45.27 28.82
N VAL C 250 19.65 -46.28 29.35
CA VAL C 250 20.26 -46.19 30.67
C VAL C 250 21.77 -45.94 30.55
N VAL C 251 22.24 -44.99 31.36
CA VAL C 251 23.65 -44.61 31.42
C VAL C 251 24.14 -44.75 32.86
N PRO C 252 25.46 -44.83 33.07
CA PRO C 252 25.99 -45.00 34.43
C PRO C 252 25.78 -43.77 35.31
N THR C 253 25.50 -43.98 36.60
CA THR C 253 25.38 -42.88 37.56
C THR C 253 26.77 -42.32 37.84
N VAL C 254 27.16 -41.29 37.07
CA VAL C 254 28.43 -40.58 37.28
C VAL C 254 28.21 -39.06 37.27
N PRO C 255 29.12 -38.30 37.91
CA PRO C 255 29.12 -36.84 37.82
C PRO C 255 29.20 -36.32 36.39
N ARG C 256 28.34 -35.35 36.06
CA ARG C 256 28.39 -34.66 34.77
C ARG C 256 28.20 -33.15 34.96
N PRO C 257 28.88 -32.32 34.14
CA PRO C 257 28.76 -30.86 34.28
C PRO C 257 27.44 -30.35 33.70
N TYR C 258 26.37 -30.50 34.48
CA TYR C 258 25.02 -30.17 34.04
C TYR C 258 24.83 -28.65 33.98
N GLU C 259 24.33 -28.15 32.84
CA GLU C 259 24.16 -26.72 32.59
C GLU C 259 22.99 -26.15 33.39
N LYS C 260 21.83 -26.81 33.24
CA LYS C 260 20.59 -26.43 33.89
C LYS C 260 20.06 -27.59 34.75
N TYR C 261 19.14 -27.30 35.65
CA TYR C 261 18.43 -28.32 36.45
C TYR C 261 16.93 -28.03 36.56
N TYR C 262 16.13 -29.08 36.54
CA TYR C 262 14.72 -29.04 36.94
C TYR C 262 14.45 -30.19 37.89
N VAL C 263 13.37 -30.06 38.64
CA VAL C 263 12.79 -31.17 39.40
C VAL C 263 11.35 -31.34 38.90
N SER C 264 10.91 -32.59 38.80
CA SER C 264 9.54 -32.92 38.42
C SER C 264 8.91 -33.75 39.51
N CYS C 265 7.64 -33.51 39.81
CA CYS C 265 6.99 -34.10 40.97
C CYS C 265 5.60 -34.64 40.65
N ASP C 266 5.38 -35.92 40.95
CA ASP C 266 4.05 -36.50 41.06
C ASP C 266 3.75 -36.59 42.55
N TYR C 267 2.70 -35.93 43.01
CA TYR C 267 2.42 -35.83 44.45
C TYR C 267 1.53 -36.97 44.91
N GLY C 268 1.79 -37.45 46.12
CA GLY C 268 0.98 -38.49 46.75
C GLY C 268 1.01 -38.43 48.27
N THR C 269 -0.16 -38.60 48.89
CA THR C 269 -0.29 -38.78 50.33
C THR C 269 -0.72 -40.23 50.57
N GLN C 270 -1.89 -40.57 50.05
CA GLN C 270 -2.40 -41.95 49.97
C GLN C 270 -1.58 -42.82 48.99
N ASN C 271 -1.05 -42.21 47.94
CA ASN C 271 -0.23 -42.86 46.92
C ASN C 271 1.25 -42.48 47.12
N PRO C 272 2.16 -43.13 46.36
CA PRO C 272 3.56 -42.70 46.35
C PRO C 272 3.76 -41.28 45.86
N THR C 273 4.70 -40.56 46.47
CA THR C 273 5.20 -39.30 45.93
C THR C 273 6.55 -39.60 45.28
N THR C 274 6.86 -38.86 44.23
CA THR C 274 8.13 -38.96 43.54
C THR C 274 8.64 -37.56 43.18
N PHE C 275 9.95 -37.37 43.27
CA PHE C 275 10.66 -36.25 42.63
C PHE C 275 11.66 -36.85 41.66
N GLY C 276 11.97 -36.13 40.59
CA GLY C 276 13.03 -36.54 39.68
C GLY C 276 13.88 -35.36 39.29
N LEU C 277 15.19 -35.44 39.54
CA LEU C 277 16.13 -34.38 39.16
C LEU C 277 16.55 -34.58 37.72
N TRP C 278 16.23 -33.61 36.87
CA TRP C 278 16.60 -33.63 35.46
C TRP C 278 17.68 -32.59 35.18
N GLY C 279 18.82 -33.03 34.63
CA GLY C 279 19.98 -32.16 34.37
C GLY C 279 20.43 -32.17 32.91
N LEU C 280 20.55 -30.99 32.30
CA LEU C 280 20.92 -30.87 30.88
C LEU C 280 22.43 -30.96 30.70
N TYR C 281 22.88 -31.75 29.72
CA TYR C 281 24.32 -31.92 29.43
C TYR C 281 24.54 -32.27 27.95
N ASN C 282 25.09 -31.32 27.20
CA ASN C 282 25.38 -31.47 25.76
C ASN C 282 24.16 -31.93 24.95
N GLY C 283 23.09 -31.15 25.06
CA GLY C 283 21.87 -31.38 24.28
C GLY C 283 20.91 -32.45 24.79
N VAL C 284 21.26 -33.13 25.89
CA VAL C 284 20.48 -34.28 26.38
C VAL C 284 20.12 -34.08 27.85
N TRP C 285 18.84 -34.31 28.18
CA TRP C 285 18.34 -34.19 29.55
C TRP C 285 18.44 -35.55 30.25
N TYR C 286 19.31 -35.64 31.26
CA TYR C 286 19.50 -36.86 32.04
C TYR C 286 18.63 -36.84 33.28
N LYS C 287 17.91 -37.93 33.55
CA LYS C 287 17.31 -38.10 34.87
C LYS C 287 18.47 -38.46 35.79
N VAL C 288 18.91 -37.49 36.59
CA VAL C 288 20.11 -37.60 37.42
C VAL C 288 19.86 -38.52 38.61
N LYS C 289 18.69 -38.40 39.23
CA LYS C 289 18.27 -39.32 40.30
C LYS C 289 16.77 -39.26 40.55
N GLU C 290 16.27 -40.17 41.38
CA GLU C 290 14.87 -40.26 41.72
C GLU C 290 14.66 -40.34 43.23
N TYR C 291 13.50 -39.88 43.66
CA TYR C 291 13.01 -40.01 45.02
C TYR C 291 11.67 -40.72 44.91
N HIS C 292 11.43 -41.67 45.81
CA HIS C 292 10.23 -42.51 45.74
C HIS C 292 9.85 -42.90 47.16
N TYR C 293 8.80 -42.26 47.66
CA TYR C 293 8.30 -42.48 49.02
C TYR C 293 6.87 -43.01 48.96
N ASP C 294 6.68 -44.28 49.32
CA ASP C 294 5.38 -44.92 49.36
C ASP C 294 4.89 -45.00 50.81
N GLY C 295 3.98 -44.10 51.18
CA GLY C 295 3.40 -44.05 52.52
C GLY C 295 2.67 -45.29 53.01
N ARG C 296 2.12 -46.09 52.08
CA ARG C 296 1.49 -47.39 52.43
C ARG C 296 2.52 -48.40 52.92
N LYS C 297 3.62 -48.50 52.17
CA LYS C 297 4.66 -49.49 52.46
C LYS C 297 5.50 -49.09 53.67
N GLU C 298 5.89 -47.81 53.76
CA GLU C 298 6.61 -47.28 54.92
C GLU C 298 5.71 -47.18 56.16
N ASN C 299 4.38 -47.12 55.94
CA ASN C 299 3.37 -47.08 57.01
C ASN C 299 3.39 -45.73 57.77
N LYS C 300 3.44 -44.65 56.99
CA LYS C 300 3.47 -43.28 57.51
C LYS C 300 3.23 -42.32 56.34
N GLN C 301 2.08 -41.63 56.36
CA GLN C 301 1.79 -40.60 55.36
C GLN C 301 2.60 -39.35 55.66
N LYS C 302 2.96 -38.60 54.62
CA LYS C 302 3.75 -37.37 54.76
C LYS C 302 2.94 -36.14 54.39
N THR C 303 3.33 -35.01 54.96
CA THR C 303 2.64 -33.73 54.79
C THR C 303 3.44 -32.81 53.86
N ASP C 304 2.76 -31.85 53.23
CA ASP C 304 3.39 -30.86 52.34
C ASP C 304 4.75 -30.39 52.89
N GLN C 305 4.75 -30.05 54.19
CA GLN C 305 5.96 -29.60 54.88
C GLN C 305 7.10 -30.63 54.83
N GLU C 306 6.79 -31.89 55.12
CA GLU C 306 7.78 -32.98 55.06
C GLU C 306 8.32 -33.23 53.65
N TYR C 307 7.48 -32.99 52.62
CA TYR C 307 7.92 -33.10 51.22
C TYR C 307 8.81 -31.94 50.78
N TYR C 308 8.50 -30.73 51.27
CA TYR C 308 9.40 -29.58 51.08
C TYR C 308 10.75 -29.85 51.76
N GLU C 309 10.72 -30.39 52.98
CA GLU C 309 11.94 -30.75 53.70
C GLU C 309 12.77 -31.76 52.92
N ASP C 310 12.11 -32.80 52.39
CA ASP C 310 12.79 -33.81 51.57
C ASP C 310 13.23 -33.29 50.20
N LEU C 311 12.49 -32.37 49.63
CA LEU C 311 12.89 -31.75 48.36
C LEU C 311 14.16 -30.91 48.51
N MET C 312 14.32 -30.26 49.66
CA MET C 312 15.50 -29.44 49.92
C MET C 312 16.76 -30.29 50.09
N LYS C 313 16.65 -31.41 50.81
CA LYS C 313 17.73 -32.42 50.86
C LYS C 313 18.11 -32.92 49.45
N PHE C 314 17.07 -33.22 48.67
CA PHE C 314 17.17 -33.71 47.28
C PHE C 314 17.93 -32.77 46.32
N ILE C 315 17.91 -31.46 46.58
CA ILE C 315 18.63 -30.46 45.73
C ILE C 315 19.72 -29.64 46.45
N GLU C 316 20.23 -30.15 47.58
CA GLU C 316 21.34 -29.51 48.31
C GLU C 316 22.55 -29.24 47.40
N ASP C 317 22.97 -30.28 46.68
CA ASP C 317 24.26 -30.30 46.01
C ASP C 317 24.34 -29.42 44.76
N ILE C 318 23.19 -29.17 44.13
CA ILE C 318 23.15 -28.37 42.89
C ILE C 318 23.27 -26.88 43.18
N GLU C 319 23.94 -26.15 42.28
CA GLU C 319 24.12 -24.69 42.43
C GLU C 319 22.81 -24.01 42.03
N LYS C 320 22.34 -23.10 42.85
CA LYS C 320 21.06 -22.48 42.62
C LYS C 320 20.95 -21.76 41.33
N HIS C 321 22.02 -21.18 40.85
CA HIS C 321 21.90 -20.46 39.59
C HIS C 321 21.46 -21.38 38.45
N LYS C 322 21.88 -22.64 38.50
CA LYS C 322 21.52 -23.61 37.48
C LYS C 322 20.14 -24.24 37.66
N PHE C 323 19.56 -24.10 38.83
CA PHE C 323 18.23 -24.65 39.07
C PHE C 323 17.14 -23.74 38.59
N LYS C 324 16.20 -24.26 37.83
CA LYS C 324 15.15 -23.43 37.25
C LYS C 324 13.72 -23.73 37.74
N GLY C 325 13.56 -24.50 38.81
CA GLY C 325 12.27 -24.67 39.47
C GLY C 325 11.65 -26.06 39.41
N VAL C 326 10.62 -26.26 40.21
CA VAL C 326 9.95 -27.55 40.36
C VAL C 326 8.74 -27.58 39.44
N ILE C 327 8.45 -28.76 38.87
CA ILE C 327 7.27 -28.96 38.02
C ILE C 327 6.34 -29.90 38.77
N VAL C 328 5.29 -29.33 39.37
CA VAL C 328 4.35 -30.07 40.20
C VAL C 328 3.06 -30.29 39.42
N ASP C 329 2.45 -31.47 39.61
CA ASP C 329 1.12 -31.76 39.04
C ASP C 329 0.09 -30.78 39.57
N PRO C 330 -0.89 -30.40 38.74
CA PRO C 330 -1.80 -29.31 39.15
C PRO C 330 -2.70 -29.63 40.35
N SER C 331 -2.95 -30.91 40.61
CA SER C 331 -3.75 -31.35 41.75
C SER C 331 -3.13 -31.02 43.12
N ALA C 332 -1.80 -31.07 43.22
CA ALA C 332 -1.11 -30.81 44.50
C ALA C 332 -1.01 -29.31 44.82
N ALA C 333 -2.17 -28.66 44.93
CA ALA C 333 -2.25 -27.20 44.99
C ALA C 333 -1.69 -26.65 46.28
N SER C 334 -2.02 -27.29 47.41
CA SER C 334 -1.49 -26.90 48.72
C SER C 334 0.05 -26.96 48.79
N PHE C 335 0.63 -27.97 48.15
CA PHE C 335 2.08 -28.13 48.08
C PHE C 335 2.72 -26.99 47.26
N ILE C 336 2.04 -26.55 46.20
CA ILE C 336 2.55 -25.45 45.36
C ILE C 336 2.52 -24.11 46.12
N ALA C 337 1.54 -23.94 47.01
CA ALA C 337 1.48 -22.75 47.85
C ALA C 337 2.65 -22.71 48.82
N LEU C 338 3.00 -23.89 49.36
CA LEU C 338 4.12 -24.01 50.29
C LEU C 338 5.43 -23.71 49.60
N LEU C 339 5.67 -24.36 48.46
CA LEU C 339 6.89 -24.11 47.68
C LEU C 339 7.01 -22.66 47.24
N ARG C 340 5.90 -22.00 46.94
CA ARG C 340 5.90 -20.58 46.58
C ARG C 340 6.15 -19.66 47.77
N GLN C 341 5.64 -20.01 48.96
CA GLN C 341 6.01 -19.32 50.20
C GLN C 341 7.53 -19.33 50.43
N LYS C 342 8.18 -20.45 50.11
CA LYS C 342 9.61 -20.63 50.35
C LYS C 342 10.51 -20.06 49.24
N GLY C 343 9.93 -19.36 48.25
CA GLY C 343 10.71 -18.79 47.15
C GLY C 343 11.19 -19.77 46.09
N ILE C 344 10.62 -20.97 46.06
CA ILE C 344 10.94 -21.98 45.05
C ILE C 344 10.04 -21.70 43.85
N LYS C 345 10.63 -21.59 42.66
CA LYS C 345 9.86 -21.45 41.42
C LYS C 345 9.12 -22.75 41.14
N VAL C 346 7.85 -22.61 40.76
CA VAL C 346 6.99 -23.75 40.45
C VAL C 346 6.31 -23.53 39.11
N ILE C 347 6.23 -24.59 38.32
CA ILE C 347 5.52 -24.57 37.02
C ILE C 347 4.43 -25.65 37.09
N LYS C 348 3.23 -25.33 36.61
CA LYS C 348 2.16 -26.33 36.55
C LYS C 348 2.37 -27.22 35.34
N ALA C 349 2.01 -28.50 35.49
CA ALA C 349 2.36 -29.54 34.51
C ALA C 349 1.66 -29.36 33.17
N ASN C 351 0.61 -31.98 31.60
CA ASN C 351 -0.59 -32.56 32.21
C ASN C 351 -1.48 -33.31 31.22
N ASP C 352 -1.33 -33.00 29.93
CA ASP C 352 -2.07 -33.68 28.87
C ASP C 352 -1.54 -35.12 28.73
N VAL C 353 -2.41 -36.11 28.98
CA VAL C 353 -1.99 -37.49 29.23
C VAL C 353 -1.57 -38.23 27.96
N LEU C 354 -2.51 -38.47 27.06
CA LEU C 354 -2.26 -39.17 25.79
C LEU C 354 -1.21 -38.45 24.95
N ASP C 355 -1.29 -37.12 24.94
CA ASP C 355 -0.30 -36.25 24.29
C ASP C 355 1.08 -36.29 24.96
N GLY C 356 1.11 -36.37 26.28
CA GLY C 356 2.35 -36.47 27.03
C GLY C 356 3.04 -37.81 26.81
N ILE C 357 2.26 -38.88 26.80
CA ILE C 357 2.78 -40.22 26.55
C ILE C 357 3.43 -40.30 25.17
N ARG C 358 2.83 -39.63 24.19
CA ARG C 358 3.41 -39.51 22.85
C ARG C 358 4.75 -38.77 22.85
N ASN C 359 4.83 -37.67 23.60
CA ASN C 359 6.07 -36.90 23.72
C ASN C 359 7.18 -37.63 24.48
N VAL C 360 6.83 -38.34 25.54
CA VAL C 360 7.80 -39.18 26.26
C VAL C 360 8.39 -40.20 25.29
N ALA C 361 7.52 -40.89 24.54
CA ALA C 361 7.94 -41.88 23.53
C ALA C 361 8.91 -41.31 22.50
N THR C 362 8.58 -40.13 21.97
CA THR C 362 9.42 -39.46 20.95
C THR C 362 10.75 -39.00 21.53
N ALA C 363 10.72 -38.48 22.76
CA ALA C 363 11.95 -38.17 23.48
C ALA C 363 12.85 -39.40 23.61
N LEU C 364 12.25 -40.55 23.95
CA LEU C 364 12.97 -41.82 24.01
C LEU C 364 13.53 -42.23 22.65
N ASN C 365 12.71 -42.14 21.60
CA ASN C 365 13.12 -42.47 20.21
C ASN C 365 14.25 -41.57 19.71
N LYS C 366 14.09 -40.27 19.93
CA LYS C 366 15.10 -39.26 19.58
C LYS C 366 16.35 -39.29 20.49
N LYS C 367 16.23 -39.92 21.65
CA LYS C 367 17.23 -39.85 22.74
C LYS C 367 17.44 -38.43 23.28
N MET C 368 16.35 -37.67 23.34
CA MET C 368 16.33 -36.38 24.03
C MET C 368 16.46 -36.54 25.54
N ILE C 369 16.13 -37.73 26.06
CA ILE C 369 16.37 -38.06 27.47
C ILE C 369 17.15 -39.35 27.66
N LEU C 370 17.95 -39.40 28.72
CA LEU C 370 18.61 -40.61 29.19
C LEU C 370 18.42 -40.73 30.71
N TYR C 371 18.64 -41.92 31.25
CA TYR C 371 18.40 -42.19 32.66
C TYR C 371 19.67 -42.71 33.32
N ASN C 372 20.00 -42.17 34.49
CA ASN C 372 21.04 -42.76 35.32
C ASN C 372 20.56 -44.11 35.82
N ASP C 373 21.49 -45.05 35.99
CA ASP C 373 21.13 -46.43 36.34
C ASP C 373 20.58 -46.61 37.76
N CYS C 374 20.69 -45.57 38.60
CA CYS C 374 20.08 -45.59 39.93
C CYS C 374 18.58 -45.27 39.94
N CYS C 375 18.00 -44.90 38.79
CA CYS C 375 16.55 -44.69 38.67
C CYS C 375 15.81 -46.03 38.58
N LYS C 376 15.93 -46.84 39.62
CA LYS C 376 15.48 -48.24 39.56
C LYS C 376 13.97 -48.38 39.59
N GLU C 377 13.28 -47.52 40.35
CA GLU C 377 11.82 -47.55 40.40
C GLU C 377 11.21 -47.15 39.07
N THR C 378 11.75 -46.12 38.46
CA THR C 378 11.34 -45.69 37.11
C THR C 378 11.39 -46.87 36.13
N PHE C 379 12.49 -47.62 36.16
CA PHE C 379 12.66 -48.77 35.25
C PHE C 379 11.68 -49.91 35.51
N ARG C 380 11.37 -50.18 36.77
CA ARG C 380 10.35 -51.19 37.11
C ARG C 380 8.95 -50.77 36.65
N GLU C 381 8.62 -49.48 36.80
CA GLU C 381 7.38 -48.93 36.28
C GLU C 381 7.29 -48.99 34.75
N TYR C 382 8.39 -48.73 34.05
CA TYR C 382 8.41 -48.82 32.57
C TYR C 382 7.95 -50.18 32.03
N SER C 383 8.38 -51.26 32.66
CA SER C 383 8.09 -52.61 32.20
C SER C 383 6.69 -53.11 32.55
N SER C 384 5.95 -52.36 33.37
CA SER C 384 4.58 -52.73 33.74
C SER C 384 3.53 -51.68 33.37
N TYR C 385 3.93 -50.62 32.65
CA TYR C 385 3.01 -49.54 32.29
C TYR C 385 2.32 -49.96 30.98
N VAL C 386 1.01 -50.19 31.06
CA VAL C 386 0.24 -50.81 29.96
C VAL C 386 -1.03 -50.02 29.63
N TRP C 387 -1.45 -50.09 28.37
CA TRP C 387 -2.74 -49.53 27.95
C TRP C 387 -3.89 -50.30 28.60
N ASP C 388 -4.96 -49.60 28.95
CA ASP C 388 -6.20 -50.22 29.43
C ASP C 388 -6.89 -50.92 28.26
N GLU C 389 -6.80 -52.26 28.27
CA GLU C 389 -7.27 -53.10 27.17
C GLU C 389 -8.75 -52.93 26.92
N LYS C 390 -9.54 -53.10 27.98
CA LYS C 390 -11.00 -53.02 27.90
C LYS C 390 -11.43 -51.67 27.31
N ALA C 391 -10.86 -50.59 27.86
CA ALA C 391 -11.20 -49.22 27.44
C ALA C 391 -10.90 -48.92 25.97
N ALA C 392 -9.77 -49.40 25.47
CA ALA C 392 -9.41 -49.26 24.05
C ALA C 392 -10.41 -49.93 23.11
N GLU C 393 -10.98 -51.06 23.55
CA GLU C 393 -12.02 -51.76 22.79
C GLU C 393 -13.40 -51.07 22.83
N ARG C 394 -13.59 -50.15 23.78
CA ARG C 394 -14.71 -49.20 23.80
C ARG C 394 -14.38 -47.80 23.20
N GLY C 395 -13.28 -47.69 22.44
CA GLY C 395 -12.88 -46.42 21.80
C GLY C 395 -11.89 -45.52 22.52
N GLU C 396 -11.81 -45.61 23.86
CA GLU C 396 -11.01 -44.68 24.67
C GLU C 396 -9.56 -45.17 24.87
N ASP C 397 -8.59 -44.30 24.58
CA ASP C 397 -7.18 -44.60 24.81
C ASP C 397 -6.73 -44.00 26.15
N LYS C 398 -6.43 -44.86 27.12
CA LYS C 398 -5.95 -44.43 28.44
C LYS C 398 -4.96 -45.46 29.02
N PRO C 399 -4.01 -45.00 29.86
CA PRO C 399 -3.19 -45.96 30.60
C PRO C 399 -3.96 -46.59 31.78
N VAL C 400 -3.56 -47.80 32.17
CA VAL C 400 -4.00 -48.36 33.44
C VAL C 400 -3.14 -47.67 34.50
N LYS C 401 -3.79 -46.91 35.38
CA LYS C 401 -3.09 -46.07 36.36
C LYS C 401 -2.62 -46.89 37.56
N GLN C 402 -1.51 -47.58 37.37
CA GLN C 402 -0.92 -48.45 38.39
C GLN C 402 0.60 -48.49 38.21
N ASN C 403 1.34 -48.08 39.24
CA ASN C 403 2.80 -47.95 39.19
C ASN C 403 3.19 -47.02 38.05
N ASP C 404 2.66 -45.80 38.09
CA ASP C 404 2.87 -44.79 37.06
C ASP C 404 3.31 -43.46 37.67
N HIS C 405 3.89 -43.53 38.87
CA HIS C 405 4.13 -42.36 39.70
C HIS C 405 5.42 -41.67 39.26
N GLN C 406 6.48 -42.44 39.08
CA GLN C 406 7.70 -41.95 38.42
C GLN C 406 7.44 -41.56 36.96
N LEU C 407 6.63 -42.35 36.25
CA LEU C 407 6.36 -42.10 34.83
C LEU C 407 5.52 -40.84 34.59
N ASP C 408 4.57 -40.57 35.48
CA ASP C 408 3.81 -39.32 35.46
C ASP C 408 4.72 -38.11 35.68
N ALA C 409 5.62 -38.24 36.66
CA ALA C 409 6.65 -37.22 36.91
C ALA C 409 7.55 -36.95 35.70
N ASP C 410 8.00 -38.03 35.06
CA ASP C 410 8.77 -37.94 33.79
C ASP C 410 7.96 -37.27 32.68
N ARG C 411 6.68 -37.60 32.59
CA ARG C 411 5.78 -37.03 31.60
C ARG C 411 5.56 -35.52 31.82
N TYR C 412 5.41 -35.11 33.07
CA TYR C 412 5.24 -33.69 33.37
C TYR C 412 6.47 -32.91 32.94
N PHE C 413 7.66 -33.43 33.26
CA PHE C 413 8.91 -32.80 32.84
C PHE C 413 9.04 -32.71 31.31
N VAL C 414 8.94 -33.86 30.65
CA VAL C 414 9.13 -33.95 29.19
C VAL C 414 8.11 -33.08 28.46
N ASN C 415 6.84 -33.23 28.83
CA ASN C 415 5.74 -32.54 28.14
C ASN C 415 5.71 -31.02 28.38
N THR C 416 6.20 -30.58 29.54
CA THR C 416 6.23 -29.16 29.91
C THR C 416 7.46 -28.40 29.40
N ILE C 417 8.65 -29.02 29.50
CA ILE C 417 9.92 -28.35 29.19
C ILE C 417 10.41 -28.63 27.76
N LEU C 418 10.51 -29.92 27.41
CA LEU C 418 11.04 -30.31 26.09
C LEU C 418 10.07 -30.04 24.93
N PHE C 419 8.76 -30.10 25.19
CA PHE C 419 7.73 -29.88 24.17
C PHE C 419 6.85 -28.68 24.53
N GLY C 420 6.29 -28.02 23.50
CA GLY C 420 5.50 -26.81 23.67
C GLY C 420 6.36 -25.59 23.99
N PRO D 16 -18.60 15.53 -17.35
CA PRO D 16 -19.34 16.78 -17.58
C PRO D 16 -20.34 17.08 -16.47
N PHE D 17 -20.18 18.23 -15.81
CA PHE D 17 -20.99 18.61 -14.64
C PHE D 17 -21.98 19.72 -14.97
N SER D 18 -23.22 19.53 -14.51
CA SER D 18 -24.28 20.52 -14.67
C SER D 18 -24.15 21.61 -13.61
N LYS D 19 -24.90 22.69 -13.83
CA LYS D 19 -24.97 23.79 -12.88
C LYS D 19 -25.60 23.36 -11.54
N LYS D 20 -26.50 22.37 -11.60
CA LYS D 20 -27.17 21.86 -10.40
C LYS D 20 -26.29 20.94 -9.57
N GLN D 21 -25.50 20.09 -10.23
CA GLN D 21 -24.50 19.27 -9.55
C GLN D 21 -23.46 20.14 -8.81
N LEU D 22 -23.11 21.28 -9.39
CA LEU D 22 -22.21 22.24 -8.73
C LEU D 22 -22.81 22.89 -7.49
N LYS D 23 -24.13 23.12 -7.51
CA LYS D 23 -24.83 23.62 -6.32
C LYS D 23 -24.70 22.64 -5.15
N VAL D 24 -24.74 21.35 -5.45
CA VAL D 24 -24.52 20.29 -4.45
C VAL D 24 -23.09 20.35 -3.90
N LEU D 25 -22.11 20.55 -4.79
CA LEU D 25 -20.70 20.66 -4.38
C LEU D 25 -20.34 21.93 -3.60
N THR D 26 -21.11 23.01 -3.77
CA THR D 26 -20.73 24.34 -3.27
C THR D 26 -21.62 24.99 -2.19
N TRP D 27 -22.87 24.55 -2.04
CA TRP D 27 -23.86 25.27 -1.19
C TRP D 27 -23.41 25.58 0.25
N TRP D 28 -22.67 24.64 0.84
CA TRP D 28 -22.20 24.70 2.23
C TRP D 28 -21.06 25.69 2.46
N ARG D 29 -20.30 26.01 1.41
CA ARG D 29 -19.13 26.88 1.51
C ARG D 29 -19.51 28.30 1.97
N LYS D 30 -18.60 28.96 2.67
CA LYS D 30 -18.85 30.33 3.19
C LYS D 30 -19.22 31.32 2.08
N ALA D 31 -18.55 31.21 0.94
CA ALA D 31 -18.83 32.03 -0.25
C ALA D 31 -20.28 31.93 -0.74
N SER D 32 -20.87 30.73 -0.66
CA SER D 32 -22.27 30.51 -1.09
C SER D 32 -23.26 31.33 -0.22
N PRO D 33 -24.33 31.86 -0.84
CA PRO D 33 -25.30 32.67 -0.10
C PRO D 33 -26.23 31.86 0.81
N VAL D 34 -26.32 30.54 0.57
CA VAL D 34 -27.20 29.66 1.33
C VAL D 34 -26.44 28.74 2.32
N SER D 35 -25.29 29.22 2.80
CA SER D 35 -24.46 28.45 3.74
C SER D 35 -25.01 28.39 5.17
N ASP D 36 -25.99 29.25 5.49
CA ASP D 36 -26.62 29.26 6.82
C ASP D 36 -27.48 28.02 7.13
N LYS D 37 -27.93 27.33 6.09
CA LYS D 37 -28.83 26.17 6.22
C LYS D 37 -28.26 25.01 7.04
N ASP D 38 -29.16 24.22 7.63
CA ASP D 38 -28.81 23.08 8.49
C ASP D 38 -28.89 21.73 7.76
N GLY D 39 -28.83 21.76 6.43
CA GLY D 39 -28.86 20.52 5.65
C GLY D 39 -29.32 20.68 4.22
N ILE D 40 -29.38 19.56 3.51
CA ILE D 40 -29.83 19.51 2.11
C ILE D 40 -30.59 18.21 1.81
N ILE D 41 -31.62 18.32 0.96
CA ILE D 41 -32.34 17.18 0.39
C ILE D 41 -32.18 17.26 -1.12
N CYS D 42 -31.49 16.31 -1.73
CA CYS D 42 -31.50 16.17 -3.19
C CYS D 42 -32.33 14.95 -3.56
N ASP D 43 -33.53 15.19 -4.09
CA ASP D 43 -34.36 14.11 -4.62
C ASP D 43 -34.47 14.25 -6.13
N GLY D 44 -35.16 13.29 -6.76
CA GLY D 44 -35.41 13.32 -8.19
C GLY D 44 -35.23 11.98 -8.85
N SER D 45 -34.97 12.00 -10.15
CA SER D 45 -34.98 10.80 -10.99
C SER D 45 -33.81 9.86 -10.69
N ILE D 46 -33.92 8.64 -11.21
CA ILE D 46 -32.77 7.73 -11.29
C ILE D 46 -31.81 8.21 -12.38
N ARG D 47 -30.54 7.81 -12.25
CA ARG D 47 -29.49 8.13 -13.24
C ARG D 47 -29.33 9.65 -13.44
N ALA D 48 -29.37 10.38 -12.33
CA ALA D 48 -29.19 11.83 -12.33
C ALA D 48 -27.77 12.28 -11.96
N GLY D 49 -26.96 11.38 -11.42
CA GLY D 49 -25.63 11.72 -10.93
C GLY D 49 -25.63 12.60 -9.70
N LYS D 50 -26.62 12.42 -8.83
CA LYS D 50 -26.75 13.20 -7.59
C LYS D 50 -26.16 12.50 -6.36
N THR D 51 -26.13 11.17 -6.37
CA THR D 51 -25.67 10.38 -5.22
C THR D 51 -24.19 10.58 -4.89
N ILE D 52 -23.33 10.35 -5.88
CA ILE D 52 -21.88 10.37 -5.67
C ILE D 52 -21.38 11.80 -5.48
N VAL D 53 -21.93 12.73 -6.25
CA VAL D 53 -21.60 14.14 -6.07
C VAL D 53 -22.04 14.67 -4.70
N MET D 54 -23.17 14.20 -4.17
CA MET D 54 -23.58 14.54 -2.80
C MET D 54 -22.63 13.94 -1.76
N SER D 55 -22.30 12.66 -1.92
CA SER D 55 -21.39 11.98 -1.01
C SER D 55 -20.00 12.59 -1.04
N PHE D 56 -19.55 13.01 -2.24
CA PHE D 56 -18.30 13.74 -2.35
C PHE D 56 -18.39 15.09 -1.63
N SER D 57 -19.43 15.85 -1.93
CA SER D 57 -19.66 17.14 -1.25
C SER D 57 -19.77 16.98 0.27
N TYR D 58 -20.41 15.91 0.72
CA TYR D 58 -20.53 15.60 2.14
C TYR D 58 -19.15 15.47 2.77
N VAL D 59 -18.31 14.62 2.20
CA VAL D 59 -16.96 14.40 2.73
C VAL D 59 -16.14 15.70 2.65
N MET D 60 -16.12 16.35 1.49
CA MET D 60 -15.49 17.68 1.34
C MET D 60 -15.94 18.66 2.42
N TRP D 61 -17.24 18.73 2.66
CA TRP D 61 -17.79 19.61 3.71
C TRP D 61 -17.26 19.21 5.09
N ALA D 62 -17.41 17.93 5.44
CA ALA D 62 -17.06 17.43 6.77
C ALA D 62 -15.59 17.62 7.12
N MET D 63 -14.71 17.34 6.15
CA MET D 63 -13.26 17.50 6.32
C MET D 63 -12.81 18.95 6.46
N ASP D 64 -13.40 19.83 5.64
CA ASP D 64 -13.10 21.26 5.71
C ASP D 64 -13.58 21.92 7.01
N THR D 65 -14.72 21.46 7.53
CA THR D 65 -15.39 22.13 8.65
C THR D 65 -14.96 21.63 10.03
N PHE D 66 -14.66 20.34 10.16
CA PHE D 66 -14.40 19.71 11.47
C PHE D 66 -13.05 19.00 11.57
N ASN D 67 -12.72 18.58 12.80
CA ASN D 67 -11.54 17.77 13.06
C ASN D 67 -11.76 16.77 14.21
N GLU D 68 -11.33 15.53 13.99
CA GLU D 68 -11.45 14.42 14.98
C GLU D 68 -12.89 14.19 15.45
N GLN D 69 -13.85 14.42 14.55
CA GLN D 69 -15.28 14.31 14.84
C GLN D 69 -15.85 13.17 14.01
N ASN D 70 -16.98 12.64 14.46
CA ASN D 70 -17.60 11.46 13.84
C ASN D 70 -18.73 11.85 12.89
N PHE D 71 -18.83 11.10 11.79
CA PHE D 71 -19.83 11.35 10.76
C PHE D 71 -20.54 10.05 10.41
N GLY D 72 -21.82 10.17 10.10
CA GLY D 72 -22.64 9.03 9.76
C GLY D 72 -22.98 9.04 8.29
N MET D 73 -22.99 7.86 7.69
CA MET D 73 -23.41 7.65 6.32
C MET D 73 -24.28 6.41 6.34
N ALA D 74 -25.55 6.55 5.93
CA ALA D 74 -26.50 5.46 5.98
C ALA D 74 -27.11 5.17 4.60
N GLY D 75 -27.39 3.90 4.37
CA GLY D 75 -28.14 3.43 3.22
C GLY D 75 -29.24 2.49 3.68
N LYS D 76 -29.92 1.87 2.71
CA LYS D 76 -30.93 0.83 2.99
C LYS D 76 -30.25 -0.36 3.67
N THR D 77 -29.10 -0.77 3.13
CA THR D 77 -28.16 -1.70 3.77
C THR D 77 -26.77 -1.08 3.72
N ILE D 78 -25.79 -1.75 4.34
CA ILE D 78 -24.38 -1.32 4.21
C ILE D 78 -23.83 -1.75 2.84
N GLY D 79 -24.19 -2.96 2.42
CA GLY D 79 -23.77 -3.48 1.11
C GLY D 79 -24.25 -2.64 -0.05
N ALA D 80 -25.51 -2.21 0.01
CA ALA D 80 -26.07 -1.26 -0.95
C ALA D 80 -25.34 0.08 -0.89
N LEU D 81 -25.12 0.58 0.33
CA LEU D 81 -24.37 1.82 0.54
C LEU D 81 -22.94 1.74 0.00
N ARG D 82 -22.31 0.57 0.12
CA ARG D 82 -20.96 0.35 -0.44
C ARG D 82 -20.92 0.30 -1.98
N ARG D 83 -21.93 -0.33 -2.60
CA ARG D 83 -22.02 -0.41 -4.06
C ARG D 83 -22.46 0.91 -4.70
N ASN D 84 -23.49 1.54 -4.13
CA ASN D 84 -24.04 2.79 -4.69
C ASN D 84 -23.09 3.97 -4.48
N VAL D 85 -22.62 4.14 -3.25
CA VAL D 85 -21.91 5.36 -2.85
C VAL D 85 -20.39 5.16 -2.66
N ILE D 86 -20.00 4.24 -1.79
CA ILE D 86 -18.66 4.25 -1.19
C ILE D 86 -17.55 3.75 -2.12
N THR D 87 -17.80 2.68 -2.86
CA THR D 87 -16.80 2.17 -3.80
C THR D 87 -16.42 3.26 -4.82
N PRO D 88 -17.42 3.93 -5.46
CA PRO D 88 -17.16 5.16 -6.23
C PRO D 88 -16.55 6.33 -5.44
N LEU D 89 -17.07 6.60 -4.25
CA LEU D 89 -16.60 7.72 -3.42
C LEU D 89 -15.11 7.62 -3.12
N LYS D 90 -14.67 6.43 -2.69
CA LYS D 90 -13.25 6.19 -2.35
C LYS D 90 -12.26 6.45 -3.49
N ARG D 91 -12.68 6.19 -4.73
CA ARG D 91 -11.88 6.52 -5.92
C ARG D 91 -11.82 8.04 -6.11
N MET D 92 -12.99 8.68 -6.15
CA MET D 92 -13.07 10.14 -6.28
C MET D 92 -12.28 10.88 -5.19
N LEU D 93 -12.28 10.33 -3.97
CA LEU D 93 -11.51 10.90 -2.86
C LEU D 93 -9.99 10.73 -3.06
N LYS D 94 -9.55 9.48 -3.22
CA LYS D 94 -8.12 9.17 -3.47
C LYS D 94 -7.55 9.88 -4.71
N SER D 95 -8.38 10.14 -5.71
CA SER D 95 -7.98 10.90 -6.89
C SER D 95 -7.56 12.35 -6.58
N ARG D 96 -8.21 12.97 -5.58
CA ARG D 96 -7.91 14.35 -5.17
C ARG D 96 -7.02 14.45 -3.91
N GLY D 97 -6.14 13.47 -3.70
CA GLY D 97 -5.16 13.50 -2.61
C GLY D 97 -5.72 13.33 -1.20
N TYR D 98 -6.82 12.58 -1.05
CA TYR D 98 -7.34 12.21 0.26
C TYR D 98 -6.76 10.85 0.63
N ARG D 99 -6.29 10.71 1.88
CA ARG D 99 -5.80 9.43 2.40
C ARG D 99 -6.98 8.71 3.07
N VAL D 100 -7.52 7.71 2.38
CA VAL D 100 -8.74 7.01 2.79
C VAL D 100 -8.41 5.58 3.26
N LYS D 101 -8.48 5.36 4.57
CA LYS D 101 -8.29 4.04 5.17
C LYS D 101 -9.65 3.41 5.49
N ASP D 102 -9.99 2.33 4.79
CA ASP D 102 -11.26 1.62 5.01
C ASP D 102 -11.10 0.47 5.99
N HIS D 103 -12.01 0.43 6.98
CA HIS D 103 -12.06 -0.62 7.99
C HIS D 103 -13.30 -1.48 7.74
N ARG D 104 -13.12 -2.53 6.95
CA ARG D 104 -14.23 -3.35 6.45
C ARG D 104 -15.04 -4.08 7.54
N ALA D 105 -14.36 -4.55 8.59
CA ALA D 105 -15.02 -5.22 9.73
C ALA D 105 -15.82 -4.23 10.57
N ASP D 106 -15.17 -3.11 10.91
CA ASP D 106 -15.75 -2.10 11.80
C ASP D 106 -16.76 -1.18 11.10
N ASN D 107 -16.78 -1.19 9.76
CA ASN D 107 -17.70 -0.39 8.94
C ASN D 107 -17.62 1.12 9.21
N TYR D 108 -16.39 1.62 9.13
CA TYR D 108 -16.13 3.05 9.18
C TYR D 108 -14.87 3.38 8.37
N LEU D 109 -14.68 4.65 8.07
CA LEU D 109 -13.54 5.11 7.31
C LEU D 109 -12.81 6.21 8.07
N THR D 110 -11.49 6.08 8.16
CA THR D 110 -10.62 7.18 8.53
C THR D 110 -10.27 7.89 7.23
N ILE D 111 -10.61 9.17 7.15
CA ILE D 111 -10.22 10.03 6.03
C ILE D 111 -9.40 11.19 6.60
N THR D 112 -8.25 11.45 5.99
CA THR D 112 -7.38 12.56 6.41
C THR D 112 -7.01 13.44 5.20
N PHE D 113 -6.92 14.74 5.42
CA PHE D 113 -6.63 15.69 4.36
C PHE D 113 -5.94 16.95 4.90
N LYS D 114 -4.68 17.15 4.48
CA LYS D 114 -3.87 18.30 4.88
C LYS D 114 -3.84 18.46 6.40
N GLY D 115 -3.54 17.37 7.09
CA GLY D 115 -3.46 17.36 8.55
C GLY D 115 -4.76 17.08 9.30
N LYS D 116 -5.91 17.42 8.70
CA LYS D 116 -7.21 17.15 9.31
C LYS D 116 -7.61 15.69 9.19
N THR D 117 -8.39 15.20 10.15
CA THR D 117 -8.78 13.78 10.23
C THR D 117 -10.17 13.60 10.83
N ASN D 118 -11.10 13.03 10.06
CA ASN D 118 -12.44 12.71 10.54
C ASN D 118 -12.82 11.27 10.22
N TYR D 119 -13.71 10.72 11.05
CA TYR D 119 -14.10 9.31 11.01
C TYR D 119 -15.54 9.19 10.48
N PHE D 120 -15.76 8.30 9.53
CA PHE D 120 -17.02 8.21 8.77
C PHE D 120 -17.67 6.85 8.90
N TYR D 121 -18.64 6.74 9.83
CA TYR D 121 -19.26 5.46 10.18
C TYR D 121 -20.35 5.10 9.18
N LEU D 122 -20.50 3.81 8.92
CA LEU D 122 -21.45 3.30 7.93
C LEU D 122 -22.61 2.54 8.58
N PHE D 123 -23.84 2.92 8.22
CA PHE D 123 -25.04 2.35 8.82
C PHE D 123 -26.00 1.75 7.79
N GLY D 124 -26.90 0.91 8.28
CA GLY D 124 -28.10 0.48 7.56
C GLY D 124 -29.33 0.75 8.40
N GLY D 125 -30.49 0.86 7.77
CA GLY D 125 -31.75 1.10 8.47
C GLY D 125 -32.29 -0.13 9.15
N LYS D 126 -32.25 -1.26 8.44
CA LYS D 126 -32.77 -2.54 8.93
C LYS D 126 -31.85 -3.25 9.95
N ASP D 127 -30.55 -2.92 9.93
CA ASP D 127 -29.51 -3.76 10.53
C ASP D 127 -29.41 -3.67 12.07
N GLU D 128 -29.05 -4.80 12.70
CA GLU D 128 -28.98 -4.93 14.16
C GLU D 128 -27.77 -4.20 14.77
N SER D 129 -26.61 -4.29 14.11
CA SER D 129 -25.39 -3.58 14.56
C SER D 129 -25.60 -2.06 14.59
N SER D 130 -26.22 -1.54 13.54
CA SER D 130 -26.54 -0.12 13.41
C SER D 130 -27.55 0.39 14.45
N GLN D 131 -28.52 -0.44 14.82
CA GLN D 131 -29.48 -0.10 15.88
C GLN D 131 -28.81 0.08 17.25
N ASP D 132 -27.81 -0.74 17.55
CA ASP D 132 -27.01 -0.60 18.76
C ASP D 132 -26.10 0.63 18.66
N LEU D 133 -25.29 0.68 17.61
CA LEU D 133 -24.27 1.72 17.42
C LEU D 133 -24.83 3.14 17.33
N ILE D 134 -25.94 3.32 16.62
CA ILE D 134 -26.54 4.66 16.45
C ILE D 134 -27.03 5.27 17.77
N GLN D 135 -27.49 4.43 18.71
CA GLN D 135 -27.97 4.92 20.01
C GLN D 135 -26.91 5.69 20.82
N GLY D 136 -25.66 5.21 20.79
CA GLY D 136 -24.59 5.74 21.64
C GLY D 136 -23.60 6.73 21.05
N ILE D 137 -23.68 6.99 19.74
CA ILE D 137 -22.64 7.77 19.05
C ILE D 137 -23.00 9.25 18.92
N THR D 138 -22.02 10.13 19.12
CA THR D 138 -22.18 11.57 18.90
C THR D 138 -21.72 11.88 17.48
N LEU D 139 -22.60 12.50 16.68
CA LEU D 139 -22.31 12.83 15.30
C LEU D 139 -22.23 14.35 15.08
N ALA D 140 -21.44 14.74 14.09
CA ALA D 140 -21.37 16.11 13.63
C ALA D 140 -22.01 16.29 12.25
N GLY D 141 -22.80 15.29 11.83
CA GLY D 141 -23.33 15.25 10.48
C GLY D 141 -23.77 13.84 10.12
N MET D 142 -24.78 13.74 9.26
CA MET D 142 -25.37 12.46 8.89
C MET D 142 -25.82 12.52 7.42
N PHE D 143 -25.52 11.44 6.68
CA PHE D 143 -25.79 11.36 5.24
C PHE D 143 -26.66 10.16 4.96
N PHE D 144 -27.81 10.39 4.32
CA PHE D 144 -28.76 9.32 4.00
C PHE D 144 -28.89 9.12 2.48
N ASP D 145 -28.53 7.92 2.01
CA ASP D 145 -28.76 7.50 0.63
C ASP D 145 -30.02 6.65 0.60
N GLU D 146 -30.89 6.90 -0.37
CA GLU D 146 -32.20 6.24 -0.47
C GLU D 146 -33.02 6.39 0.81
N VAL D 147 -33.13 7.62 1.30
CA VAL D 147 -33.79 7.89 2.59
C VAL D 147 -35.26 7.39 2.63
N ALA D 148 -35.99 7.54 1.51
CA ALA D 148 -37.38 7.05 1.41
C ALA D 148 -37.54 5.56 1.75
N LEU D 149 -36.56 4.74 1.36
CA LEU D 149 -36.58 3.30 1.65
C LEU D 149 -36.21 2.94 3.09
N MET D 150 -35.60 3.87 3.83
CA MET D 150 -35.21 3.62 5.22
C MET D 150 -36.42 3.68 6.16
N PRO D 151 -36.31 3.06 7.35
CA PRO D 151 -37.33 3.24 8.39
C PRO D 151 -37.36 4.67 8.92
N GLU D 152 -38.57 5.17 9.17
CA GLU D 152 -38.77 6.53 9.70
C GLU D 152 -38.12 6.70 11.08
N SER D 153 -38.29 5.68 11.94
CA SER D 153 -37.73 5.67 13.29
C SER D 153 -36.20 5.66 13.32
N PHE D 154 -35.58 5.05 12.31
CA PHE D 154 -34.12 5.05 12.19
C PHE D 154 -33.54 6.42 11.89
N VAL D 155 -34.16 7.17 10.97
CA VAL D 155 -33.66 8.49 10.59
C VAL D 155 -33.92 9.51 11.71
N ASN D 156 -35.08 9.40 12.37
CA ASN D 156 -35.40 10.20 13.57
C ASN D 156 -34.35 10.04 14.67
N GLN D 157 -33.96 8.78 14.93
CA GLN D 157 -32.90 8.49 15.88
C GLN D 157 -31.53 8.96 15.38
N ALA D 158 -31.26 8.78 14.10
CA ALA D 158 -30.02 9.22 13.47
C ALA D 158 -29.85 10.73 13.55
N THR D 159 -30.92 11.47 13.21
CA THR D 159 -30.93 12.93 13.31
C THR D 159 -30.66 13.40 14.74
N ALA D 160 -31.26 12.71 15.71
CA ALA D 160 -31.10 13.04 17.13
C ALA D 160 -29.65 12.96 17.64
N ARG D 161 -28.81 12.17 16.98
CA ARG D 161 -27.39 12.04 17.34
C ARG D 161 -26.48 13.15 16.80
N CYS D 162 -27.01 14.06 15.98
CA CYS D 162 -26.21 15.17 15.43
C CYS D 162 -26.19 16.38 16.38
N SER D 163 -25.70 16.15 17.60
CA SER D 163 -25.70 17.14 18.67
C SER D 163 -24.48 18.07 18.68
N VAL D 164 -23.46 17.72 17.90
CA VAL D 164 -22.26 18.56 17.75
C VAL D 164 -22.65 19.89 17.10
N ASP D 165 -22.07 20.98 17.59
CA ASP D 165 -22.42 22.31 17.14
C ASP D 165 -21.89 22.51 15.71
N GLY D 166 -22.80 22.87 14.80
CA GLY D 166 -22.49 23.07 13.37
C GLY D 166 -22.86 21.91 12.46
N ALA D 167 -23.64 20.95 12.96
CA ALA D 167 -23.98 19.73 12.21
C ALA D 167 -25.06 19.97 11.16
N LYS D 168 -25.01 19.19 10.09
CA LYS D 168 -25.94 19.27 8.99
C LYS D 168 -26.41 17.91 8.53
N LEU D 169 -27.61 17.84 7.97
CA LEU D 169 -28.21 16.59 7.52
C LEU D 169 -28.29 16.57 6.00
N TRP D 170 -27.81 15.48 5.40
CA TRP D 170 -27.78 15.33 3.94
C TRP D 170 -28.67 14.17 3.55
N PHE D 171 -29.75 14.45 2.82
CA PHE D 171 -30.69 13.42 2.41
C PHE D 171 -30.68 13.25 0.88
N ASN D 172 -30.78 12.00 0.44
CA ASN D 172 -30.77 11.66 -0.97
C ASN D 172 -31.83 10.61 -1.19
N CYS D 173 -32.78 10.86 -2.10
CA CYS D 173 -33.82 9.87 -2.40
C CYS D 173 -34.40 9.98 -3.80
N ASN D 174 -35.25 9.01 -4.07
CA ASN D 174 -36.03 8.95 -5.27
C ASN D 174 -37.45 8.94 -4.75
N PRO D 175 -38.34 9.60 -5.45
CA PRO D 175 -39.70 9.80 -5.01
C PRO D 175 -40.51 8.58 -4.75
N ALA D 176 -41.31 8.64 -3.71
CA ALA D 176 -42.24 7.62 -3.33
C ALA D 176 -43.59 8.29 -3.48
N GLY D 177 -44.50 7.96 -2.60
CA GLY D 177 -45.82 8.55 -2.60
C GLY D 177 -45.88 9.91 -1.94
N PRO D 178 -46.92 10.66 -2.24
CA PRO D 178 -47.28 11.99 -1.78
C PRO D 178 -47.56 11.99 -0.30
N TYR D 179 -48.15 10.92 0.20
CA TYR D 179 -48.46 10.74 1.63
C TYR D 179 -47.36 9.98 2.39
N HIS D 180 -46.22 9.73 1.73
CA HIS D 180 -45.07 9.04 2.34
C HIS D 180 -44.42 9.92 3.42
N TRP D 181 -43.94 9.29 4.48
CA TRP D 181 -43.41 10.02 5.65
C TRP D 181 -42.31 11.05 5.32
N PHE D 182 -41.38 10.70 4.44
CA PHE D 182 -40.30 11.63 4.09
C PHE D 182 -40.82 12.86 3.36
N LYS D 183 -41.84 12.69 2.51
CA LYS D 183 -42.51 13.83 1.88
C LYS D 183 -43.18 14.72 2.92
N VAL D 184 -44.01 14.10 3.76
CA VAL D 184 -44.81 14.80 4.77
C VAL D 184 -43.94 15.43 5.87
N GLU D 185 -42.97 14.68 6.39
CA GLU D 185 -42.17 15.10 7.55
C GLU D 185 -40.87 15.85 7.24
N TYR D 186 -40.47 15.96 5.96
CA TYR D 186 -39.21 16.65 5.61
C TYR D 186 -39.33 17.58 4.40
N LEU D 187 -39.76 17.03 3.25
CA LEU D 187 -39.90 17.83 2.03
C LEU D 187 -40.99 18.92 2.09
N ASP D 188 -42.03 18.67 2.88
CA ASP D 188 -43.09 19.67 3.09
C ASP D 188 -42.78 20.62 4.24
N LYS D 189 -42.05 20.14 5.25
CA LYS D 189 -41.62 20.97 6.38
C LYS D 189 -40.19 21.48 6.15
N LEU D 190 -40.00 22.12 5.00
CA LEU D 190 -38.67 22.41 4.48
C LEU D 190 -38.04 23.64 5.13
N ASP D 191 -38.83 24.70 5.32
CA ASP D 191 -38.41 25.88 6.07
C ASP D 191 -38.39 25.65 7.58
N GLU D 192 -39.32 24.84 8.07
CA GLU D 192 -39.39 24.47 9.49
C GLU D 192 -38.13 23.72 9.95
N LYS D 193 -37.70 22.73 9.17
CA LYS D 193 -36.43 22.03 9.41
C LYS D 193 -35.21 22.85 8.94
N ASN D 194 -35.44 23.83 8.07
CA ASN D 194 -34.41 24.77 7.59
C ASN D 194 -33.40 24.03 6.72
N LEU D 195 -33.89 23.51 5.60
CA LEU D 195 -33.10 22.68 4.68
C LEU D 195 -33.23 23.19 3.25
N LEU D 196 -32.14 23.07 2.49
CA LEU D 196 -32.14 23.36 1.07
C LEU D 196 -32.75 22.17 0.33
N HIS D 197 -33.29 22.42 -0.86
CA HIS D 197 -33.91 21.40 -1.69
C HIS D 197 -33.59 21.60 -3.16
N LEU D 198 -32.82 20.68 -3.73
CA LEU D 198 -32.55 20.63 -5.16
C LEU D 198 -33.24 19.41 -5.72
N HIS D 199 -33.85 19.55 -6.90
CA HIS D 199 -34.51 18.44 -7.57
C HIS D 199 -33.79 18.12 -8.88
N PHE D 200 -33.58 16.82 -9.13
CA PHE D 200 -32.78 16.34 -10.26
C PHE D 200 -33.60 15.50 -11.23
N THR D 201 -33.43 15.74 -12.53
CA THR D 201 -33.87 14.79 -13.57
C THR D 201 -32.65 14.41 -14.37
N MET D 202 -32.82 13.52 -15.34
CA MET D 202 -31.71 13.07 -16.20
C MET D 202 -31.09 14.16 -17.07
N ASP D 203 -31.83 15.23 -17.34
CA ASP D 203 -31.28 16.40 -18.04
C ASP D 203 -30.12 17.08 -17.28
N ASP D 204 -30.16 17.02 -15.95
CA ASP D 204 -29.06 17.48 -15.09
C ASP D 204 -27.83 16.57 -15.12
N ASN D 205 -27.99 15.34 -15.61
CA ASN D 205 -26.87 14.44 -15.87
C ASN D 205 -26.39 14.64 -17.32
N LEU D 206 -25.26 15.32 -17.48
CA LEU D 206 -24.74 15.66 -18.80
C LEU D 206 -23.96 14.53 -19.49
N SER D 207 -23.49 13.54 -18.72
CA SER D 207 -22.77 12.39 -19.29
C SER D 207 -23.66 11.45 -20.13
N LEU D 208 -24.98 11.51 -19.93
CA LEU D 208 -25.91 10.70 -20.72
C LEU D 208 -26.22 11.36 -22.06
N SER D 209 -26.00 10.61 -23.14
CA SER D 209 -26.40 11.05 -24.48
C SER D 209 -27.87 10.73 -24.70
N LYS D 210 -28.53 11.48 -25.59
CA LYS D 210 -29.96 11.30 -25.84
C LYS D 210 -30.38 9.91 -26.35
N GLN D 211 -29.44 9.16 -26.92
CA GLN D 211 -29.66 7.74 -27.20
C GLN D 211 -29.81 6.93 -25.90
N VAL D 212 -28.95 7.22 -24.92
CA VAL D 212 -28.98 6.55 -23.61
C VAL D 212 -30.16 7.03 -22.75
N LYS D 213 -30.42 8.34 -22.77
CA LYS D 213 -31.57 8.92 -22.05
C LYS D 213 -32.91 8.40 -22.54
N GLU D 214 -33.06 8.24 -23.85
CA GLU D 214 -34.30 7.68 -24.43
C GLU D 214 -34.52 6.20 -24.07
N ARG D 215 -33.43 5.45 -23.89
CA ARG D 215 -33.51 4.04 -23.48
C ARG D 215 -34.03 3.88 -22.05
N TYR D 216 -33.52 4.70 -21.12
CA TYR D 216 -34.01 4.73 -19.74
C TYR D 216 -35.48 5.22 -19.63
N GLN D 217 -35.89 6.11 -20.54
CA GLN D 217 -37.28 6.59 -20.62
C GLN D 217 -38.28 5.52 -21.07
N ARG D 218 -37.83 4.59 -21.92
CA ARG D 218 -38.70 3.53 -22.45
C ARG D 218 -38.85 2.34 -21.48
N MET D 219 -38.00 2.27 -20.45
CA MET D 219 -38.12 1.26 -19.39
C MET D 219 -39.32 1.45 -18.47
N TYR D 220 -39.84 2.68 -18.38
CA TYR D 220 -40.91 3.02 -17.43
C TYR D 220 -42.12 3.61 -18.13
N LYS D 221 -43.30 3.24 -17.63
CA LYS D 221 -44.59 3.82 -18.02
C LYS D 221 -45.47 3.95 -16.79
N GLY D 222 -46.34 4.95 -16.79
CA GLY D 222 -47.26 5.17 -15.68
C GLY D 222 -46.54 5.70 -14.46
N VAL D 223 -47.01 5.29 -13.28
CA VAL D 223 -46.52 5.82 -12.00
C VAL D 223 -45.01 5.70 -11.83
N PHE D 224 -44.42 4.58 -12.25
CA PHE D 224 -42.97 4.38 -12.15
C PHE D 224 -42.18 5.34 -13.06
N TYR D 225 -42.74 5.67 -14.22
CA TYR D 225 -42.19 6.72 -15.09
C TYR D 225 -42.26 8.10 -14.43
N GLN D 226 -43.42 8.41 -13.86
CA GLN D 226 -43.62 9.68 -13.16
C GLN D 226 -42.73 9.82 -11.92
N ARG D 227 -42.45 8.70 -11.24
CA ARG D 227 -41.57 8.71 -10.07
C ARG D 227 -40.10 8.72 -10.46
N TYR D 228 -39.68 7.74 -11.24
CA TYR D 228 -38.26 7.50 -11.49
C TYR D 228 -37.67 8.25 -12.68
N ILE D 229 -38.51 8.80 -13.56
CA ILE D 229 -38.03 9.59 -14.70
C ILE D 229 -38.33 11.08 -14.53
N LEU D 230 -39.55 11.44 -14.13
CA LEU D 230 -39.91 12.84 -13.88
C LEU D 230 -39.53 13.31 -12.48
N GLY D 231 -39.25 12.38 -11.57
CA GLY D 231 -38.84 12.72 -10.21
C GLY D 231 -39.96 13.32 -9.37
N LEU D 232 -41.18 12.80 -9.55
CA LEU D 232 -42.38 13.40 -8.98
C LEU D 232 -43.01 12.46 -7.98
N TRP D 233 -43.36 13.00 -6.80
CA TRP D 233 -43.94 12.20 -5.71
C TRP D 233 -45.42 12.01 -5.97
N VAL D 234 -45.74 11.07 -6.87
CA VAL D 234 -47.14 10.85 -7.32
C VAL D 234 -47.77 9.59 -6.72
N LEU D 235 -49.07 9.69 -6.44
CA LEU D 235 -49.83 8.62 -5.79
C LEU D 235 -50.04 7.45 -6.74
N ALA D 236 -49.71 6.25 -6.26
CA ALA D 236 -49.97 5.01 -6.99
C ALA D 236 -51.41 4.57 -6.73
N GLU D 237 -52.23 4.59 -7.77
CA GLU D 237 -53.59 4.00 -7.71
C GLU D 237 -54.01 3.42 -9.05
N GLY D 238 -55.02 2.55 -9.00
CA GLY D 238 -55.56 1.88 -10.18
C GLY D 238 -54.83 0.59 -10.50
N ILE D 239 -54.89 0.19 -11.76
CA ILE D 239 -54.22 -1.01 -12.25
C ILE D 239 -52.70 -0.84 -12.15
N ILE D 240 -52.03 -1.86 -11.59
CA ILE D 240 -50.59 -1.79 -11.32
C ILE D 240 -49.77 -1.97 -12.60
N TYR D 241 -50.17 -2.91 -13.46
CA TYR D 241 -49.45 -3.21 -14.68
C TYR D 241 -50.22 -2.68 -15.90
N ASP D 242 -50.34 -1.35 -15.95
CA ASP D 242 -51.02 -0.66 -17.07
C ASP D 242 -50.16 -0.55 -18.35
N MET D 243 -48.89 -0.95 -18.28
CA MET D 243 -48.07 -1.17 -19.48
C MET D 243 -48.37 -2.51 -20.17
N PHE D 244 -48.97 -3.46 -19.45
CA PHE D 244 -49.35 -4.74 -20.05
C PHE D 244 -50.35 -4.51 -21.18
N ASP D 245 -50.20 -5.29 -22.25
CA ASP D 245 -50.67 -4.94 -23.57
C ASP D 245 -50.65 -6.24 -24.40
N GLN D 246 -51.81 -6.68 -24.84
CA GLN D 246 -51.94 -7.97 -25.53
C GLN D 246 -51.47 -7.91 -26.98
N ASP D 247 -51.44 -6.71 -27.57
CA ASP D 247 -50.79 -6.48 -28.86
C ASP D 247 -49.29 -6.75 -28.81
N GLU D 248 -48.67 -6.50 -27.65
CA GLU D 248 -47.21 -6.47 -27.52
C GLU D 248 -46.58 -7.65 -26.77
N HIS D 249 -47.23 -8.15 -25.73
CA HIS D 249 -46.63 -9.12 -24.79
C HIS D 249 -47.05 -10.58 -24.94
N VAL D 250 -48.14 -10.82 -25.65
CA VAL D 250 -48.67 -12.17 -25.83
C VAL D 250 -48.20 -12.70 -27.19
N VAL D 251 -47.71 -13.93 -27.21
CA VAL D 251 -47.23 -14.59 -28.42
C VAL D 251 -47.93 -15.92 -28.59
N PRO D 252 -47.85 -16.53 -29.80
CA PRO D 252 -48.52 -17.81 -30.00
C PRO D 252 -47.82 -18.98 -29.28
N THR D 253 -48.60 -19.96 -28.83
CA THR D 253 -48.04 -21.18 -28.22
C THR D 253 -47.53 -22.12 -29.33
N VAL D 254 -46.25 -21.96 -29.66
CA VAL D 254 -45.57 -22.77 -30.66
C VAL D 254 -44.21 -23.22 -30.10
N PRO D 255 -43.75 -24.44 -30.44
CA PRO D 255 -42.41 -24.89 -30.04
C PRO D 255 -41.29 -23.88 -30.35
N ARG D 256 -40.37 -23.71 -29.41
CA ARG D 256 -39.15 -22.94 -29.64
C ARG D 256 -38.00 -23.73 -29.03
N PRO D 257 -36.77 -23.58 -29.59
CA PRO D 257 -35.63 -24.30 -29.06
C PRO D 257 -35.10 -23.53 -27.85
N TYR D 258 -35.76 -23.73 -26.71
CA TYR D 258 -35.47 -22.97 -25.51
C TYR D 258 -34.11 -23.43 -24.94
N GLU D 259 -33.27 -22.46 -24.57
CA GLU D 259 -31.90 -22.73 -24.13
C GLU D 259 -31.83 -23.21 -22.70
N LYS D 260 -32.76 -22.75 -21.86
CA LYS D 260 -32.69 -22.92 -20.41
C LYS D 260 -34.10 -22.75 -19.83
N TYR D 261 -34.48 -23.64 -18.91
CA TYR D 261 -35.84 -23.63 -18.31
C TYR D 261 -35.82 -23.27 -16.82
N TYR D 262 -36.97 -22.85 -16.31
CA TYR D 262 -37.24 -22.67 -14.86
C TYR D 262 -38.73 -22.82 -14.59
N VAL D 263 -39.09 -23.38 -13.43
CA VAL D 263 -40.48 -23.31 -12.93
C VAL D 263 -40.54 -22.30 -11.78
N SER D 264 -41.64 -21.57 -11.69
CA SER D 264 -41.91 -20.65 -10.60
C SER D 264 -43.25 -21.00 -9.98
N CYS D 265 -43.30 -21.03 -8.65
CA CYS D 265 -44.47 -21.52 -7.94
C CYS D 265 -44.96 -20.53 -6.89
N ASP D 266 -46.23 -20.12 -7.02
CA ASP D 266 -46.95 -19.52 -5.90
C ASP D 266 -47.73 -20.64 -5.24
N TYR D 267 -47.35 -20.96 -4.00
CA TYR D 267 -47.93 -22.08 -3.28
C TYR D 267 -49.15 -21.62 -2.50
N GLY D 268 -50.26 -22.36 -2.66
CA GLY D 268 -51.47 -22.12 -1.88
C GLY D 268 -52.35 -23.36 -1.82
N THR D 269 -52.70 -23.81 -0.62
CA THR D 269 -53.58 -24.97 -0.43
C THR D 269 -55.04 -24.52 -0.27
N GLN D 270 -55.27 -23.61 0.67
CA GLN D 270 -56.58 -22.96 0.85
C GLN D 270 -56.81 -21.90 -0.25
N ASN D 271 -55.74 -21.20 -0.64
CA ASN D 271 -55.73 -20.35 -1.84
C ASN D 271 -55.36 -21.20 -3.09
N PRO D 272 -55.33 -20.58 -4.29
CA PRO D 272 -54.87 -21.29 -5.49
C PRO D 272 -53.35 -21.55 -5.56
N THR D 273 -52.98 -22.61 -6.25
CA THR D 273 -51.59 -22.94 -6.47
C THR D 273 -51.31 -22.83 -7.95
N THR D 274 -50.26 -22.13 -8.32
CA THR D 274 -49.91 -21.96 -9.71
C THR D 274 -48.46 -22.22 -9.99
N PHE D 275 -48.19 -22.68 -11.20
CA PHE D 275 -46.84 -22.96 -11.64
C PHE D 275 -46.64 -22.28 -12.94
N GLY D 276 -45.44 -21.80 -13.21
CA GLY D 276 -45.17 -21.21 -14.49
C GLY D 276 -43.89 -21.77 -15.03
N LEU D 277 -43.90 -22.22 -16.26
CA LEU D 277 -42.69 -22.74 -16.83
C LEU D 277 -42.10 -21.64 -17.67
N TRP D 278 -40.84 -21.31 -17.48
CA TRP D 278 -40.21 -20.24 -18.24
C TRP D 278 -39.06 -20.70 -19.09
N GLY D 279 -39.04 -20.27 -20.34
CA GLY D 279 -38.02 -20.69 -21.33
C GLY D 279 -37.23 -19.54 -21.95
N LEU D 280 -35.90 -19.63 -21.94
CA LEU D 280 -35.02 -18.62 -22.54
C LEU D 280 -34.81 -18.88 -24.03
N TYR D 281 -34.96 -17.84 -24.85
CA TYR D 281 -34.72 -17.90 -26.29
C TYR D 281 -34.32 -16.53 -26.85
N ASN D 282 -33.02 -16.36 -27.09
CA ASN D 282 -32.45 -15.16 -27.72
C ASN D 282 -32.73 -13.88 -26.93
N GLY D 283 -32.37 -13.91 -25.65
CA GLY D 283 -32.49 -12.75 -24.75
C GLY D 283 -33.81 -12.63 -24.00
N VAL D 284 -34.85 -13.32 -24.47
CA VAL D 284 -36.21 -13.17 -23.95
C VAL D 284 -36.61 -14.43 -23.18
N TRP D 285 -37.21 -14.23 -22.00
CA TRP D 285 -37.76 -15.33 -21.21
C TRP D 285 -39.27 -15.45 -21.47
N TYR D 286 -39.70 -16.66 -21.82
CA TYR D 286 -41.08 -16.93 -22.20
C TYR D 286 -41.76 -17.69 -21.09
N LYS D 287 -42.92 -17.22 -20.65
CA LYS D 287 -43.82 -18.08 -19.89
C LYS D 287 -44.43 -19.03 -20.92
N VAL D 288 -43.89 -20.24 -20.96
CA VAL D 288 -44.26 -21.25 -21.96
C VAL D 288 -45.67 -21.77 -21.71
N LYS D 289 -45.99 -22.02 -20.44
CA LYS D 289 -47.35 -22.39 -20.04
C LYS D 289 -47.56 -22.14 -18.55
N GLU D 290 -48.83 -22.19 -18.16
CA GLU D 290 -49.24 -21.98 -16.78
C GLU D 290 -50.00 -23.22 -16.29
N TYR D 291 -49.88 -23.45 -14.99
CA TYR D 291 -50.72 -24.38 -14.26
C TYR D 291 -51.45 -23.54 -13.24
N HIS D 292 -52.71 -23.86 -12.99
CA HIS D 292 -53.55 -23.08 -12.10
C HIS D 292 -54.59 -23.99 -11.49
N TYR D 293 -54.42 -24.32 -10.22
CA TYR D 293 -55.36 -25.16 -9.49
C TYR D 293 -55.95 -24.38 -8.33
N ASP D 294 -57.28 -24.25 -8.33
CA ASP D 294 -58.02 -23.57 -7.28
C ASP D 294 -58.77 -24.59 -6.40
N GLY D 295 -58.53 -24.55 -5.09
CA GLY D 295 -59.15 -25.49 -4.15
C GLY D 295 -60.63 -25.23 -3.87
N ARG D 296 -60.99 -23.96 -3.66
CA ARG D 296 -62.39 -23.57 -3.41
C ARG D 296 -63.30 -23.78 -4.61
N LYS D 297 -62.78 -23.51 -5.80
CA LYS D 297 -63.54 -23.58 -7.05
C LYS D 297 -63.92 -25.02 -7.42
N GLU D 298 -63.00 -25.95 -7.18
CA GLU D 298 -63.19 -27.38 -7.49
C GLU D 298 -63.78 -28.20 -6.33
N ASN D 299 -63.91 -27.58 -5.15
CA ASN D 299 -64.31 -28.25 -3.90
C ASN D 299 -63.47 -29.51 -3.58
N LYS D 300 -62.15 -29.38 -3.74
CA LYS D 300 -61.21 -30.46 -3.47
C LYS D 300 -59.79 -29.90 -3.31
N GLN D 301 -59.29 -29.88 -2.07
CA GLN D 301 -57.91 -29.45 -1.79
C GLN D 301 -56.90 -30.53 -2.20
N LYS D 302 -55.68 -30.09 -2.52
CA LYS D 302 -54.62 -30.99 -2.97
C LYS D 302 -53.45 -31.05 -1.98
N THR D 303 -52.82 -32.22 -1.90
CA THR D 303 -51.68 -32.46 -1.03
C THR D 303 -50.39 -32.02 -1.71
N ASP D 304 -49.34 -31.86 -0.91
CA ASP D 304 -47.99 -31.56 -1.42
C ASP D 304 -47.51 -32.63 -2.38
N GLN D 305 -47.88 -33.87 -2.11
CA GLN D 305 -47.58 -35.01 -2.97
C GLN D 305 -48.27 -34.87 -4.33
N GLU D 306 -49.55 -34.52 -4.31
CA GLU D 306 -50.33 -34.30 -5.55
C GLU D 306 -49.76 -33.16 -6.40
N TYR D 307 -49.32 -32.08 -5.75
CA TYR D 307 -48.68 -30.94 -6.44
C TYR D 307 -47.33 -31.32 -7.03
N TYR D 308 -46.55 -32.12 -6.30
CA TYR D 308 -45.31 -32.69 -6.84
C TYR D 308 -45.59 -33.56 -8.07
N GLU D 309 -46.56 -34.48 -7.95
CA GLU D 309 -46.92 -35.37 -9.07
C GLU D 309 -47.31 -34.57 -10.31
N ASP D 310 -48.05 -33.48 -10.10
CA ASP D 310 -48.40 -32.52 -11.17
C ASP D 310 -47.20 -31.74 -11.69
N LEU D 311 -46.31 -31.29 -10.80
CA LEU D 311 -45.08 -30.60 -11.23
C LEU D 311 -44.24 -31.47 -12.16
N MET D 312 -44.21 -32.78 -11.90
CA MET D 312 -43.49 -33.73 -12.78
C MET D 312 -44.19 -33.95 -14.14
N LYS D 313 -45.53 -33.95 -14.15
CA LYS D 313 -46.30 -33.90 -15.42
C LYS D 313 -46.05 -32.59 -16.21
N PHE D 314 -45.88 -31.49 -15.47
CA PHE D 314 -45.67 -30.14 -16.03
C PHE D 314 -44.34 -29.95 -16.78
N ILE D 315 -43.30 -30.72 -16.41
CA ILE D 315 -41.97 -30.63 -17.05
C ILE D 315 -41.46 -31.98 -17.61
N GLU D 316 -42.40 -32.85 -17.97
CA GLU D 316 -42.08 -34.19 -18.51
C GLU D 316 -41.37 -34.09 -19.86
N ASP D 317 -41.82 -33.15 -20.69
CA ASP D 317 -41.34 -33.02 -22.06
C ASP D 317 -39.94 -32.39 -22.18
N ILE D 318 -39.56 -31.55 -21.21
CA ILE D 318 -38.32 -30.75 -21.31
C ILE D 318 -37.07 -31.53 -20.89
N GLU D 319 -35.95 -31.25 -21.56
CA GLU D 319 -34.67 -31.89 -21.25
C GLU D 319 -34.16 -31.44 -19.88
N LYS D 320 -33.86 -32.41 -19.00
CA LYS D 320 -33.57 -32.12 -17.60
C LYS D 320 -32.23 -31.43 -17.34
N HIS D 321 -31.30 -31.48 -18.30
CA HIS D 321 -30.04 -30.72 -18.20
C HIS D 321 -30.24 -29.22 -18.51
N LYS D 322 -31.33 -28.88 -19.21
CA LYS D 322 -31.74 -27.49 -19.42
C LYS D 322 -32.53 -26.92 -18.22
N PHE D 323 -33.32 -27.77 -17.56
CA PHE D 323 -34.11 -27.38 -16.37
C PHE D 323 -33.20 -27.00 -15.20
N LYS D 324 -33.34 -25.76 -14.74
CA LYS D 324 -32.46 -25.17 -13.71
C LYS D 324 -33.04 -25.17 -12.29
N GLY D 325 -34.36 -25.27 -12.14
CA GLY D 325 -34.97 -25.39 -10.81
C GLY D 325 -36.30 -24.68 -10.60
N VAL D 326 -36.98 -25.09 -9.53
CA VAL D 326 -38.26 -24.51 -9.11
C VAL D 326 -37.96 -23.28 -8.25
N ILE D 327 -38.82 -22.27 -8.33
CA ILE D 327 -38.69 -21.05 -7.54
C ILE D 327 -39.94 -20.89 -6.68
N VAL D 328 -39.75 -20.95 -5.36
CA VAL D 328 -40.84 -20.87 -4.41
C VAL D 328 -40.49 -19.79 -3.40
N ASP D 329 -41.49 -19.12 -2.85
CA ASP D 329 -41.24 -18.21 -1.73
C ASP D 329 -41.01 -19.10 -0.49
N PRO D 330 -40.25 -18.60 0.51
CA PRO D 330 -39.88 -19.46 1.65
C PRO D 330 -41.03 -19.92 2.59
N SER D 331 -42.20 -19.29 2.51
CA SER D 331 -43.35 -19.69 3.34
C SER D 331 -43.81 -21.12 3.09
N ALA D 332 -43.71 -21.58 1.84
CA ALA D 332 -44.14 -22.93 1.44
C ALA D 332 -43.17 -24.01 1.90
N ALA D 333 -43.04 -24.17 3.22
CA ALA D 333 -41.95 -24.96 3.80
C ALA D 333 -42.12 -26.46 3.56
N SER D 334 -43.34 -26.97 3.73
CA SER D 334 -43.63 -28.40 3.55
C SER D 334 -43.45 -28.89 2.11
N PHE D 335 -43.67 -28.01 1.14
CA PHE D 335 -43.48 -28.34 -0.28
C PHE D 335 -42.00 -28.26 -0.66
N ILE D 336 -41.30 -27.25 -0.14
CA ILE D 336 -39.85 -27.10 -0.36
C ILE D 336 -39.06 -28.30 0.18
N ALA D 337 -39.50 -28.84 1.33
CA ALA D 337 -38.90 -30.04 1.92
C ALA D 337 -39.11 -31.29 1.06
N LEU D 338 -40.31 -31.40 0.48
CA LEU D 338 -40.67 -32.52 -0.37
C LEU D 338 -39.90 -32.52 -1.69
N LEU D 339 -39.89 -31.37 -2.37
CA LEU D 339 -39.15 -31.21 -3.63
C LEU D 339 -37.66 -31.56 -3.49
N ARG D 340 -37.07 -31.17 -2.36
CA ARG D 340 -35.66 -31.48 -2.07
C ARG D 340 -35.40 -32.97 -1.81
N GLN D 341 -36.35 -33.66 -1.15
CA GLN D 341 -36.26 -35.12 -0.99
C GLN D 341 -36.26 -35.86 -2.33
N LYS D 342 -36.94 -35.30 -3.33
CA LYS D 342 -37.02 -35.89 -4.67
C LYS D 342 -35.87 -35.47 -5.59
N GLY D 343 -34.90 -34.69 -5.07
CA GLY D 343 -33.75 -34.25 -5.85
C GLY D 343 -34.06 -33.14 -6.84
N ILE D 344 -35.03 -32.29 -6.49
CA ILE D 344 -35.42 -31.14 -7.31
C ILE D 344 -34.72 -29.91 -6.71
N LYS D 345 -34.08 -29.11 -7.57
CA LYS D 345 -33.38 -27.90 -7.12
C LYS D 345 -34.37 -26.77 -6.85
N VAL D 346 -34.63 -26.50 -5.57
CA VAL D 346 -35.49 -25.40 -5.14
C VAL D 346 -34.67 -24.12 -5.04
N ILE D 347 -35.29 -22.98 -5.29
CA ILE D 347 -34.67 -21.67 -5.12
C ILE D 347 -35.64 -20.79 -4.34
N LYS D 348 -35.19 -20.20 -3.26
CA LYS D 348 -36.08 -19.32 -2.53
C LYS D 348 -36.20 -18.04 -3.30
N ALA D 349 -37.39 -17.49 -3.29
CA ALA D 349 -37.73 -16.29 -4.07
C ALA D 349 -37.17 -15.04 -3.38
N LYS D 350 -36.73 -14.08 -4.19
CA LYS D 350 -36.22 -12.79 -3.69
C LYS D 350 -37.35 -12.02 -3.02
N ASN D 351 -38.48 -11.94 -3.73
CA ASN D 351 -39.81 -11.57 -3.20
C ASN D 351 -40.04 -10.27 -2.37
N ASP D 352 -39.14 -9.28 -2.47
CA ASP D 352 -39.47 -7.91 -2.05
C ASP D 352 -40.60 -7.44 -2.96
N VAL D 353 -41.75 -7.10 -2.37
CA VAL D 353 -43.00 -6.94 -3.13
C VAL D 353 -42.98 -5.72 -4.07
N LEU D 354 -42.71 -4.54 -3.51
CA LEU D 354 -42.66 -3.30 -4.31
C LEU D 354 -41.51 -3.33 -5.32
N ASP D 355 -40.33 -3.74 -4.85
CA ASP D 355 -39.13 -3.86 -5.68
C ASP D 355 -39.32 -4.84 -6.85
N GLY D 356 -40.08 -5.91 -6.62
CA GLY D 356 -40.41 -6.88 -7.65
C GLY D 356 -41.41 -6.37 -8.68
N ILE D 357 -42.45 -5.68 -8.22
CA ILE D 357 -43.44 -5.06 -9.10
C ILE D 357 -42.77 -4.12 -10.10
N ARG D 358 -41.88 -3.25 -9.61
CA ARG D 358 -41.08 -2.37 -10.48
C ARG D 358 -40.34 -3.16 -11.56
N ASN D 359 -39.63 -4.21 -11.14
CA ASN D 359 -38.86 -5.05 -12.05
C ASN D 359 -39.75 -5.78 -13.07
N VAL D 360 -40.92 -6.25 -12.64
CA VAL D 360 -41.87 -6.92 -13.54
C VAL D 360 -42.30 -5.94 -14.64
N ALA D 361 -42.67 -4.73 -14.22
CA ALA D 361 -43.05 -3.65 -15.13
C ALA D 361 -41.93 -3.24 -16.10
N THR D 362 -40.71 -3.15 -15.58
CA THR D 362 -39.54 -2.80 -16.39
C THR D 362 -39.29 -3.88 -17.44
N ALA D 363 -39.34 -5.14 -17.02
CA ALA D 363 -39.23 -6.29 -17.93
C ALA D 363 -40.33 -6.32 -18.99
N LEU D 364 -41.55 -5.94 -18.63
CA LEU D 364 -42.64 -5.81 -19.61
C LEU D 364 -42.33 -4.69 -20.61
N ASN D 365 -42.03 -3.51 -20.09
CA ASN D 365 -41.62 -2.35 -20.91
C ASN D 365 -40.43 -2.64 -21.84
N LYS D 366 -39.41 -3.29 -21.29
CA LYS D 366 -38.20 -3.69 -22.05
C LYS D 366 -38.42 -4.89 -22.98
N LYS D 367 -39.52 -5.63 -22.80
CA LYS D 367 -39.78 -6.92 -23.44
C LYS D 367 -38.69 -7.96 -23.14
N MET D 368 -38.28 -7.98 -21.87
CA MET D 368 -37.43 -9.04 -21.33
C MET D 368 -38.24 -10.32 -21.19
N ILE D 369 -39.56 -10.17 -21.05
CA ILE D 369 -40.48 -11.29 -20.98
C ILE D 369 -41.62 -11.19 -22.00
N LEU D 370 -42.07 -12.34 -22.49
CA LEU D 370 -43.24 -12.45 -23.36
C LEU D 370 -44.05 -13.64 -22.86
N TYR D 371 -45.32 -13.71 -23.25
CA TYR D 371 -46.24 -14.72 -22.74
C TYR D 371 -46.90 -15.53 -23.85
N ASN D 372 -46.81 -16.86 -23.78
CA ASN D 372 -47.60 -17.73 -24.68
C ASN D 372 -49.09 -17.51 -24.41
N ASP D 373 -49.90 -17.51 -25.47
CA ASP D 373 -51.35 -17.22 -25.36
C ASP D 373 -52.16 -18.18 -24.47
N CYS D 374 -51.59 -19.35 -24.17
CA CYS D 374 -52.19 -20.30 -23.22
C CYS D 374 -52.19 -19.82 -21.75
N CYS D 375 -51.39 -18.82 -21.39
CA CYS D 375 -51.36 -18.26 -20.03
C CYS D 375 -52.60 -17.36 -19.71
N LYS D 376 -53.78 -17.88 -19.95
CA LYS D 376 -55.00 -17.11 -19.77
C LYS D 376 -55.33 -16.62 -18.37
N GLU D 377 -55.11 -17.46 -17.38
CA GLU D 377 -55.34 -17.07 -15.98
C GLU D 377 -54.43 -15.93 -15.53
N THR D 378 -53.21 -15.88 -16.08
CA THR D 378 -52.30 -14.77 -15.83
C THR D 378 -52.82 -13.45 -16.42
N PHE D 379 -53.31 -13.49 -17.66
CA PHE D 379 -53.79 -12.30 -18.35
C PHE D 379 -54.99 -11.68 -17.64
N ARG D 380 -55.89 -12.54 -17.17
CA ARG D 380 -57.04 -12.08 -16.37
C ARG D 380 -56.61 -11.33 -15.10
N GLU D 381 -55.55 -11.82 -14.44
CA GLU D 381 -55.01 -11.16 -13.26
C GLU D 381 -54.37 -9.81 -13.59
N TYR D 382 -53.71 -9.70 -14.74
CA TYR D 382 -53.13 -8.41 -15.19
C TYR D 382 -54.16 -7.29 -15.29
N SER D 383 -55.39 -7.61 -15.71
CA SER D 383 -56.47 -6.63 -15.83
C SER D 383 -57.25 -6.34 -14.54
N SER D 384 -56.90 -7.01 -13.44
CA SER D 384 -57.52 -6.75 -12.12
C SER D 384 -56.55 -6.43 -10.96
N TYR D 385 -55.24 -6.53 -11.18
CA TYR D 385 -54.25 -6.33 -10.11
C TYR D 385 -54.12 -4.84 -9.87
N VAL D 386 -54.57 -4.39 -8.71
CA VAL D 386 -54.65 -2.95 -8.41
C VAL D 386 -53.95 -2.61 -7.10
N TRP D 387 -53.54 -1.34 -6.98
CA TRP D 387 -52.91 -0.82 -5.77
C TRP D 387 -53.95 -0.67 -4.66
N ASP D 388 -53.50 -0.85 -3.42
CA ASP D 388 -54.33 -0.67 -2.23
C ASP D 388 -54.48 0.83 -1.97
N GLU D 389 -55.64 1.37 -2.32
CA GLU D 389 -55.96 2.80 -2.17
C GLU D 389 -55.81 3.27 -0.71
N LYS D 390 -56.12 2.39 0.25
CA LYS D 390 -56.07 2.71 1.68
C LYS D 390 -54.61 3.00 2.10
N ALA D 391 -53.74 2.03 1.84
CA ALA D 391 -52.32 2.12 2.22
C ALA D 391 -51.57 3.26 1.53
N ALA D 392 -51.97 3.61 0.30
CA ALA D 392 -51.37 4.73 -0.43
C ALA D 392 -51.57 6.10 0.23
N GLU D 393 -52.62 6.25 1.04
CA GLU D 393 -52.84 7.49 1.82
C GLU D 393 -52.35 7.40 3.28
N ARG D 394 -51.87 6.22 3.69
CA ARG D 394 -50.92 6.07 4.81
C ARG D 394 -49.46 6.26 4.37
N GLY D 395 -49.21 6.45 3.07
CA GLY D 395 -47.87 6.61 2.53
C GLY D 395 -47.13 5.32 2.21
N GLU D 396 -47.87 4.23 1.98
CA GLU D 396 -47.31 2.93 1.64
C GLU D 396 -47.83 2.45 0.28
N ASP D 397 -46.94 1.94 -0.56
CA ASP D 397 -47.32 1.39 -1.85
C ASP D 397 -47.48 -0.12 -1.72
N LYS D 398 -48.71 -0.59 -1.92
CA LYS D 398 -49.08 -1.99 -1.67
C LYS D 398 -50.13 -2.44 -2.67
N PRO D 399 -49.96 -3.65 -3.24
CA PRO D 399 -51.04 -4.21 -4.08
C PRO D 399 -52.19 -4.73 -3.24
N VAL D 400 -53.38 -4.80 -3.83
CA VAL D 400 -54.51 -5.49 -3.21
C VAL D 400 -54.29 -6.99 -3.45
N LYS D 401 -54.03 -7.74 -2.38
CA LYS D 401 -53.67 -9.16 -2.48
C LYS D 401 -54.90 -10.02 -2.79
N GLN D 402 -55.33 -9.95 -4.05
CA GLN D 402 -56.53 -10.63 -4.52
C GLN D 402 -56.39 -10.83 -6.02
N ASN D 403 -56.58 -12.06 -6.50
CA ASN D 403 -56.38 -12.45 -7.91
C ASN D 403 -54.95 -12.13 -8.37
N ASP D 404 -53.97 -12.74 -7.70
CA ASP D 404 -52.57 -12.34 -7.84
C ASP D 404 -51.59 -13.51 -7.70
N HIS D 405 -52.03 -14.70 -8.09
CA HIS D 405 -51.31 -15.94 -7.82
C HIS D 405 -50.35 -16.28 -8.97
N GLN D 406 -50.80 -16.11 -10.21
CA GLN D 406 -49.90 -16.15 -11.36
C GLN D 406 -48.90 -15.00 -11.27
N LEU D 407 -49.42 -13.81 -10.91
CA LEU D 407 -48.62 -12.60 -10.85
C LEU D 407 -47.58 -12.59 -9.72
N ASP D 408 -47.87 -13.27 -8.62
CA ASP D 408 -46.86 -13.50 -7.57
C ASP D 408 -45.76 -14.44 -8.06
N ALA D 409 -46.17 -15.52 -8.73
CA ALA D 409 -45.22 -16.48 -9.31
C ALA D 409 -44.31 -15.83 -10.39
N ASP D 410 -44.91 -15.01 -11.25
CA ASP D 410 -44.13 -14.25 -12.25
C ASP D 410 -43.11 -13.30 -11.60
N ARG D 411 -43.54 -12.60 -10.56
CA ARG D 411 -42.67 -11.69 -9.81
C ARG D 411 -41.47 -12.42 -9.19
N TYR D 412 -41.72 -13.60 -8.62
CA TYR D 412 -40.65 -14.40 -8.03
C TYR D 412 -39.61 -14.72 -9.08
N PHE D 413 -40.06 -15.15 -10.26
CA PHE D 413 -39.15 -15.45 -11.35
C PHE D 413 -38.33 -14.24 -11.79
N VAL D 414 -39.01 -13.13 -12.03
CA VAL D 414 -38.37 -11.92 -12.57
C VAL D 414 -37.36 -11.33 -11.58
N ASN D 415 -37.74 -11.24 -10.31
CA ASN D 415 -36.89 -10.62 -9.29
C ASN D 415 -35.69 -11.49 -8.86
N THR D 416 -35.81 -12.82 -9.00
CA THR D 416 -34.78 -13.78 -8.59
C THR D 416 -33.83 -14.14 -9.74
N ILE D 417 -34.37 -14.36 -10.94
CA ILE D 417 -33.56 -14.74 -12.11
C ILE D 417 -33.15 -13.54 -12.96
N LEU D 418 -34.12 -12.75 -13.41
CA LEU D 418 -33.84 -11.58 -14.30
C LEU D 418 -33.06 -10.46 -13.61
N PHE D 419 -33.44 -10.13 -12.38
CA PHE D 419 -32.77 -9.07 -11.60
C PHE D 419 -32.05 -9.69 -10.40
N GLY D 420 -31.35 -8.86 -9.63
CA GLY D 420 -30.64 -9.31 -8.44
C GLY D 420 -29.38 -10.09 -8.76
N PRO E 16 -4.55 -28.24 -9.72
CA PRO E 16 -4.17 -29.62 -10.00
C PRO E 16 -3.04 -29.72 -11.03
N PHE E 17 -1.93 -30.38 -10.66
CA PHE E 17 -0.77 -30.52 -11.55
C PHE E 17 -0.51 -31.97 -11.93
N SER E 18 -0.08 -32.16 -13.19
CA SER E 18 0.36 -33.47 -13.68
C SER E 18 1.77 -33.76 -13.18
N LYS E 19 2.22 -35.01 -13.35
CA LYS E 19 3.52 -35.45 -12.85
C LYS E 19 4.69 -34.82 -13.61
N LYS E 20 4.47 -34.50 -14.89
CA LYS E 20 5.47 -33.80 -15.70
C LYS E 20 5.59 -32.36 -15.25
N GLN E 21 4.45 -31.72 -14.98
CA GLN E 21 4.44 -30.38 -14.39
C GLN E 21 5.13 -30.34 -13.02
N LEU E 22 4.81 -31.33 -12.16
CA LEU E 22 5.45 -31.43 -10.84
C LEU E 22 6.95 -31.63 -10.93
N LYS E 23 7.39 -32.41 -11.93
CA LYS E 23 8.83 -32.57 -12.20
C LYS E 23 9.49 -31.22 -12.49
N VAL E 24 8.83 -30.37 -13.29
CA VAL E 24 9.34 -29.01 -13.59
C VAL E 24 9.35 -28.13 -12.33
N LEU E 25 8.33 -28.27 -11.49
CA LEU E 25 8.28 -27.53 -10.22
C LEU E 25 9.37 -27.90 -9.20
N THR E 26 9.93 -29.13 -9.30
CA THR E 26 10.83 -29.70 -8.28
C THR E 26 12.21 -30.18 -8.75
N TRP E 27 12.56 -30.03 -10.04
CA TRP E 27 13.82 -30.61 -10.56
C TRP E 27 15.09 -30.03 -9.91
N TRP E 28 15.01 -28.79 -9.47
CA TRP E 28 16.17 -27.98 -9.04
C TRP E 28 16.54 -28.18 -7.56
N ARG E 29 15.55 -28.49 -6.72
CA ARG E 29 15.78 -28.82 -5.29
C ARG E 29 16.88 -29.87 -5.09
N LYS E 30 17.65 -29.72 -4.01
CA LYS E 30 18.78 -30.63 -3.72
C LYS E 30 18.36 -32.09 -3.51
N ALA E 31 17.13 -32.31 -3.04
CA ALA E 31 16.54 -33.64 -2.91
C ALA E 31 16.39 -34.40 -4.24
N SER E 32 16.28 -33.65 -5.35
CA SER E 32 16.16 -34.23 -6.69
C SER E 32 17.44 -34.99 -7.10
N PRO E 33 17.29 -36.13 -7.80
CA PRO E 33 18.45 -36.83 -8.35
C PRO E 33 19.09 -36.12 -9.54
N VAL E 34 18.30 -35.29 -10.24
CA VAL E 34 18.76 -34.51 -11.39
C VAL E 34 19.07 -33.04 -11.02
N SER E 35 19.30 -32.78 -9.73
CA SER E 35 19.61 -31.44 -9.20
C SER E 35 20.91 -30.82 -9.73
N ASP E 36 21.88 -31.65 -10.10
CA ASP E 36 23.20 -31.18 -10.55
C ASP E 36 23.21 -30.50 -11.92
N LYS E 37 22.12 -30.60 -12.69
CA LYS E 37 22.05 -30.03 -14.05
C LYS E 37 22.13 -28.50 -14.07
N ASP E 38 22.76 -27.98 -15.12
CA ASP E 38 22.97 -26.53 -15.30
C ASP E 38 21.77 -25.79 -15.90
N GLY E 39 20.67 -26.48 -16.17
CA GLY E 39 19.49 -25.83 -16.71
C GLY E 39 18.45 -26.79 -17.23
N ILE E 40 17.41 -26.24 -17.84
CA ILE E 40 16.27 -27.02 -18.30
C ILE E 40 15.72 -26.51 -19.64
N ILE E 41 15.25 -27.45 -20.47
CA ILE E 41 14.49 -27.16 -21.66
C ILE E 41 13.14 -27.83 -21.50
N CYS E 42 12.06 -27.07 -21.65
CA CYS E 42 10.72 -27.65 -21.78
C CYS E 42 10.13 -27.24 -23.11
N ASP E 43 10.10 -28.18 -24.05
CA ASP E 43 9.50 -27.96 -25.36
C ASP E 43 8.23 -28.81 -25.50
N GLY E 44 7.59 -28.68 -26.65
CA GLY E 44 6.45 -29.50 -27.01
C GLY E 44 5.23 -28.67 -27.36
N SER E 45 4.06 -29.29 -27.23
CA SER E 45 2.81 -28.75 -27.75
C SER E 45 2.36 -27.46 -27.08
N ILE E 46 1.44 -26.77 -27.75
CA ILE E 46 0.70 -25.64 -27.19
C ILE E 46 -0.30 -26.10 -26.11
N ARG E 47 -0.58 -25.21 -25.16
CA ARG E 47 -1.60 -25.43 -24.11
C ARG E 47 -1.35 -26.70 -23.27
N ALA E 48 -0.07 -26.98 -23.03
CA ALA E 48 0.34 -28.09 -22.18
C ALA E 48 0.56 -27.67 -20.73
N GLY E 49 0.34 -26.40 -20.42
CA GLY E 49 0.52 -25.87 -19.06
C GLY E 49 1.96 -25.86 -18.59
N LYS E 50 2.90 -25.77 -19.54
CA LYS E 50 4.32 -25.77 -19.19
C LYS E 50 4.86 -24.37 -18.94
N THR E 51 4.32 -23.38 -19.65
CA THR E 51 4.78 -21.99 -19.52
C THR E 51 4.59 -21.46 -18.12
N ILE E 52 3.39 -21.66 -17.58
CA ILE E 52 3.04 -21.14 -16.25
C ILE E 52 3.80 -21.83 -15.12
N VAL E 53 3.88 -23.17 -15.15
CA VAL E 53 4.57 -23.92 -14.08
C VAL E 53 6.09 -23.67 -14.10
N MET E 54 6.66 -23.63 -15.30
CA MET E 54 8.10 -23.45 -15.46
C MET E 54 8.53 -22.04 -15.10
N SER E 55 7.68 -21.05 -15.38
CA SER E 55 7.94 -19.67 -14.96
C SER E 55 7.78 -19.52 -13.45
N PHE E 56 6.80 -20.21 -12.87
CA PHE E 56 6.64 -20.21 -11.42
C PHE E 56 7.79 -20.91 -10.73
N SER E 57 8.30 -21.97 -11.34
CA SER E 57 9.48 -22.68 -10.84
C SER E 57 10.72 -21.80 -10.87
N TYR E 58 10.92 -21.08 -11.97
CA TYR E 58 12.08 -20.18 -12.12
C TYR E 58 12.18 -19.20 -10.95
N VAL E 59 11.07 -18.56 -10.61
CA VAL E 59 11.01 -17.60 -9.50
C VAL E 59 11.27 -18.34 -8.19
N MET E 60 10.52 -19.42 -7.95
CA MET E 60 10.74 -20.28 -6.79
C MET E 60 12.22 -20.59 -6.56
N TRP E 61 12.86 -21.12 -7.59
CA TRP E 61 14.28 -21.47 -7.57
C TRP E 61 15.15 -20.24 -7.23
N ALA E 62 14.94 -19.17 -7.97
CA ALA E 62 15.70 -17.92 -7.79
C ALA E 62 15.54 -17.31 -6.38
N MET E 63 14.33 -17.38 -5.84
CA MET E 63 14.05 -16.84 -4.50
C MET E 63 14.62 -17.71 -3.40
N ASP E 64 14.36 -19.01 -3.48
CA ASP E 64 14.93 -19.99 -2.55
C ASP E 64 16.47 -19.95 -2.51
N THR E 65 17.08 -19.85 -3.69
CA THR E 65 18.51 -20.11 -3.84
C THR E 65 19.42 -18.88 -3.69
N PHE E 66 18.93 -17.68 -4.02
CA PHE E 66 19.76 -16.47 -4.06
C PHE E 66 19.15 -15.31 -3.28
N ASN E 67 19.94 -14.26 -3.09
CA ASN E 67 19.46 -12.99 -2.52
C ASN E 67 20.24 -11.80 -3.07
N GLU E 68 19.52 -10.69 -3.31
CA GLU E 68 20.06 -9.48 -3.94
C GLU E 68 20.72 -9.73 -5.30
N GLN E 69 20.23 -10.73 -6.03
CA GLN E 69 20.83 -11.12 -7.31
C GLN E 69 19.88 -10.86 -8.46
N ASN E 70 20.46 -10.75 -9.65
CA ASN E 70 19.72 -10.42 -10.87
C ASN E 70 19.42 -11.66 -11.71
N PHE E 71 18.25 -11.62 -12.36
CA PHE E 71 17.69 -12.75 -13.09
C PHE E 71 16.99 -12.23 -14.33
N GLY E 72 17.41 -12.68 -15.50
CA GLY E 72 16.80 -12.24 -16.75
C GLY E 72 15.62 -13.11 -17.14
N MET E 73 14.63 -12.49 -17.77
CA MET E 73 13.54 -13.21 -18.42
C MET E 73 13.42 -12.58 -19.80
N ALA E 74 13.33 -13.40 -20.84
CA ALA E 74 13.26 -12.91 -22.22
C ALA E 74 12.08 -13.50 -23.01
N GLY E 75 11.65 -12.74 -24.02
CA GLY E 75 10.68 -13.20 -25.00
C GLY E 75 10.98 -12.64 -26.40
N LYS E 76 10.17 -13.07 -27.36
CA LYS E 76 10.16 -12.51 -28.73
C LYS E 76 10.16 -10.97 -28.66
N THR E 77 9.19 -10.46 -27.90
CA THR E 77 9.11 -9.06 -27.52
C THR E 77 8.78 -9.02 -26.02
N ILE E 78 9.02 -7.87 -25.38
CA ILE E 78 8.65 -7.69 -23.98
C ILE E 78 7.13 -7.73 -23.84
N GLY E 79 6.43 -7.21 -24.84
CA GLY E 79 4.98 -7.29 -24.91
C GLY E 79 4.45 -8.71 -24.94
N ALA E 80 5.05 -9.56 -25.77
CA ALA E 80 4.68 -10.97 -25.84
C ALA E 80 5.02 -11.72 -24.54
N LEU E 81 6.16 -11.39 -23.94
CA LEU E 81 6.59 -11.98 -22.67
C LEU E 81 5.64 -11.58 -21.53
N ARG E 82 5.18 -10.34 -21.53
CA ARG E 82 4.20 -9.88 -20.55
C ARG E 82 2.85 -10.60 -20.71
N ARG E 83 2.38 -10.77 -21.95
CA ARG E 83 1.12 -11.47 -22.24
C ARG E 83 1.17 -12.98 -21.94
N ASN E 84 2.18 -13.64 -22.49
CA ASN E 84 2.32 -15.09 -22.37
C ASN E 84 2.78 -15.55 -20.98
N VAL E 85 3.62 -14.73 -20.31
CA VAL E 85 4.32 -15.18 -19.09
C VAL E 85 4.04 -14.31 -17.85
N ILE E 86 4.37 -13.01 -17.92
CA ILE E 86 4.48 -12.19 -16.71
C ILE E 86 3.14 -11.93 -16.02
N THR E 87 2.11 -11.55 -16.78
CA THR E 87 0.81 -11.22 -16.17
C THR E 87 0.07 -12.45 -15.60
N PRO E 88 0.16 -13.64 -16.27
CA PRO E 88 -0.22 -14.88 -15.56
C PRO E 88 0.64 -15.16 -14.32
N LEU E 89 1.95 -14.96 -14.42
CA LEU E 89 2.90 -15.25 -13.34
C LEU E 89 2.70 -14.41 -12.09
N LYS E 90 2.43 -13.12 -12.26
CA LYS E 90 2.13 -12.24 -11.12
C LYS E 90 0.88 -12.67 -10.36
N ARG E 91 -0.14 -13.12 -11.08
CA ARG E 91 -1.39 -13.61 -10.48
C ARG E 91 -1.14 -14.81 -9.56
N MET E 92 -0.33 -15.76 -10.02
CA MET E 92 0.02 -16.96 -9.26
C MET E 92 0.89 -16.61 -8.04
N LEU E 93 1.94 -15.84 -8.29
CA LEU E 93 2.85 -15.38 -7.23
C LEU E 93 2.13 -14.67 -6.07
N LYS E 94 1.25 -13.73 -6.40
CA LYS E 94 0.41 -13.03 -5.41
C LYS E 94 -0.51 -14.00 -4.67
N SER E 95 -1.22 -14.81 -5.45
CA SER E 95 -2.16 -15.81 -4.93
C SER E 95 -1.52 -16.88 -4.04
N ARG E 96 -0.22 -17.14 -4.23
CA ARG E 96 0.53 -18.07 -3.36
C ARG E 96 1.61 -17.37 -2.53
N GLY E 97 1.32 -16.16 -2.04
CA GLY E 97 2.12 -15.51 -0.98
C GLY E 97 3.37 -14.70 -1.32
N TYR E 98 3.74 -14.62 -2.60
CA TYR E 98 4.90 -13.83 -3.02
C TYR E 98 4.50 -12.38 -3.25
N ARG E 99 5.31 -11.44 -2.75
CA ARG E 99 5.09 -10.00 -2.96
C ARG E 99 5.84 -9.54 -4.20
N VAL E 100 5.09 -9.19 -5.24
CA VAL E 100 5.66 -8.73 -6.53
C VAL E 100 5.44 -7.23 -6.72
N LYS E 101 6.49 -6.53 -7.12
CA LYS E 101 6.41 -5.13 -7.53
C LYS E 101 6.99 -5.01 -8.94
N ASP E 102 6.22 -4.40 -9.84
CA ASP E 102 6.52 -4.38 -11.28
C ASP E 102 6.80 -2.95 -11.74
N HIS E 103 8.02 -2.71 -12.21
CA HIS E 103 8.43 -1.42 -12.78
C HIS E 103 8.21 -1.48 -14.29
N ARG E 104 7.14 -0.83 -14.75
CA ARG E 104 6.71 -0.90 -16.16
C ARG E 104 7.63 -0.15 -17.12
N ALA E 105 8.06 1.04 -16.72
CA ALA E 105 8.99 1.84 -17.53
C ALA E 105 10.38 1.22 -17.59
N ASP E 106 10.82 0.63 -16.48
CA ASP E 106 12.18 0.09 -16.35
C ASP E 106 12.29 -1.38 -16.72
N ASN E 107 11.15 -2.01 -17.05
CA ASN E 107 11.08 -3.43 -17.43
C ASN E 107 11.92 -4.36 -16.55
N TYR E 108 11.57 -4.38 -15.27
CA TYR E 108 12.05 -5.39 -14.32
C TYR E 108 11.03 -5.56 -13.17
N LEU E 109 11.24 -6.59 -12.36
CA LEU E 109 10.37 -6.92 -11.22
C LEU E 109 11.22 -7.08 -9.95
N THR E 110 10.74 -6.50 -8.85
CA THR E 110 11.25 -6.79 -7.51
C THR E 110 10.30 -7.81 -6.89
N ILE E 111 10.83 -8.98 -6.54
CA ILE E 111 10.07 -10.05 -5.89
C ILE E 111 10.72 -10.31 -4.53
N THR E 112 9.89 -10.41 -3.49
CA THR E 112 10.35 -10.72 -2.14
C THR E 112 9.50 -11.86 -1.55
N PHE E 113 10.16 -12.78 -0.83
CA PHE E 113 9.49 -13.89 -0.17
C PHE E 113 10.31 -14.43 1.00
N LYS E 114 9.64 -14.58 2.15
CA LYS E 114 10.27 -14.90 3.45
C LYS E 114 11.63 -14.24 3.68
N GLY E 115 11.62 -12.91 3.79
CA GLY E 115 12.82 -12.13 4.09
C GLY E 115 13.97 -12.25 3.10
N LYS E 116 13.63 -12.49 1.82
CA LYS E 116 14.61 -12.51 0.73
C LYS E 116 14.10 -11.59 -0.38
N THR E 117 14.99 -11.18 -1.28
CA THR E 117 14.60 -10.28 -2.39
C THR E 117 15.55 -10.34 -3.60
N ASN E 118 14.95 -10.50 -4.79
CA ASN E 118 15.71 -10.57 -6.05
C ASN E 118 15.06 -9.72 -7.13
N TYR E 119 15.84 -9.44 -8.17
CA TYR E 119 15.46 -8.47 -9.21
C TYR E 119 15.42 -9.13 -10.60
N PHE E 120 14.20 -9.30 -11.15
CA PHE E 120 13.98 -10.01 -12.41
C PHE E 120 13.75 -9.07 -13.59
N TYR E 121 14.75 -8.98 -14.48
CA TYR E 121 14.72 -8.06 -15.61
C TYR E 121 14.04 -8.70 -16.82
N LEU E 122 13.24 -7.91 -17.55
CA LEU E 122 12.49 -8.38 -18.72
C LEU E 122 13.20 -7.96 -20.00
N PHE E 123 13.35 -8.90 -20.93
CA PHE E 123 14.14 -8.70 -22.15
C PHE E 123 13.36 -9.04 -23.42
N GLY E 124 13.73 -8.37 -24.52
CA GLY E 124 13.22 -8.64 -25.85
C GLY E 124 14.35 -9.09 -26.78
N GLY E 125 14.06 -10.06 -27.65
CA GLY E 125 15.05 -10.64 -28.54
C GLY E 125 15.73 -9.66 -29.49
N LYS E 126 14.94 -8.78 -30.08
CA LYS E 126 15.44 -7.75 -31.01
C LYS E 126 15.32 -6.31 -30.47
N ASP E 127 14.74 -6.13 -29.29
CA ASP E 127 14.54 -4.79 -28.71
C ASP E 127 15.88 -4.04 -28.53
N GLU E 128 15.85 -2.75 -28.83
CA GLU E 128 17.05 -1.90 -28.83
C GLU E 128 17.65 -1.75 -27.43
N SER E 129 16.80 -1.44 -26.45
CA SER E 129 17.21 -1.32 -25.04
C SER E 129 17.77 -2.64 -24.50
N SER E 130 17.14 -3.75 -24.88
CA SER E 130 17.55 -5.08 -24.47
C SER E 130 18.92 -5.48 -25.02
N GLN E 131 19.26 -4.97 -26.21
CA GLN E 131 20.57 -5.20 -26.81
C GLN E 131 21.72 -4.57 -25.99
N ASP E 132 21.52 -3.36 -25.46
CA ASP E 132 22.56 -2.69 -24.67
C ASP E 132 22.56 -3.10 -23.18
N LEU E 133 21.37 -3.33 -22.62
CA LEU E 133 21.24 -3.78 -21.23
C LEU E 133 21.88 -5.15 -20.99
N ILE E 134 21.67 -6.08 -21.94
CA ILE E 134 22.27 -7.42 -21.86
C ILE E 134 23.80 -7.41 -22.08
N GLN E 135 24.34 -6.35 -22.68
CA GLN E 135 25.80 -6.19 -22.83
C GLN E 135 26.55 -6.03 -21.50
N GLY E 136 25.94 -5.38 -20.51
CA GLY E 136 26.60 -5.04 -19.23
C GLY E 136 26.10 -5.70 -17.95
N ILE E 137 24.87 -6.21 -17.94
CA ILE E 137 24.28 -6.77 -16.71
C ILE E 137 24.90 -8.11 -16.31
N THR E 138 24.99 -8.38 -15.01
CA THR E 138 25.44 -9.69 -14.48
C THR E 138 24.22 -10.44 -13.98
N LEU E 139 24.16 -11.75 -14.25
CA LEU E 139 22.98 -12.56 -13.96
C LEU E 139 23.28 -13.83 -13.17
N ALA E 140 22.33 -14.21 -12.32
CA ALA E 140 22.32 -15.48 -11.62
C ALA E 140 21.32 -16.45 -12.25
N GLY E 141 20.70 -16.05 -13.36
CA GLY E 141 19.74 -16.92 -14.04
C GLY E 141 19.11 -16.26 -15.26
N MET E 142 18.59 -17.07 -16.17
CA MET E 142 18.01 -16.56 -17.42
C MET E 142 16.89 -17.46 -17.89
N PHE E 143 15.77 -16.85 -18.26
CA PHE E 143 14.56 -17.55 -18.68
C PHE E 143 14.17 -17.07 -20.07
N PHE E 144 14.13 -18.00 -21.02
CA PHE E 144 13.75 -17.69 -22.38
C PHE E 144 12.39 -18.31 -22.70
N ASP E 145 11.38 -17.47 -22.91
CA ASP E 145 10.06 -17.92 -23.40
C ASP E 145 10.03 -17.82 -24.91
N GLU E 146 9.49 -18.86 -25.56
CA GLU E 146 9.46 -18.95 -27.02
C GLU E 146 10.87 -18.71 -27.63
N VAL E 147 11.85 -19.47 -27.12
CA VAL E 147 13.26 -19.29 -27.50
C VAL E 147 13.54 -19.60 -28.98
N ALA E 148 12.77 -20.52 -29.58
CA ALA E 148 12.87 -20.81 -31.01
C ALA E 148 12.65 -19.56 -31.89
N LEU E 149 11.77 -18.67 -31.44
CA LEU E 149 11.45 -17.45 -32.19
C LEU E 149 12.42 -16.28 -31.96
N MET E 150 13.42 -16.45 -31.08
CA MET E 150 14.41 -15.39 -30.82
C MET E 150 15.63 -15.54 -31.73
N PRO E 151 16.43 -14.46 -31.85
CA PRO E 151 17.72 -14.59 -32.52
C PRO E 151 18.67 -15.46 -31.70
N GLU E 152 19.46 -16.29 -32.38
CA GLU E 152 20.48 -17.12 -31.73
C GLU E 152 21.53 -16.26 -31.01
N SER E 153 21.92 -15.15 -31.64
CA SER E 153 22.96 -14.26 -31.10
C SER E 153 22.54 -13.54 -29.81
N PHE E 154 21.24 -13.30 -29.64
CA PHE E 154 20.74 -12.78 -28.38
C PHE E 154 20.83 -13.81 -27.25
N VAL E 155 20.49 -15.08 -27.52
CA VAL E 155 20.52 -16.10 -26.46
C VAL E 155 21.98 -16.42 -26.08
N ASN E 156 22.92 -16.21 -27.02
CA ASN E 156 24.36 -16.35 -26.76
C ASN E 156 24.88 -15.30 -25.79
N GLN E 157 24.51 -14.04 -26.02
CA GLN E 157 24.84 -12.95 -25.10
C GLN E 157 24.18 -13.18 -23.75
N ALA E 158 22.88 -13.48 -23.77
CA ALA E 158 22.10 -13.76 -22.56
C ALA E 158 22.64 -14.93 -21.75
N THR E 159 23.18 -15.94 -22.42
CA THR E 159 23.91 -17.02 -21.72
C THR E 159 25.28 -16.53 -21.21
N ALA E 160 25.95 -15.70 -22.01
CA ALA E 160 27.26 -15.13 -21.65
C ALA E 160 27.25 -14.11 -20.50
N ARG E 161 26.07 -13.76 -19.96
CA ARG E 161 25.96 -12.91 -18.78
C ARG E 161 25.55 -13.63 -17.50
N CYS E 162 25.22 -14.93 -17.58
CA CYS E 162 24.96 -15.72 -16.37
C CYS E 162 26.29 -16.17 -15.73
N SER E 163 27.02 -15.18 -15.19
CA SER E 163 28.37 -15.38 -14.67
C SER E 163 28.42 -15.70 -13.18
N VAL E 164 27.31 -15.49 -12.46
CA VAL E 164 27.25 -15.75 -11.03
C VAL E 164 27.38 -17.26 -10.74
N ASP E 165 28.07 -17.58 -9.65
CA ASP E 165 28.26 -18.95 -9.17
C ASP E 165 26.89 -19.57 -8.84
N GLY E 166 26.56 -20.65 -9.53
CA GLY E 166 25.29 -21.38 -9.34
C GLY E 166 24.16 -21.03 -10.32
N ALA E 167 24.47 -20.26 -11.37
CA ALA E 167 23.46 -19.80 -12.33
C ALA E 167 22.90 -20.92 -13.19
N LYS E 168 21.65 -20.75 -13.63
CA LYS E 168 20.92 -21.78 -14.37
C LYS E 168 20.14 -21.17 -15.53
N LEU E 169 20.10 -21.91 -16.65
CA LEU E 169 19.44 -21.48 -17.88
C LEU E 169 18.12 -22.22 -18.04
N TRP E 170 17.07 -21.53 -18.45
CA TRP E 170 15.72 -22.12 -18.55
C TRP E 170 15.10 -21.77 -19.90
N PHE E 171 14.79 -22.79 -20.70
CA PHE E 171 14.28 -22.61 -22.07
C PHE E 171 12.88 -23.16 -22.23
N ASN E 172 11.96 -22.31 -22.68
CA ASN E 172 10.61 -22.72 -23.01
C ASN E 172 10.42 -22.47 -24.50
N CYS E 173 9.90 -23.46 -25.23
CA CYS E 173 9.58 -23.27 -26.66
C CYS E 173 8.52 -24.23 -27.19
N ASN E 174 8.18 -24.01 -28.44
CA ASN E 174 7.28 -24.81 -29.20
C ASN E 174 8.08 -25.25 -30.40
N PRO E 175 7.83 -26.45 -30.90
CA PRO E 175 8.65 -26.96 -31.99
C PRO E 175 8.68 -26.20 -33.28
N ALA E 176 9.86 -26.24 -33.88
CA ALA E 176 10.10 -25.71 -35.19
C ALA E 176 10.58 -26.89 -36.00
N GLY E 177 11.42 -26.62 -36.98
CA GLY E 177 12.01 -27.64 -37.81
C GLY E 177 13.25 -28.25 -37.19
N PRO E 178 13.64 -29.44 -37.64
CA PRO E 178 14.80 -30.17 -37.13
C PRO E 178 16.13 -29.51 -37.37
N TYR E 179 16.27 -28.73 -38.43
CA TYR E 179 17.53 -28.04 -38.68
C TYR E 179 17.60 -26.65 -38.02
N HIS E 180 16.55 -26.28 -37.28
CA HIS E 180 16.51 -25.02 -36.52
C HIS E 180 17.67 -24.93 -35.52
N TRP E 181 18.22 -23.72 -35.35
CA TRP E 181 19.42 -23.52 -34.52
C TRP E 181 19.29 -24.05 -33.08
N PHE E 182 18.15 -23.82 -32.44
CA PHE E 182 17.89 -24.32 -31.08
C PHE E 182 17.80 -25.84 -31.02
N LYS E 183 17.23 -26.48 -32.03
CA LYS E 183 17.20 -27.94 -32.12
C LYS E 183 18.61 -28.53 -32.22
N VAL E 184 19.43 -27.89 -33.05
CA VAL E 184 20.77 -28.37 -33.39
C VAL E 184 21.79 -28.03 -32.30
N GLU E 185 21.81 -26.76 -31.88
CA GLU E 185 22.83 -26.22 -30.98
C GLU E 185 22.51 -26.31 -29.49
N TYR E 186 21.29 -26.73 -29.12
CA TYR E 186 20.89 -26.84 -27.72
C TYR E 186 20.24 -28.19 -27.42
N LEU E 187 19.08 -28.45 -28.03
CA LEU E 187 18.29 -29.66 -27.76
C LEU E 187 19.00 -30.96 -28.11
N ASP E 188 19.75 -30.96 -29.22
CA ASP E 188 20.54 -32.15 -29.61
C ASP E 188 21.83 -32.23 -28.78
N LYS E 189 22.55 -31.13 -28.65
CA LYS E 189 23.74 -31.07 -27.78
C LYS E 189 23.34 -30.98 -26.29
N LEU E 190 22.56 -31.94 -25.83
CA LEU E 190 21.92 -31.85 -24.52
C LEU E 190 22.87 -32.25 -23.40
N ASP E 191 23.62 -33.34 -23.61
CA ASP E 191 24.66 -33.76 -22.66
C ASP E 191 25.82 -32.77 -22.59
N GLU E 192 26.26 -32.24 -23.74
CA GLU E 192 27.38 -31.29 -23.77
C GLU E 192 27.13 -30.03 -22.93
N LYS E 193 25.94 -29.43 -23.07
CA LYS E 193 25.55 -28.25 -22.28
C LYS E 193 25.02 -28.60 -20.88
N ASN E 194 24.77 -29.89 -20.64
CA ASN E 194 24.34 -30.42 -19.33
C ASN E 194 22.99 -29.84 -18.91
N LEU E 195 21.95 -30.20 -19.66
CA LEU E 195 20.60 -29.67 -19.48
C LEU E 195 19.59 -30.79 -19.35
N LEU E 196 18.66 -30.62 -18.41
CA LEU E 196 17.48 -31.47 -18.33
C LEU E 196 16.58 -31.13 -19.52
N HIS E 197 15.84 -32.12 -20.00
CA HIS E 197 14.86 -31.89 -21.05
C HIS E 197 13.58 -32.62 -20.72
N LEU E 198 12.47 -31.89 -20.73
CA LEU E 198 11.15 -32.46 -20.59
C LEU E 198 10.35 -32.07 -21.81
N HIS E 199 9.52 -32.98 -22.30
CA HIS E 199 8.65 -32.73 -23.44
C HIS E 199 7.19 -32.78 -22.99
N PHE E 200 6.41 -31.82 -23.49
CA PHE E 200 5.04 -31.59 -23.02
C PHE E 200 4.00 -31.70 -24.14
N THR E 201 2.94 -32.48 -23.88
CA THR E 201 1.76 -32.52 -24.73
C THR E 201 0.55 -32.12 -23.89
N MET E 202 -0.61 -32.04 -24.53
CA MET E 202 -1.87 -31.72 -23.83
C MET E 202 -2.31 -32.80 -22.81
N ASP E 203 -1.81 -34.03 -22.96
CA ASP E 203 -1.93 -35.08 -21.93
C ASP E 203 -1.40 -34.68 -20.55
N ASP E 204 -0.39 -33.78 -20.52
CA ASP E 204 0.25 -33.32 -19.28
C ASP E 204 -0.37 -32.04 -18.69
N ASN E 205 -1.67 -31.85 -18.92
CA ASN E 205 -2.41 -30.65 -18.51
C ASN E 205 -3.84 -31.06 -18.15
N LEU E 206 -4.11 -31.22 -16.85
CA LEU E 206 -5.38 -31.78 -16.39
C LEU E 206 -6.56 -30.80 -16.44
N SER E 207 -6.28 -29.51 -16.59
CA SER E 207 -7.34 -28.51 -16.77
C SER E 207 -8.06 -28.57 -18.13
N LEU E 208 -7.65 -29.48 -19.03
CA LEU E 208 -8.30 -29.68 -20.32
C LEU E 208 -9.22 -30.89 -20.29
N SER E 209 -10.45 -30.72 -20.78
CA SER E 209 -11.40 -31.80 -20.92
C SER E 209 -11.17 -32.58 -22.21
N LYS E 210 -11.89 -33.69 -22.37
CA LYS E 210 -11.96 -34.44 -23.63
C LYS E 210 -12.56 -33.57 -24.73
N GLN E 211 -13.54 -32.74 -24.35
CA GLN E 211 -14.19 -31.79 -25.26
C GLN E 211 -13.18 -30.78 -25.82
N VAL E 212 -12.48 -30.09 -24.92
CA VAL E 212 -11.55 -29.01 -25.30
C VAL E 212 -10.30 -29.54 -26.00
N LYS E 213 -9.73 -30.63 -25.49
CA LYS E 213 -8.53 -31.24 -26.09
C LYS E 213 -8.76 -31.68 -27.53
N GLU E 214 -9.94 -32.24 -27.81
CA GLU E 214 -10.32 -32.63 -29.18
C GLU E 214 -10.51 -31.44 -30.11
N ARG E 215 -11.02 -30.32 -29.58
CA ARG E 215 -11.23 -29.11 -30.37
C ARG E 215 -9.92 -28.50 -30.88
N TYR E 216 -8.88 -28.48 -30.03
CA TYR E 216 -7.57 -27.97 -30.44
C TYR E 216 -6.86 -28.86 -31.47
N GLN E 217 -7.16 -30.16 -31.47
CA GLN E 217 -6.68 -31.09 -32.50
C GLN E 217 -7.35 -30.84 -33.86
N ARG E 218 -8.61 -30.37 -33.82
CA ARG E 218 -9.36 -30.00 -35.02
C ARG E 218 -8.77 -28.77 -35.75
N MET E 219 -8.11 -27.89 -35.02
CA MET E 219 -7.53 -26.65 -35.58
C MET E 219 -6.30 -26.83 -36.47
N TYR E 220 -5.61 -27.97 -36.33
CA TYR E 220 -4.36 -28.20 -37.05
C TYR E 220 -4.38 -29.47 -37.86
N LYS E 221 -3.64 -29.44 -38.98
CA LYS E 221 -3.38 -30.61 -39.80
C LYS E 221 -1.97 -30.50 -40.39
N GLY E 222 -1.38 -31.64 -40.69
CA GLY E 222 -0.06 -31.68 -41.32
C GLY E 222 1.03 -31.19 -40.39
N VAL E 223 1.98 -30.45 -40.96
CA VAL E 223 3.16 -29.99 -40.25
C VAL E 223 2.84 -29.26 -38.93
N PHE E 224 1.86 -28.36 -38.97
CA PHE E 224 1.51 -27.55 -37.80
C PHE E 224 0.83 -28.38 -36.72
N TYR E 225 0.08 -29.40 -37.13
CA TYR E 225 -0.45 -30.40 -36.19
C TYR E 225 0.69 -31.13 -35.48
N GLN E 226 1.60 -31.68 -36.27
CA GLN E 226 2.75 -32.43 -35.75
C GLN E 226 3.62 -31.61 -34.81
N ARG E 227 3.79 -30.33 -35.14
CA ARG E 227 4.52 -29.42 -34.28
C ARG E 227 3.72 -29.04 -33.04
N TYR E 228 2.57 -28.42 -33.25
CA TYR E 228 1.84 -27.79 -32.14
C TYR E 228 0.91 -28.70 -31.34
N ILE E 229 0.59 -29.90 -31.84
CA ILE E 229 -0.23 -30.87 -31.11
C ILE E 229 0.60 -32.04 -30.61
N LEU E 230 1.36 -32.68 -31.52
CA LEU E 230 2.23 -33.79 -31.16
C LEU E 230 3.57 -33.35 -30.55
N GLY E 231 3.98 -32.10 -30.76
CA GLY E 231 5.20 -31.55 -30.13
C GLY E 231 6.51 -31.95 -30.79
N LEU E 232 6.46 -32.22 -32.10
CA LEU E 232 7.55 -32.85 -32.84
C LEU E 232 8.23 -31.83 -33.74
N TRP E 233 9.57 -31.84 -33.73
CA TRP E 233 10.37 -30.94 -34.57
C TRP E 233 10.43 -31.48 -36.02
N VAL E 234 9.32 -31.36 -36.74
CA VAL E 234 9.20 -31.90 -38.11
C VAL E 234 9.50 -30.83 -39.16
N LEU E 235 10.07 -31.28 -40.28
CA LEU E 235 10.52 -30.39 -41.37
C LEU E 235 9.35 -29.86 -42.17
N ALA E 236 9.36 -28.55 -42.44
CA ALA E 236 8.34 -27.93 -43.29
C ALA E 236 8.70 -28.21 -44.74
N GLU E 237 7.83 -28.97 -45.40
CA GLU E 237 8.14 -29.52 -46.72
C GLU E 237 6.87 -29.91 -47.49
N GLY E 238 6.85 -29.54 -48.78
CA GLY E 238 5.75 -29.88 -49.69
C GLY E 238 4.76 -28.75 -49.87
N ILE E 239 3.51 -29.12 -50.17
CA ILE E 239 2.39 -28.17 -50.25
C ILE E 239 2.15 -27.59 -48.85
N ILE E 240 2.06 -26.27 -48.77
CA ILE E 240 1.91 -25.57 -47.49
C ILE E 240 0.49 -25.73 -46.94
N TYR E 241 -0.50 -25.56 -47.82
CA TYR E 241 -1.90 -25.66 -47.43
C TYR E 241 -2.48 -26.99 -47.92
N ASP E 242 -1.93 -28.08 -47.43
CA ASP E 242 -2.45 -29.44 -47.72
C ASP E 242 -3.82 -29.74 -47.07
N MET E 243 -4.28 -28.87 -46.16
CA MET E 243 -5.64 -28.94 -45.63
C MET E 243 -6.71 -28.35 -46.57
N PHE E 244 -6.33 -27.44 -47.47
CA PHE E 244 -7.26 -26.92 -48.47
C PHE E 244 -7.79 -28.04 -49.34
N ASP E 245 -9.08 -27.95 -49.67
CA ASP E 245 -9.88 -29.09 -50.11
C ASP E 245 -11.15 -28.53 -50.73
N GLN E 246 -11.37 -28.82 -52.00
CA GLN E 246 -12.50 -28.23 -52.74
C GLN E 246 -13.86 -28.88 -52.42
N ASP E 247 -13.82 -30.09 -51.85
CA ASP E 247 -15.02 -30.72 -51.26
C ASP E 247 -15.58 -29.93 -50.05
N GLU E 248 -14.75 -29.09 -49.42
CA GLU E 248 -15.09 -28.43 -48.16
C GLU E 248 -15.16 -26.90 -48.24
N HIS E 249 -14.18 -26.28 -48.91
CA HIS E 249 -13.93 -24.83 -48.78
C HIS E 249 -14.48 -23.93 -49.89
N VAL E 250 -14.97 -24.54 -50.98
CA VAL E 250 -15.49 -23.78 -52.09
C VAL E 250 -17.01 -23.85 -52.09
N VAL E 251 -17.65 -22.71 -52.32
CA VAL E 251 -19.10 -22.58 -52.25
C VAL E 251 -19.62 -21.86 -53.50
N PRO E 252 -20.94 -21.99 -53.79
CA PRO E 252 -21.48 -21.35 -55.01
C PRO E 252 -21.43 -19.82 -55.00
N THR E 253 -21.04 -19.22 -56.13
CA THR E 253 -21.04 -17.75 -56.25
C THR E 253 -22.49 -17.28 -56.35
N VAL E 254 -23.07 -17.04 -55.18
CA VAL E 254 -24.50 -16.75 -55.04
C VAL E 254 -24.62 -15.64 -53.96
N PRO E 255 -25.52 -14.65 -54.16
CA PRO E 255 -25.60 -13.53 -53.20
C PRO E 255 -25.96 -13.94 -51.77
N ARG E 256 -25.36 -13.27 -50.79
CA ARG E 256 -25.69 -13.46 -49.37
C ARG E 256 -25.75 -12.08 -48.69
N PRO E 257 -26.55 -11.96 -47.61
CA PRO E 257 -26.71 -10.67 -46.94
C PRO E 257 -25.54 -10.38 -46.00
N TYR E 258 -24.42 -9.97 -46.60
CA TYR E 258 -23.15 -9.84 -45.88
C TYR E 258 -23.21 -8.66 -44.90
N GLU E 259 -22.62 -8.84 -43.72
CA GLU E 259 -22.73 -7.89 -42.61
C GLU E 259 -21.72 -6.75 -42.76
N LYS E 260 -20.45 -7.12 -42.85
CA LYS E 260 -19.35 -6.19 -43.06
C LYS E 260 -18.59 -6.66 -44.29
N TYR E 261 -17.91 -5.73 -44.96
CA TYR E 261 -17.03 -6.05 -46.09
C TYR E 261 -15.60 -5.59 -45.79
N TYR E 262 -14.64 -6.23 -46.46
CA TYR E 262 -13.23 -5.82 -46.45
C TYR E 262 -12.64 -6.10 -47.83
N VAL E 263 -11.52 -5.46 -48.17
CA VAL E 263 -10.79 -5.78 -49.39
C VAL E 263 -9.31 -5.93 -49.08
N SER E 264 -8.73 -7.08 -49.39
CA SER E 264 -7.28 -7.29 -49.25
C SER E 264 -6.59 -7.06 -50.58
N CYS E 265 -5.28 -6.79 -50.56
CA CYS E 265 -4.57 -6.40 -51.77
C CYS E 265 -3.06 -6.67 -51.75
N ASP E 266 -2.63 -7.58 -52.62
CA ASP E 266 -1.21 -7.80 -52.89
C ASP E 266 -0.84 -6.95 -54.10
N TYR E 267 -0.17 -5.83 -53.85
CA TYR E 267 0.13 -4.84 -54.88
C TYR E 267 1.35 -5.23 -55.72
N GLY E 268 1.28 -4.98 -57.02
CA GLY E 268 2.42 -5.19 -57.92
C GLY E 268 2.23 -4.53 -59.27
N THR E 269 3.26 -3.84 -59.74
CA THR E 269 3.30 -3.33 -61.11
C THR E 269 4.06 -4.33 -62.00
N GLN E 270 5.23 -4.76 -61.54
CA GLN E 270 6.06 -5.76 -62.24
C GLN E 270 5.64 -7.22 -61.95
N ASN E 271 4.87 -7.43 -60.88
CA ASN E 271 4.22 -8.72 -60.58
C ASN E 271 2.71 -8.52 -60.55
N PRO E 272 1.93 -9.62 -60.49
CA PRO E 272 0.46 -9.45 -60.50
C PRO E 272 -0.10 -8.61 -59.34
N THR E 273 -1.16 -7.85 -59.63
CA THR E 273 -1.91 -7.15 -58.61
C THR E 273 -3.21 -7.93 -58.40
N THR E 274 -3.55 -8.16 -57.13
CA THR E 274 -4.78 -8.85 -56.77
C THR E 274 -5.58 -8.01 -55.78
N PHE E 275 -6.90 -8.07 -55.91
CA PHE E 275 -7.83 -7.64 -54.86
C PHE E 275 -8.72 -8.83 -54.51
N GLY E 276 -9.15 -8.89 -53.25
CA GLY E 276 -10.10 -9.89 -52.80
C GLY E 276 -11.15 -9.25 -51.94
N LEU E 277 -12.42 -9.37 -52.34
CA LEU E 277 -13.55 -8.88 -51.55
C LEU E 277 -13.94 -9.97 -50.54
N TRP E 278 -13.95 -9.63 -49.25
CA TRP E 278 -14.29 -10.57 -48.18
C TRP E 278 -15.55 -10.10 -47.45
N GLY E 279 -16.52 -10.99 -47.30
CA GLY E 279 -17.82 -10.65 -46.67
C GLY E 279 -18.18 -11.57 -45.52
N LEU E 280 -18.55 -11.00 -44.38
CA LEU E 280 -18.96 -11.77 -43.22
C LEU E 280 -20.43 -12.16 -43.32
N TYR E 281 -20.72 -13.45 -43.09
CA TYR E 281 -22.09 -13.95 -43.05
C TYR E 281 -22.20 -15.19 -42.13
N ASN E 282 -22.97 -15.05 -41.04
CA ASN E 282 -23.12 -16.09 -40.00
C ASN E 282 -21.78 -16.54 -39.42
N GLY E 283 -20.98 -15.56 -39.02
CA GLY E 283 -19.67 -15.80 -38.40
C GLY E 283 -18.59 -16.40 -39.29
N VAL E 284 -18.82 -16.38 -40.62
CA VAL E 284 -17.87 -16.95 -41.57
C VAL E 284 -17.58 -15.87 -42.60
N TRP E 285 -16.30 -15.65 -42.87
CA TRP E 285 -15.86 -14.70 -43.89
C TRP E 285 -15.71 -15.39 -45.24
N TYR E 286 -16.43 -14.88 -46.24
CA TYR E 286 -16.45 -15.44 -47.59
C TYR E 286 -15.60 -14.60 -48.51
N LYS E 287 -14.75 -15.21 -49.32
CA LYS E 287 -14.11 -14.47 -50.41
C LYS E 287 -15.11 -14.40 -51.55
N VAL E 288 -15.70 -13.22 -51.72
CA VAL E 288 -16.86 -13.01 -52.58
C VAL E 288 -16.48 -13.06 -54.05
N LYS E 289 -15.50 -12.24 -54.38
CA LYS E 289 -14.98 -11.99 -55.71
C LYS E 289 -13.48 -11.91 -55.68
N GLU E 290 -12.83 -12.06 -56.83
CA GLU E 290 -11.39 -11.79 -56.91
C GLU E 290 -11.11 -10.94 -58.14
N TYR E 291 -10.11 -10.08 -58.00
CA TYR E 291 -9.50 -9.37 -59.11
C TYR E 291 -8.09 -9.91 -59.20
N HIS E 292 -7.61 -10.02 -60.44
CA HIS E 292 -6.29 -10.57 -60.72
C HIS E 292 -5.83 -10.02 -62.07
N TYR E 293 -4.76 -9.24 -62.05
CA TYR E 293 -4.18 -8.64 -63.26
C TYR E 293 -2.68 -8.85 -63.31
N ASP E 294 -2.20 -9.54 -64.35
CA ASP E 294 -0.77 -9.77 -64.59
C ASP E 294 -0.32 -8.93 -65.80
N GLY E 295 0.51 -7.93 -65.53
CA GLY E 295 1.09 -7.08 -66.59
C GLY E 295 1.96 -7.81 -67.59
N ARG E 296 2.64 -8.87 -67.16
CA ARG E 296 3.47 -9.70 -68.06
C ARG E 296 2.63 -10.44 -69.12
N LYS E 297 1.54 -11.06 -68.68
CA LYS E 297 0.59 -11.74 -69.58
C LYS E 297 0.01 -10.78 -70.61
N GLU E 298 -0.65 -9.73 -70.14
CA GLU E 298 -1.38 -8.79 -71.00
C GLU E 298 -0.46 -7.84 -71.78
N ASN E 299 0.83 -7.81 -71.44
CA ASN E 299 1.83 -6.90 -72.04
C ASN E 299 1.43 -5.43 -71.90
N LYS E 300 1.00 -5.06 -70.70
CA LYS E 300 0.67 -3.68 -70.35
C LYS E 300 0.65 -3.56 -68.84
N GLN E 301 1.56 -2.76 -68.28
CA GLN E 301 1.54 -2.43 -66.86
C GLN E 301 0.49 -1.36 -66.58
N LYS E 302 -0.04 -1.38 -65.37
CA LYS E 302 -1.07 -0.43 -64.95
C LYS E 302 -0.51 0.57 -63.93
N THR E 303 -1.00 1.80 -64.02
CA THR E 303 -0.67 2.84 -63.05
C THR E 303 -1.54 2.67 -61.82
N ASP E 304 -1.10 3.26 -60.71
CA ASP E 304 -1.89 3.32 -59.47
C ASP E 304 -3.29 3.88 -59.68
N GLN E 305 -3.42 4.86 -60.58
CA GLN E 305 -4.72 5.46 -60.94
C GLN E 305 -5.65 4.42 -61.55
N GLU E 306 -5.14 3.66 -62.51
CA GLU E 306 -5.89 2.55 -63.13
C GLU E 306 -6.32 1.49 -62.13
N TYR E 307 -5.42 1.12 -61.22
CA TYR E 307 -5.76 0.18 -60.14
C TYR E 307 -6.79 0.74 -59.17
N TYR E 308 -6.71 2.04 -58.89
CA TYR E 308 -7.75 2.73 -58.12
C TYR E 308 -9.10 2.70 -58.87
N GLU E 309 -9.08 3.05 -60.16
CA GLU E 309 -10.28 2.99 -60.99
C GLU E 309 -10.93 1.61 -60.94
N ASP E 310 -10.12 0.57 -61.14
CA ASP E 310 -10.57 -0.82 -61.03
C ASP E 310 -11.06 -1.20 -59.64
N LEU E 311 -10.36 -0.71 -58.61
CA LEU E 311 -10.78 -0.93 -57.23
C LEU E 311 -12.20 -0.41 -56.98
N MET E 312 -12.52 0.77 -57.52
CA MET E 312 -13.88 1.35 -57.35
C MET E 312 -14.99 0.59 -58.09
N LYS E 313 -14.69 0.03 -59.27
CA LYS E 313 -15.62 -0.86 -59.98
C LYS E 313 -15.81 -2.19 -59.24
N PHE E 314 -14.71 -2.71 -58.68
CA PHE E 314 -14.69 -3.93 -57.86
C PHE E 314 -15.66 -3.86 -56.64
N ILE E 315 -15.95 -2.64 -56.17
CA ILE E 315 -16.79 -2.40 -54.98
C ILE E 315 -18.17 -1.76 -55.33
N GLU E 316 -18.50 -1.67 -56.62
CA GLU E 316 -19.66 -0.90 -57.09
C GLU E 316 -20.97 -1.29 -56.42
N ASP E 317 -21.27 -2.59 -56.43
CA ASP E 317 -22.55 -3.10 -55.93
C ASP E 317 -22.82 -2.85 -54.44
N ILE E 318 -21.77 -2.88 -53.61
CA ILE E 318 -21.95 -2.93 -52.15
C ILE E 318 -22.15 -1.57 -51.48
N GLU E 319 -22.68 -1.61 -50.26
CA GLU E 319 -22.99 -0.41 -49.47
C GLU E 319 -21.75 0.06 -48.71
N LYS E 320 -21.52 1.37 -48.70
CA LYS E 320 -20.31 1.93 -48.08
C LYS E 320 -20.28 1.93 -46.55
N HIS E 321 -21.45 1.90 -45.90
CA HIS E 321 -21.50 1.79 -44.42
C HIS E 321 -21.11 0.38 -43.94
N LYS E 322 -21.13 -0.60 -44.86
CA LYS E 322 -20.63 -1.95 -44.61
C LYS E 322 -19.17 -2.15 -45.02
N PHE E 323 -18.69 -1.40 -46.02
CA PHE E 323 -17.29 -1.46 -46.47
C PHE E 323 -16.34 -0.84 -45.43
N LYS E 324 -15.49 -1.68 -44.82
CA LYS E 324 -14.69 -1.28 -43.64
C LYS E 324 -13.23 -0.88 -43.91
N GLY E 325 -12.71 -1.12 -45.11
CA GLY E 325 -11.34 -0.70 -45.46
C GLY E 325 -10.62 -1.60 -46.45
N VAL E 326 -9.56 -1.06 -47.04
CA VAL E 326 -8.69 -1.79 -47.95
C VAL E 326 -7.45 -2.19 -47.16
N ILE E 327 -7.19 -3.50 -47.06
CA ILE E 327 -5.98 -4.01 -46.43
C ILE E 327 -4.93 -4.18 -47.53
N VAL E 328 -3.72 -3.75 -47.24
CA VAL E 328 -2.67 -3.65 -48.24
C VAL E 328 -1.31 -3.71 -47.57
N ASP E 329 -0.32 -4.24 -48.27
CA ASP E 329 1.03 -4.32 -47.75
C ASP E 329 1.62 -2.91 -47.63
N PRO E 330 2.42 -2.63 -46.57
CA PRO E 330 3.00 -1.29 -46.46
C PRO E 330 4.09 -0.92 -47.49
N SER E 331 4.60 -1.90 -48.24
CA SER E 331 5.54 -1.63 -49.34
C SER E 331 4.94 -0.80 -50.48
N ALA E 332 3.63 -0.94 -50.71
CA ALA E 332 2.94 -0.23 -51.79
C ALA E 332 2.58 1.20 -51.39
N ALA E 333 3.60 2.02 -51.15
CA ALA E 333 3.42 3.34 -50.55
C ALA E 333 2.65 4.29 -51.48
N SER E 334 3.09 4.38 -52.73
CA SER E 334 2.45 5.24 -53.74
C SER E 334 0.95 4.96 -53.95
N PHE E 335 0.55 3.69 -53.85
CA PHE E 335 -0.85 3.30 -53.94
C PHE E 335 -1.63 3.66 -52.68
N ILE E 336 -1.00 3.51 -51.51
CA ILE E 336 -1.62 3.91 -50.25
C ILE E 336 -1.81 5.43 -50.20
N ALA E 337 -0.82 6.17 -50.71
CA ALA E 337 -0.89 7.64 -50.81
C ALA E 337 -2.05 8.09 -51.69
N LEU E 338 -2.25 7.37 -52.80
CA LEU E 338 -3.37 7.63 -53.70
C LEU E 338 -4.72 7.33 -53.05
N LEU E 339 -4.84 6.16 -52.44
CA LEU E 339 -6.08 5.74 -51.79
C LEU E 339 -6.48 6.61 -50.60
N ARG E 340 -5.53 7.32 -50.01
CA ARG E 340 -5.81 8.29 -48.93
C ARG E 340 -6.24 9.66 -49.44
N GLN E 341 -5.65 10.11 -50.55
CA GLN E 341 -6.15 11.29 -51.27
C GLN E 341 -7.62 11.12 -51.68
N LYS E 342 -7.96 9.94 -52.19
CA LYS E 342 -9.34 9.65 -52.65
C LYS E 342 -10.31 9.29 -51.51
N GLY E 343 -9.84 9.28 -50.26
CA GLY E 343 -10.71 9.08 -49.10
C GLY E 343 -11.08 7.64 -48.79
N ILE E 344 -10.29 6.68 -49.29
CA ILE E 344 -10.48 5.26 -48.98
C ILE E 344 -9.73 4.96 -47.69
N LYS E 345 -10.37 4.26 -46.74
CA LYS E 345 -9.70 3.82 -45.51
C LYS E 345 -8.73 2.68 -45.84
N VAL E 346 -7.48 2.84 -45.38
CA VAL E 346 -6.40 1.90 -45.64
C VAL E 346 -5.92 1.32 -44.33
N ILE E 347 -5.67 0.02 -44.29
CA ILE E 347 -5.14 -0.67 -43.10
C ILE E 347 -3.87 -1.43 -43.48
N LYS E 348 -2.75 -1.01 -42.91
CA LYS E 348 -1.47 -1.64 -43.16
C LYS E 348 -1.50 -3.08 -42.69
N ALA E 349 -1.05 -3.97 -43.55
CA ALA E 349 -1.10 -5.39 -43.26
C ALA E 349 -0.26 -5.85 -42.10
N LYS E 350 -0.71 -6.94 -41.49
CA LYS E 350 -0.05 -7.56 -40.37
C LYS E 350 1.41 -7.81 -40.66
N ASN E 351 1.63 -8.46 -41.79
CA ASN E 351 2.94 -8.80 -42.40
C ASN E 351 3.75 -10.00 -41.94
N ASP E 352 3.61 -10.47 -40.72
CA ASP E 352 4.41 -11.62 -40.31
C ASP E 352 3.96 -12.77 -41.14
N VAL E 353 4.90 -13.41 -41.82
CA VAL E 353 4.59 -14.51 -42.72
C VAL E 353 4.24 -15.84 -42.10
N LEU E 354 5.18 -16.47 -41.45
CA LEU E 354 4.97 -17.78 -40.86
C LEU E 354 3.72 -17.87 -39.99
N ASP E 355 3.51 -16.89 -39.10
CA ASP E 355 2.33 -16.90 -38.23
C ASP E 355 1.03 -16.65 -39.02
N GLY E 356 1.11 -15.83 -40.07
CA GLY E 356 0.01 -15.67 -41.01
C GLY E 356 -0.37 -16.96 -41.71
N ILE E 357 0.64 -17.73 -42.12
CA ILE E 357 0.42 -19.05 -42.74
C ILE E 357 -0.19 -20.03 -41.73
N ARG E 358 0.31 -20.03 -40.50
CA ARG E 358 -0.29 -20.83 -39.44
C ARG E 358 -1.78 -20.48 -39.27
N ASN E 359 -2.07 -19.18 -39.26
CA ASN E 359 -3.45 -18.68 -39.06
C ASN E 359 -4.38 -18.95 -40.25
N VAL E 360 -3.86 -18.84 -41.48
CA VAL E 360 -4.66 -19.16 -42.68
C VAL E 360 -5.07 -20.64 -42.66
N ALA E 361 -4.13 -21.52 -42.31
CA ALA E 361 -4.41 -22.94 -42.15
C ALA E 361 -5.40 -23.22 -41.03
N THR E 362 -5.23 -22.57 -39.87
CA THR E 362 -6.16 -22.74 -38.75
C THR E 362 -7.58 -22.34 -39.18
N ALA E 363 -7.67 -21.21 -39.90
CA ALA E 363 -8.94 -20.74 -40.44
C ALA E 363 -9.57 -21.72 -41.44
N LEU E 364 -8.74 -22.34 -42.27
CA LEU E 364 -9.21 -23.39 -43.19
C LEU E 364 -9.72 -24.57 -42.39
N ASN E 365 -8.89 -25.08 -41.47
CA ASN E 365 -9.28 -26.20 -40.58
C ASN E 365 -10.56 -25.95 -39.76
N LYS E 366 -10.70 -24.73 -39.23
CA LYS E 366 -11.89 -24.33 -38.47
C LYS E 366 -13.08 -23.95 -39.35
N LYS E 367 -12.82 -23.71 -40.64
CA LYS E 367 -13.81 -23.17 -41.60
C LYS E 367 -14.34 -21.80 -41.18
N MET E 368 -13.39 -20.94 -40.78
CA MET E 368 -13.62 -19.52 -40.57
C MET E 368 -13.68 -18.80 -41.91
N ILE E 369 -13.09 -19.43 -42.94
CA ILE E 369 -13.18 -18.90 -44.30
C ILE E 369 -13.73 -19.94 -45.29
N LEU E 370 -14.47 -19.45 -46.29
CA LEU E 370 -14.92 -20.24 -47.44
C LEU E 370 -14.72 -19.36 -48.67
N TYR E 371 -14.68 -19.97 -49.85
CA TYR E 371 -14.42 -19.26 -51.10
C TYR E 371 -15.50 -19.47 -52.15
N ASN E 372 -15.98 -18.38 -52.75
CA ASN E 372 -16.85 -18.51 -53.93
C ASN E 372 -16.07 -19.19 -55.06
N ASP E 373 -16.75 -20.05 -55.83
CA ASP E 373 -16.09 -20.82 -56.88
C ASP E 373 -15.56 -19.99 -58.05
N CYS E 374 -15.91 -18.71 -58.09
CA CYS E 374 -15.34 -17.75 -59.02
C CYS E 374 -13.92 -17.28 -58.65
N CYS E 375 -13.44 -17.58 -57.44
CA CYS E 375 -12.04 -17.29 -57.06
C CYS E 375 -11.08 -18.35 -57.62
N LYS E 376 -10.99 -18.40 -58.95
CA LYS E 376 -10.31 -19.49 -59.65
C LYS E 376 -8.79 -19.40 -59.58
N GLU E 377 -8.25 -18.17 -59.59
CA GLU E 377 -6.80 -17.93 -59.48
C GLU E 377 -6.25 -18.28 -58.11
N THR E 378 -7.03 -18.02 -57.06
CA THR E 378 -6.64 -18.41 -55.71
C THR E 378 -6.54 -19.94 -55.57
N PHE E 379 -7.45 -20.69 -56.18
CA PHE E 379 -7.43 -22.16 -56.08
C PHE E 379 -6.27 -22.79 -56.85
N ARG E 380 -5.93 -22.21 -58.00
CA ARG E 380 -4.70 -22.58 -58.72
C ARG E 380 -3.44 -22.39 -57.84
N GLU E 381 -3.37 -21.27 -57.12
CA GLU E 381 -2.26 -21.02 -56.22
C GLU E 381 -2.21 -21.97 -55.02
N TYR E 382 -3.36 -22.28 -54.43
CA TYR E 382 -3.41 -23.26 -53.33
C TYR E 382 -2.73 -24.60 -53.68
N SER E 383 -2.91 -25.05 -54.92
CA SER E 383 -2.34 -26.33 -55.37
C SER E 383 -0.86 -26.28 -55.82
N SER E 384 -0.24 -25.09 -55.83
CA SER E 384 1.19 -24.93 -56.18
C SER E 384 2.05 -24.27 -55.09
N TYR E 385 1.45 -23.88 -53.97
CA TYR E 385 2.14 -23.09 -52.96
C TYR E 385 2.93 -24.02 -52.04
N VAL E 386 4.25 -23.95 -52.13
CA VAL E 386 5.13 -24.91 -51.46
C VAL E 386 6.17 -24.25 -50.57
N TRP E 387 6.62 -25.03 -49.58
CA TRP E 387 7.73 -24.65 -48.70
C TRP E 387 9.05 -24.65 -49.47
N ASP E 388 9.92 -23.71 -49.14
CA ASP E 388 11.30 -23.72 -49.66
C ASP E 388 12.08 -24.76 -48.87
N GLU E 389 12.20 -25.97 -49.42
CA GLU E 389 12.88 -27.09 -48.74
C GLU E 389 14.41 -26.89 -48.58
N LYS E 390 15.00 -25.96 -49.33
CA LYS E 390 16.42 -25.59 -49.14
C LYS E 390 16.64 -24.66 -47.95
N ALA E 391 15.72 -23.72 -47.74
CA ALA E 391 15.73 -22.87 -46.55
C ALA E 391 15.32 -23.64 -45.30
N ALA E 392 14.37 -24.56 -45.43
CA ALA E 392 13.93 -25.44 -44.34
C ALA E 392 15.09 -26.18 -43.69
N GLU E 393 16.04 -26.62 -44.50
CA GLU E 393 17.23 -27.34 -44.02
C GLU E 393 18.41 -26.43 -43.63
N ARG E 394 18.20 -25.12 -43.67
CA ARG E 394 18.98 -24.14 -42.89
C ARG E 394 18.22 -23.71 -41.63
N GLY E 395 17.24 -24.50 -41.20
CA GLY E 395 16.47 -24.20 -40.00
C GLY E 395 15.52 -23.02 -40.10
N GLU E 396 15.01 -22.75 -41.29
CA GLU E 396 14.18 -21.57 -41.56
C GLU E 396 12.94 -21.96 -42.38
N ASP E 397 11.77 -21.91 -41.75
CA ASP E 397 10.51 -22.20 -42.42
C ASP E 397 10.11 -20.98 -43.23
N LYS E 398 9.85 -21.19 -44.51
CA LYS E 398 9.71 -20.07 -45.46
C LYS E 398 9.12 -20.59 -46.78
N PRO E 399 8.11 -19.87 -47.33
CA PRO E 399 7.50 -20.33 -48.58
C PRO E 399 8.33 -19.98 -49.81
N VAL E 400 8.14 -20.75 -50.88
CA VAL E 400 8.68 -20.40 -52.19
C VAL E 400 7.80 -19.27 -52.74
N LYS E 401 8.39 -18.10 -52.92
CA LYS E 401 7.65 -16.89 -53.31
C LYS E 401 7.34 -16.90 -54.82
N GLN E 402 6.38 -17.74 -55.21
CA GLN E 402 5.93 -17.84 -56.61
C GLN E 402 4.48 -18.27 -56.68
N ASN E 403 3.69 -17.58 -57.52
CA ASN E 403 2.23 -17.77 -57.63
C ASN E 403 1.61 -17.71 -56.23
N ASP E 404 1.87 -16.60 -55.56
CA ASP E 404 1.50 -16.42 -54.17
C ASP E 404 0.80 -15.08 -53.97
N HIS E 405 0.14 -14.60 -55.03
CA HIS E 405 -0.34 -13.21 -55.07
C HIS E 405 -1.74 -13.12 -54.50
N GLN E 406 -2.63 -14.04 -54.88
CA GLN E 406 -3.91 -14.18 -54.20
C GLN E 406 -3.68 -14.60 -52.75
N LEU E 407 -2.83 -15.60 -52.56
CA LEU E 407 -2.58 -16.19 -51.24
C LEU E 407 -1.88 -15.25 -50.24
N ASP E 408 -1.07 -14.31 -50.73
CA ASP E 408 -0.50 -13.25 -49.87
C ASP E 408 -1.58 -12.31 -49.38
N ALA E 409 -2.44 -11.85 -50.29
CA ALA E 409 -3.57 -10.98 -49.93
C ALA E 409 -4.55 -11.65 -48.95
N ASP E 410 -4.83 -12.93 -49.15
CA ASP E 410 -5.65 -13.72 -48.22
C ASP E 410 -5.01 -13.83 -46.84
N ARG E 411 -3.69 -14.00 -46.82
CA ARG E 411 -2.93 -14.01 -45.58
C ARG E 411 -3.06 -12.68 -44.86
N TYR E 412 -2.95 -11.58 -45.62
CA TYR E 412 -3.10 -10.23 -45.05
C TYR E 412 -4.49 -10.04 -44.43
N PHE E 413 -5.53 -10.54 -45.11
CA PHE E 413 -6.89 -10.43 -44.58
C PHE E 413 -7.07 -11.23 -43.28
N VAL E 414 -6.67 -12.50 -43.31
CA VAL E 414 -6.87 -13.40 -42.17
C VAL E 414 -6.01 -12.96 -40.98
N ASN E 415 -4.73 -12.70 -41.22
CA ASN E 415 -3.80 -12.34 -40.15
C ASN E 415 -4.10 -10.97 -39.51
N THR E 416 -4.84 -10.11 -40.21
CA THR E 416 -5.16 -8.75 -39.74
C THR E 416 -6.57 -8.60 -39.11
N ILE E 417 -7.58 -9.27 -39.68
CA ILE E 417 -8.97 -9.16 -39.21
C ILE E 417 -9.39 -10.31 -38.30
N LEU E 418 -9.09 -11.54 -38.72
CA LEU E 418 -9.45 -12.72 -37.91
C LEU E 418 -8.54 -12.92 -36.69
N PHE E 419 -7.22 -12.84 -36.89
CA PHE E 419 -6.23 -13.18 -35.84
C PHE E 419 -5.45 -11.96 -35.36
N PRO F 16 -14.48 18.36 -11.42
CA PRO F 16 -15.77 18.79 -11.95
C PRO F 16 -15.61 19.59 -13.26
N PHE F 17 -15.88 18.94 -14.40
CA PHE F 17 -15.63 19.54 -15.71
C PHE F 17 -16.86 20.14 -16.37
N SER F 18 -16.63 21.17 -17.18
CA SER F 18 -17.66 21.80 -18.01
C SER F 18 -17.81 21.05 -19.33
N LYS F 19 -18.88 21.36 -20.07
CA LYS F 19 -19.12 20.76 -21.39
C LYS F 19 -17.97 21.01 -22.37
N LYS F 20 -17.30 22.16 -22.24
CA LYS F 20 -16.18 22.52 -23.11
C LYS F 20 -14.88 21.80 -22.74
N GLN F 21 -14.61 21.71 -21.44
CA GLN F 21 -13.48 20.90 -20.92
C GLN F 21 -13.62 19.42 -21.30
N LEU F 22 -14.84 18.90 -21.20
CA LEU F 22 -15.16 17.52 -21.58
C LEU F 22 -15.05 17.31 -23.11
N LYS F 23 -15.35 18.34 -23.88
CA LYS F 23 -15.09 18.33 -25.33
C LYS F 23 -13.61 18.14 -25.66
N VAL F 24 -12.73 18.75 -24.85
CA VAL F 24 -11.27 18.61 -25.00
C VAL F 24 -10.80 17.17 -24.70
N LEU F 25 -11.40 16.54 -23.70
CA LEU F 25 -11.10 15.14 -23.37
C LEU F 25 -11.57 14.13 -24.43
N THR F 26 -12.67 14.44 -25.12
CA THR F 26 -13.40 13.46 -25.94
C THR F 26 -13.39 13.64 -27.46
N TRP F 27 -13.03 14.82 -27.96
CA TRP F 27 -13.14 15.15 -29.40
C TRP F 27 -12.49 14.12 -30.36
N TRP F 28 -11.33 13.61 -29.93
CA TRP F 28 -10.50 12.71 -30.74
C TRP F 28 -11.01 11.27 -30.80
N ARG F 29 -11.92 10.92 -29.89
CA ARG F 29 -12.47 9.56 -29.82
C ARG F 29 -13.31 9.24 -31.04
N LYS F 30 -13.33 7.95 -31.41
CA LYS F 30 -14.17 7.46 -32.50
C LYS F 30 -15.67 7.77 -32.30
N ALA F 31 -16.11 7.78 -31.03
CA ALA F 31 -17.50 8.11 -30.68
C ALA F 31 -17.90 9.54 -31.06
N SER F 32 -17.11 10.52 -30.65
CA SER F 32 -17.42 11.93 -30.90
C SER F 32 -17.28 12.28 -32.39
N PRO F 33 -18.09 13.25 -32.87
CA PRO F 33 -18.26 13.45 -34.31
C PRO F 33 -17.18 14.29 -35.01
N VAL F 34 -15.96 14.31 -34.47
CA VAL F 34 -14.90 15.14 -35.04
C VAL F 34 -13.48 14.54 -34.85
N SER F 35 -13.41 13.20 -34.91
CA SER F 35 -12.12 12.48 -34.90
C SER F 35 -11.32 12.73 -36.18
N ASP F 36 -12.03 13.01 -37.28
CA ASP F 36 -11.42 13.29 -38.59
C ASP F 36 -10.38 14.42 -38.60
N LYS F 37 -10.55 15.41 -37.70
CA LYS F 37 -9.66 16.58 -37.64
C LYS F 37 -8.21 16.24 -37.38
N ASP F 38 -7.31 17.06 -37.93
CA ASP F 38 -5.86 16.87 -37.75
C ASP F 38 -5.30 17.46 -36.45
N GLY F 39 -6.15 18.05 -35.61
CA GLY F 39 -5.69 18.64 -34.35
C GLY F 39 -6.69 19.54 -33.66
N ILE F 40 -6.21 20.26 -32.64
CA ILE F 40 -7.06 21.11 -31.80
C ILE F 40 -6.33 22.39 -31.36
N ILE F 41 -7.04 23.51 -31.41
CA ILE F 41 -6.57 24.77 -30.84
C ILE F 41 -7.53 25.13 -29.73
N CYS F 42 -7.00 25.31 -28.51
CA CYS F 42 -7.79 25.85 -27.41
C CYS F 42 -7.11 27.13 -26.96
N ASP F 43 -7.76 28.27 -27.20
CA ASP F 43 -7.25 29.54 -26.69
C ASP F 43 -8.28 30.17 -25.76
N GLY F 44 -8.01 31.40 -25.34
CA GLY F 44 -8.94 32.17 -24.53
C GLY F 44 -8.34 32.59 -23.21
N SER F 45 -9.22 32.84 -22.25
CA SER F 45 -8.86 33.48 -20.99
C SER F 45 -7.92 32.65 -20.11
N ILE F 46 -7.24 33.34 -19.19
CA ILE F 46 -6.47 32.68 -18.12
C ILE F 46 -7.41 32.00 -17.12
N ARG F 47 -6.85 31.10 -16.32
CA ARG F 47 -7.59 30.31 -15.33
C ARG F 47 -8.85 29.67 -15.95
N ALA F 48 -8.67 29.15 -17.16
CA ALA F 48 -9.76 28.57 -17.94
C ALA F 48 -9.99 27.10 -17.59
N GLY F 49 -9.03 26.48 -16.91
CA GLY F 49 -9.07 25.04 -16.67
C GLY F 49 -8.89 24.26 -17.95
N LYS F 50 -8.12 24.80 -18.88
CA LYS F 50 -7.87 24.16 -20.18
C LYS F 50 -6.47 23.55 -20.27
N THR F 51 -5.45 24.27 -19.82
CA THR F 51 -4.06 23.77 -19.87
C THR F 51 -3.96 22.38 -19.26
N ILE F 52 -4.57 22.21 -18.09
CA ILE F 52 -4.54 20.93 -17.36
C ILE F 52 -5.29 19.83 -18.13
N VAL F 53 -6.49 20.12 -18.63
CA VAL F 53 -7.34 19.09 -19.25
C VAL F 53 -6.86 18.74 -20.65
N MET F 54 -6.29 19.72 -21.35
CA MET F 54 -5.75 19.50 -22.68
C MET F 54 -4.47 18.67 -22.66
N SER F 55 -3.61 18.90 -21.66
CA SER F 55 -2.41 18.06 -21.46
C SER F 55 -2.77 16.61 -21.13
N PHE F 56 -3.76 16.41 -20.26
CA PHE F 56 -4.25 15.07 -19.93
C PHE F 56 -4.86 14.35 -21.14
N SER F 57 -5.68 15.07 -21.91
CA SER F 57 -6.29 14.52 -23.11
C SER F 57 -5.24 14.10 -24.15
N TYR F 58 -4.13 14.85 -24.21
CA TYR F 58 -3.02 14.56 -25.13
C TYR F 58 -2.35 13.22 -24.83
N VAL F 59 -2.02 13.00 -23.56
CA VAL F 59 -1.50 11.71 -23.11
C VAL F 59 -2.54 10.61 -23.30
N MET F 60 -3.76 10.87 -22.84
CA MET F 60 -4.87 9.91 -22.94
C MET F 60 -5.07 9.44 -24.39
N TRP F 61 -5.18 10.40 -25.30
CA TRP F 61 -5.25 10.13 -26.74
C TRP F 61 -4.07 9.30 -27.23
N ALA F 62 -2.86 9.73 -26.86
CA ALA F 62 -1.60 9.13 -27.35
C ALA F 62 -1.42 7.70 -26.86
N MET F 63 -1.64 7.49 -25.56
CA MET F 63 -1.56 6.16 -24.96
C MET F 63 -2.62 5.21 -25.51
N ASP F 64 -3.81 5.73 -25.81
CA ASP F 64 -4.88 4.94 -26.41
C ASP F 64 -4.62 4.54 -27.87
N THR F 65 -4.03 5.43 -28.63
CA THR F 65 -3.97 5.30 -30.08
C THR F 65 -2.70 4.63 -30.62
N PHE F 66 -1.57 4.80 -29.92
CA PHE F 66 -0.28 4.31 -30.41
C PHE F 66 0.46 3.43 -29.40
N ASN F 67 1.54 2.80 -29.86
CA ASN F 67 2.44 2.03 -29.00
C ASN F 67 3.88 2.18 -29.47
N GLU F 68 4.77 2.50 -28.54
CA GLU F 68 6.21 2.69 -28.82
C GLU F 68 6.49 3.83 -29.81
N GLN F 69 5.66 4.88 -29.77
CA GLN F 69 5.90 6.09 -30.55
C GLN F 69 6.44 7.21 -29.66
N ASN F 70 7.04 8.21 -30.30
CA ASN F 70 7.56 9.40 -29.62
C ASN F 70 6.57 10.55 -29.81
N PHE F 71 6.42 11.37 -28.77
CA PHE F 71 5.50 12.52 -28.77
C PHE F 71 6.22 13.74 -28.24
N GLY F 72 5.84 14.92 -28.74
CA GLY F 72 6.47 16.17 -28.33
C GLY F 72 5.57 17.02 -27.46
N MET F 73 6.17 17.69 -26.47
CA MET F 73 5.49 18.72 -25.69
C MET F 73 6.40 19.93 -25.61
N ALA F 74 5.86 21.10 -25.92
CA ALA F 74 6.64 22.34 -25.99
C ALA F 74 5.99 23.43 -25.14
N GLY F 75 6.84 24.19 -24.45
CA GLY F 75 6.44 25.42 -23.80
C GLY F 75 7.44 26.51 -24.17
N LYS F 76 7.29 27.67 -23.54
CA LYS F 76 8.18 28.82 -23.77
C LYS F 76 9.64 28.44 -23.50
N THR F 77 9.85 27.72 -22.39
CA THR F 77 11.11 27.02 -22.09
C THR F 77 10.79 25.71 -21.40
N ILE F 78 11.77 24.82 -21.30
CA ILE F 78 11.58 23.51 -20.67
C ILE F 78 11.19 23.67 -19.19
N GLY F 79 11.87 24.56 -18.49
CA GLY F 79 11.58 24.85 -17.09
C GLY F 79 10.19 25.38 -16.85
N ALA F 80 9.74 26.28 -17.74
CA ALA F 80 8.40 26.87 -17.66
C ALA F 80 7.30 25.84 -17.96
N LEU F 81 7.52 25.03 -19.00
CA LEU F 81 6.63 23.92 -19.35
C LEU F 81 6.46 22.93 -18.19
N ARG F 82 7.57 22.60 -17.53
CA ARG F 82 7.55 21.72 -16.36
C ARG F 82 6.75 22.28 -15.18
N ARG F 83 6.86 23.59 -14.95
CA ARG F 83 6.10 24.26 -13.88
C ARG F 83 4.62 24.30 -14.17
N ASN F 84 4.26 24.75 -15.37
CA ASN F 84 2.86 24.96 -15.75
C ASN F 84 2.11 23.69 -16.15
N VAL F 85 2.79 22.78 -16.86
CA VAL F 85 2.12 21.60 -17.44
C VAL F 85 2.56 20.27 -16.82
N ILE F 86 3.86 19.98 -16.83
CA ILE F 86 4.34 18.61 -16.57
C ILE F 86 4.17 18.15 -15.11
N THR F 87 4.47 19.02 -14.16
CA THR F 87 4.29 18.69 -12.73
C THR F 87 2.81 18.43 -12.39
N PRO F 88 1.90 19.39 -12.70
CA PRO F 88 0.47 19.07 -12.48
C PRO F 88 -0.06 17.88 -13.29
N LEU F 89 0.44 17.69 -14.51
CA LEU F 89 0.03 16.56 -15.36
C LEU F 89 0.39 15.18 -14.78
N LYS F 90 1.61 15.05 -14.25
CA LYS F 90 2.07 13.80 -13.61
C LYS F 90 1.09 13.28 -12.56
N ARG F 91 0.72 14.17 -11.64
CA ARG F 91 -0.11 13.81 -10.48
C ARG F 91 -1.52 13.41 -10.91
N MET F 92 -2.05 14.09 -11.93
CA MET F 92 -3.35 13.72 -12.51
C MET F 92 -3.29 12.35 -13.16
N LEU F 93 -2.28 12.15 -14.01
CA LEU F 93 -2.05 10.85 -14.67
C LEU F 93 -1.91 9.69 -13.69
N LYS F 94 -1.11 9.90 -12.63
CA LYS F 94 -0.90 8.88 -11.58
C LYS F 94 -2.21 8.45 -10.91
N SER F 95 -3.02 9.43 -10.51
CA SER F 95 -4.30 9.15 -9.83
C SER F 95 -5.31 8.36 -10.69
N ARG F 96 -5.27 8.57 -12.01
CA ARG F 96 -6.16 7.84 -12.94
C ARG F 96 -5.49 6.59 -13.59
N GLY F 97 -4.41 6.09 -12.99
CA GLY F 97 -3.83 4.78 -13.33
C GLY F 97 -2.63 4.73 -14.27
N TYR F 98 -2.11 5.89 -14.68
CA TYR F 98 -0.99 5.95 -15.62
C TYR F 98 0.34 5.95 -14.86
N ARG F 99 1.19 4.94 -15.09
CA ARG F 99 2.52 4.90 -14.50
C ARG F 99 3.44 5.83 -15.29
N VAL F 100 4.23 6.65 -14.60
CA VAL F 100 5.10 7.65 -15.23
C VAL F 100 6.55 7.54 -14.74
N LYS F 101 7.50 7.62 -15.67
CA LYS F 101 8.92 7.76 -15.34
C LYS F 101 9.46 9.05 -15.95
N ASP F 102 10.04 9.92 -15.11
CA ASP F 102 10.65 11.15 -15.60
C ASP F 102 12.15 10.95 -15.80
N HIS F 103 12.61 11.17 -17.03
CA HIS F 103 14.03 11.21 -17.36
C HIS F 103 14.43 12.67 -17.19
N ARG F 104 14.67 13.05 -15.94
CA ARG F 104 14.81 14.46 -15.53
C ARG F 104 15.95 15.19 -16.26
N ALA F 105 17.09 14.51 -16.45
CA ALA F 105 18.25 15.10 -17.14
C ALA F 105 18.05 15.20 -18.66
N ASP F 106 17.55 14.12 -19.26
CA ASP F 106 17.35 14.03 -20.72
C ASP F 106 16.08 14.72 -21.25
N ASN F 107 15.21 15.20 -20.36
CA ASN F 107 14.00 15.98 -20.71
C ASN F 107 13.00 15.22 -21.63
N TYR F 108 12.59 14.05 -21.18
CA TYR F 108 11.49 13.30 -21.78
C TYR F 108 10.88 12.35 -20.75
N LEU F 109 9.72 11.77 -21.07
CA LEU F 109 9.01 10.90 -20.13
C LEU F 109 8.60 9.57 -20.76
N THR F 110 8.49 8.54 -19.93
CA THR F 110 7.92 7.27 -20.33
C THR F 110 6.63 7.08 -19.54
N ILE F 111 5.51 7.15 -20.25
CA ILE F 111 4.19 6.90 -19.66
C ILE F 111 3.75 5.53 -20.15
N THR F 112 3.19 4.73 -19.23
CA THR F 112 2.65 3.42 -19.56
C THR F 112 1.23 3.27 -18.99
N PHE F 113 0.36 2.66 -19.78
CA PHE F 113 -1.06 2.53 -19.45
C PHE F 113 -1.61 1.28 -20.11
N LYS F 114 -2.29 0.45 -19.32
CA LYS F 114 -2.91 -0.81 -19.78
C LYS F 114 -2.08 -1.56 -20.84
N GLY F 115 -0.82 -1.82 -20.50
CA GLY F 115 0.11 -2.58 -21.36
C GLY F 115 0.67 -1.87 -22.59
N LYS F 116 0.51 -0.55 -22.67
CA LYS F 116 1.04 0.25 -23.77
C LYS F 116 2.02 1.26 -23.22
N THR F 117 2.97 1.66 -24.05
CA THR F 117 4.10 2.52 -23.63
C THR F 117 4.41 3.51 -24.75
N ASN F 118 4.49 4.79 -24.40
CA ASN F 118 4.92 5.84 -25.33
C ASN F 118 5.84 6.84 -24.64
N TYR F 119 6.62 7.55 -25.45
CA TYR F 119 7.68 8.42 -24.98
C TYR F 119 7.33 9.86 -25.29
N PHE F 120 7.48 10.75 -24.29
CA PHE F 120 7.01 12.13 -24.40
C PHE F 120 8.16 13.12 -24.21
N TYR F 121 8.68 13.63 -25.33
CA TYR F 121 9.87 14.50 -25.33
C TYR F 121 9.52 15.97 -25.10
N LEU F 122 10.22 16.57 -24.13
CA LEU F 122 9.98 17.97 -23.76
C LEU F 122 10.88 18.88 -24.56
N PHE F 123 10.30 19.99 -25.05
CA PHE F 123 11.01 20.96 -25.87
C PHE F 123 10.73 22.38 -25.37
N GLY F 124 11.48 23.34 -25.91
CA GLY F 124 11.35 24.76 -25.55
C GLY F 124 10.82 25.59 -26.69
N LEU F 133 18.11 17.80 -31.08
CA LEU F 133 17.19 16.66 -31.09
C LEU F 133 15.98 16.92 -32.00
N ILE F 134 15.40 18.12 -31.91
CA ILE F 134 14.19 18.50 -32.68
C ILE F 134 14.35 18.44 -34.21
N GLN F 135 15.57 18.64 -34.70
CA GLN F 135 15.87 18.56 -36.13
C GLN F 135 15.86 17.13 -36.69
N GLY F 136 16.21 16.13 -35.86
CA GLY F 136 16.33 14.73 -36.29
C GLY F 136 15.52 13.74 -35.46
N ILE F 137 14.25 14.07 -35.22
CA ILE F 137 13.33 13.21 -34.45
C ILE F 137 12.01 13.05 -35.22
N THR F 138 11.37 11.91 -35.01
CA THR F 138 10.09 11.57 -35.66
C THR F 138 9.02 11.45 -34.58
N LEU F 139 7.85 12.02 -34.83
CA LEU F 139 6.81 12.17 -33.80
C LEU F 139 5.44 11.69 -34.29
N ALA F 140 4.64 11.18 -33.35
CA ALA F 140 3.25 10.82 -33.60
C ALA F 140 2.27 11.86 -33.04
N GLY F 141 2.78 12.97 -32.52
CA GLY F 141 1.95 14.05 -31.99
C GLY F 141 2.78 15.19 -31.45
N MET F 142 2.12 16.32 -31.21
CA MET F 142 2.80 17.53 -30.72
C MET F 142 1.85 18.40 -29.92
N PHE F 143 2.31 18.86 -28.76
CA PHE F 143 1.51 19.67 -27.83
C PHE F 143 2.26 20.96 -27.60
N PHE F 144 1.59 22.10 -27.76
CA PHE F 144 2.20 23.41 -27.52
C PHE F 144 1.40 24.16 -26.47
N ASP F 145 2.00 24.36 -25.30
CA ASP F 145 1.48 25.28 -24.30
C ASP F 145 2.09 26.65 -24.56
N GLU F 146 1.28 27.70 -24.43
CA GLU F 146 1.69 29.07 -24.72
C GLU F 146 2.28 29.19 -26.13
N VAL F 147 1.53 28.70 -27.13
CA VAL F 147 2.00 28.77 -28.53
C VAL F 147 2.25 30.21 -28.99
N ALA F 148 1.44 31.13 -28.49
CA ALA F 148 1.58 32.56 -28.81
C ALA F 148 2.94 33.16 -28.45
N LEU F 149 3.58 32.64 -27.40
CA LEU F 149 4.90 33.13 -26.97
C LEU F 149 6.08 32.50 -27.72
N MET F 150 5.80 31.54 -28.60
CA MET F 150 6.85 30.81 -29.33
C MET F 150 7.12 31.42 -30.70
N PRO F 151 8.33 31.20 -31.27
CA PRO F 151 8.63 31.70 -32.61
C PRO F 151 8.06 30.80 -33.72
N GLU F 152 7.48 31.42 -34.75
CA GLU F 152 6.82 30.70 -35.87
C GLU F 152 7.70 29.61 -36.49
N SER F 153 9.00 29.89 -36.58
CA SER F 153 9.99 28.94 -37.10
C SER F 153 10.00 27.63 -36.34
N PHE F 154 9.91 27.70 -35.01
CA PHE F 154 9.95 26.50 -34.18
C PHE F 154 8.76 25.56 -34.41
N VAL F 155 7.55 26.11 -34.51
CA VAL F 155 6.35 25.26 -34.64
C VAL F 155 6.28 24.61 -36.02
N ASN F 156 6.60 25.36 -37.08
CA ASN F 156 6.69 24.80 -38.44
C ASN F 156 7.69 23.65 -38.50
N GLN F 157 8.82 23.80 -37.81
CA GLN F 157 9.80 22.72 -37.66
C GLN F 157 9.28 21.56 -36.80
N ALA F 158 8.57 21.89 -35.73
CA ALA F 158 7.95 20.90 -34.84
C ALA F 158 6.83 20.09 -35.49
N THR F 159 5.94 20.78 -36.20
CA THR F 159 4.83 20.12 -36.93
C THR F 159 5.29 19.26 -38.11
N ALA F 160 6.40 19.66 -38.72
CA ALA F 160 7.02 18.88 -39.81
C ALA F 160 7.51 17.51 -39.35
N ARG F 161 8.10 17.46 -38.16
CA ARG F 161 8.57 16.20 -37.56
C ARG F 161 7.43 15.23 -37.16
N CYS F 162 6.18 15.69 -37.17
CA CYS F 162 5.00 14.82 -36.98
C CYS F 162 4.59 14.06 -38.25
N SER F 163 5.44 13.12 -38.69
CA SER F 163 5.24 12.41 -39.96
C SER F 163 4.35 11.16 -39.87
N VAL F 164 4.38 10.48 -38.71
CA VAL F 164 3.60 9.25 -38.47
C VAL F 164 2.11 9.43 -38.83
N ASP F 165 1.49 8.36 -39.36
CA ASP F 165 0.09 8.38 -39.75
C ASP F 165 -0.82 8.46 -38.51
N GLY F 166 -1.82 9.33 -38.59
CA GLY F 166 -2.71 9.61 -37.47
C GLY F 166 -2.13 10.61 -36.48
N ALA F 167 -1.10 11.35 -36.88
CA ALA F 167 -0.51 12.40 -36.05
C ALA F 167 -1.48 13.55 -35.92
N LYS F 168 -1.53 14.14 -34.73
CA LYS F 168 -2.43 15.24 -34.44
C LYS F 168 -1.70 16.33 -33.66
N LEU F 169 -2.06 17.58 -33.94
CA LEU F 169 -1.39 18.74 -33.37
C LEU F 169 -2.30 19.38 -32.32
N TRP F 170 -1.73 19.73 -31.17
CA TRP F 170 -2.48 20.26 -30.03
C TRP F 170 -1.89 21.62 -29.63
N PHE F 171 -2.70 22.66 -29.68
CA PHE F 171 -2.26 24.04 -29.40
C PHE F 171 -3.03 24.65 -28.25
N ASN F 172 -2.32 25.27 -27.32
CA ASN F 172 -2.91 25.93 -26.17
C ASN F 172 -2.25 27.29 -26.00
N CYS F 173 -3.06 28.35 -25.91
CA CYS F 173 -2.53 29.71 -25.71
C CYS F 173 -3.50 30.65 -25.04
N ASN F 174 -2.96 31.78 -24.57
CA ASN F 174 -3.73 32.97 -24.23
C ASN F 174 -3.53 33.99 -25.34
N PRO F 175 -4.53 34.86 -25.59
CA PRO F 175 -4.43 35.79 -26.71
C PRO F 175 -3.21 36.71 -26.72
N ALA F 176 -2.55 36.79 -27.87
CA ALA F 176 -1.66 37.89 -28.25
C ALA F 176 -2.48 38.92 -29.05
N GLY F 177 -1.82 39.70 -29.92
CA GLY F 177 -2.53 40.61 -30.83
C GLY F 177 -3.00 39.93 -32.12
N PRO F 178 -3.95 40.57 -32.85
CA PRO F 178 -4.57 39.94 -34.02
C PRO F 178 -3.67 39.81 -35.26
N TYR F 179 -2.55 40.52 -35.31
CA TYR F 179 -1.54 40.32 -36.35
C TYR F 179 -0.47 39.29 -35.99
N HIS F 180 -0.56 38.68 -34.80
CA HIS F 180 0.35 37.60 -34.40
C HIS F 180 0.26 36.42 -35.37
N TRP F 181 1.39 35.75 -35.60
CA TRP F 181 1.43 34.67 -36.60
C TRP F 181 0.39 33.57 -36.36
N PHE F 182 0.19 33.17 -35.11
CA PHE F 182 -0.77 32.13 -34.76
C PHE F 182 -2.23 32.48 -35.07
N LYS F 183 -2.65 33.72 -34.81
CA LYS F 183 -4.01 34.18 -35.17
C LYS F 183 -4.19 34.23 -36.70
N VAL F 184 -3.17 34.73 -37.38
CA VAL F 184 -3.17 34.86 -38.84
C VAL F 184 -3.07 33.50 -39.55
N GLU F 185 -2.08 32.70 -39.15
CA GLU F 185 -1.73 31.45 -39.86
C GLU F 185 -2.54 30.22 -39.43
N TYR F 186 -2.95 30.15 -38.16
CA TYR F 186 -3.66 28.97 -37.62
C TYR F 186 -5.15 29.19 -37.33
N LEU F 187 -5.49 30.27 -36.62
CA LEU F 187 -6.89 30.49 -36.20
C LEU F 187 -7.82 30.99 -37.31
N ASP F 188 -7.33 31.86 -38.19
CA ASP F 188 -8.10 32.32 -39.36
C ASP F 188 -8.14 31.23 -40.41
N LYS F 189 -6.98 30.80 -40.87
CA LYS F 189 -6.86 29.70 -41.84
C LYS F 189 -7.05 28.34 -41.15
N LEU F 190 -8.25 28.12 -40.63
CA LEU F 190 -8.53 26.99 -39.74
C LEU F 190 -8.95 25.74 -40.53
N ASP F 191 -9.82 25.93 -41.52
CA ASP F 191 -10.29 24.83 -42.39
C ASP F 191 -9.17 24.23 -43.26
N GLU F 192 -8.24 25.06 -43.72
CA GLU F 192 -7.08 24.58 -44.49
C GLU F 192 -6.20 23.65 -43.64
N LYS F 193 -5.93 24.07 -42.41
CA LYS F 193 -5.20 23.23 -41.44
C LYS F 193 -6.04 22.04 -40.96
N ASN F 194 -7.36 22.21 -40.95
CA ASN F 194 -8.33 21.16 -40.57
C ASN F 194 -8.20 20.89 -39.07
N LEU F 195 -8.39 21.95 -38.29
CA LEU F 195 -8.23 21.93 -36.84
C LEU F 195 -9.52 22.32 -36.15
N LEU F 196 -9.86 21.59 -35.10
CA LEU F 196 -10.95 21.96 -34.20
C LEU F 196 -10.51 23.15 -33.38
N HIS F 197 -11.46 23.98 -32.96
CA HIS F 197 -11.17 25.18 -32.18
C HIS F 197 -12.20 25.37 -31.06
N LEU F 198 -11.69 25.61 -29.85
CA LEU F 198 -12.51 25.87 -28.68
C LEU F 198 -11.94 27.08 -27.92
N HIS F 199 -12.76 28.11 -27.79
CA HIS F 199 -12.38 29.31 -27.04
C HIS F 199 -12.88 29.17 -25.60
N PHE F 200 -11.99 29.40 -24.63
CA PHE F 200 -12.35 29.28 -23.20
C PHE F 200 -12.46 30.64 -22.53
N THR F 201 -13.54 30.81 -21.76
CA THR F 201 -13.74 31.95 -20.87
C THR F 201 -13.65 31.39 -19.44
N MET F 202 -13.81 32.26 -18.44
CA MET F 202 -13.83 31.83 -17.04
C MET F 202 -15.08 31.01 -16.68
N ASP F 203 -16.16 31.22 -17.43
CA ASP F 203 -17.41 30.46 -17.27
C ASP F 203 -17.26 28.96 -17.57
N ASP F 204 -16.15 28.54 -18.18
CA ASP F 204 -15.85 27.15 -18.47
C ASP F 204 -14.99 26.44 -17.39
N ASN F 205 -14.44 27.20 -16.44
CA ASN F 205 -13.80 26.65 -15.25
C ASN F 205 -14.84 26.66 -14.14
N LEU F 206 -15.33 25.46 -13.79
CA LEU F 206 -16.39 25.33 -12.78
C LEU F 206 -15.87 25.40 -11.34
N SER F 207 -14.60 25.07 -11.11
CA SER F 207 -14.02 25.06 -9.75
C SER F 207 -13.66 26.48 -9.23
N LEU F 208 -14.47 27.47 -9.62
CA LEU F 208 -14.20 28.89 -9.43
C LEU F 208 -15.55 29.58 -9.22
N SER F 209 -15.74 30.21 -8.07
CA SER F 209 -17.03 30.86 -7.75
C SER F 209 -17.25 32.14 -8.59
N LYS F 210 -18.49 32.62 -8.59
CA LYS F 210 -18.83 33.91 -9.19
C LYS F 210 -18.22 35.08 -8.41
N GLN F 211 -17.95 34.87 -7.11
CA GLN F 211 -17.16 35.82 -6.31
C GLN F 211 -15.71 35.86 -6.80
N VAL F 212 -15.12 34.68 -7.00
CA VAL F 212 -13.77 34.53 -7.54
C VAL F 212 -13.68 35.05 -9.00
N LYS F 213 -14.74 34.86 -9.79
CA LYS F 213 -14.80 35.38 -11.17
C LYS F 213 -14.93 36.92 -11.24
N GLU F 214 -15.69 37.51 -10.31
CA GLU F 214 -15.75 38.97 -10.16
C GLU F 214 -14.41 39.58 -9.72
N ARG F 215 -13.65 38.84 -8.91
CA ARG F 215 -12.42 39.36 -8.30
C ARG F 215 -11.22 39.39 -9.26
N TYR F 216 -11.13 38.41 -10.17
CA TYR F 216 -10.10 38.44 -11.24
C TYR F 216 -10.37 39.53 -12.27
N GLN F 217 -11.63 39.76 -12.61
CA GLN F 217 -12.02 40.91 -13.45
C GLN F 217 -11.55 42.26 -12.86
N ARG F 218 -11.49 42.32 -11.52
CA ARG F 218 -10.91 43.47 -10.79
C ARG F 218 -9.39 43.57 -10.99
N MET F 219 -8.71 42.41 -11.08
CA MET F 219 -7.25 42.35 -11.29
C MET F 219 -6.73 42.83 -12.65
N TYR F 220 -7.60 42.99 -13.64
CA TYR F 220 -7.20 43.43 -14.98
C TYR F 220 -8.06 44.59 -15.49
N LYS F 221 -7.40 45.54 -16.14
CA LYS F 221 -8.06 46.59 -16.92
C LYS F 221 -7.27 46.81 -18.21
N GLY F 222 -7.91 47.41 -19.21
CA GLY F 222 -7.26 47.73 -20.48
C GLY F 222 -7.03 46.53 -21.36
N VAL F 223 -5.91 46.53 -22.09
CA VAL F 223 -5.57 45.43 -23.00
C VAL F 223 -5.45 44.08 -22.30
N PHE F 224 -4.91 44.07 -21.08
CA PHE F 224 -4.71 42.82 -20.33
C PHE F 224 -6.03 42.19 -19.87
N TYR F 225 -7.05 43.01 -19.63
CA TYR F 225 -8.41 42.53 -19.38
C TYR F 225 -9.04 41.96 -20.65
N GLN F 226 -8.87 42.67 -21.77
CA GLN F 226 -9.40 42.20 -23.06
C GLN F 226 -8.76 40.88 -23.48
N ARG F 227 -7.46 40.75 -23.25
CA ARG F 227 -6.73 39.54 -23.64
C ARG F 227 -6.94 38.40 -22.66
N TYR F 228 -6.57 38.60 -21.40
CA TYR F 228 -6.53 37.49 -20.43
C TYR F 228 -7.87 37.19 -19.72
N ILE F 229 -8.82 38.12 -19.72
CA ILE F 229 -10.15 37.88 -19.12
C ILE F 229 -11.21 37.58 -20.18
N LEU F 230 -11.44 38.50 -21.11
CA LEU F 230 -12.41 38.29 -22.19
C LEU F 230 -11.94 37.26 -23.25
N GLY F 231 -10.64 37.02 -23.35
CA GLY F 231 -10.09 36.05 -24.29
C GLY F 231 -10.08 36.55 -25.71
N LEU F 232 -9.66 37.80 -25.91
CA LEU F 232 -9.73 38.46 -27.22
C LEU F 232 -8.34 38.81 -27.76
N TRP F 233 -8.11 38.55 -29.04
CA TRP F 233 -6.85 38.88 -29.71
C TRP F 233 -6.83 40.36 -30.14
N VAL F 234 -6.73 41.27 -29.17
CA VAL F 234 -6.82 42.70 -29.45
C VAL F 234 -5.44 43.38 -29.49
N LEU F 235 -5.35 44.39 -30.33
CA LEU F 235 -4.08 45.04 -30.65
C LEU F 235 -3.59 45.92 -29.49
N ALA F 236 -2.32 45.75 -29.12
CA ALA F 236 -1.68 46.61 -28.11
C ALA F 236 -1.36 47.97 -28.73
N GLU F 237 -1.94 49.03 -28.18
CA GLU F 237 -1.88 50.38 -28.76
C GLU F 237 -1.86 51.46 -27.68
N GLY F 238 -1.01 52.46 -27.86
CA GLY F 238 -0.97 53.62 -26.98
C GLY F 238 -0.30 53.38 -25.64
N ILE F 239 -0.81 54.05 -24.60
CA ILE F 239 -0.27 53.98 -23.24
C ILE F 239 -0.38 52.56 -22.67
N ILE F 240 0.77 52.01 -22.28
CA ILE F 240 0.86 50.65 -21.73
C ILE F 240 0.11 50.53 -20.40
N TYR F 241 0.51 51.35 -19.43
CA TYR F 241 -0.11 51.33 -18.10
C TYR F 241 -1.19 52.41 -18.06
N ASP F 242 -2.26 52.19 -18.82
CA ASP F 242 -3.43 53.09 -18.84
C ASP F 242 -4.27 53.03 -17.54
N MET F 243 -4.03 52.02 -16.70
CA MET F 243 -4.63 51.92 -15.37
C MET F 243 -3.93 52.74 -14.28
N PHE F 244 -2.75 53.31 -14.57
CA PHE F 244 -2.06 54.16 -13.60
C PHE F 244 -2.84 55.46 -13.37
N ASP F 245 -2.94 55.87 -12.10
CA ASP F 245 -3.89 56.90 -11.67
C ASP F 245 -3.47 57.52 -10.33
N GLN F 246 -3.05 58.78 -10.34
CA GLN F 246 -2.56 59.46 -9.13
C GLN F 246 -3.58 59.65 -8.00
N ASP F 247 -4.87 59.56 -8.33
CA ASP F 247 -5.92 59.47 -7.32
C ASP F 247 -5.79 58.21 -6.45
N GLU F 248 -5.38 57.09 -7.07
CA GLU F 248 -5.37 55.76 -6.43
C GLU F 248 -3.98 55.24 -6.01
N HIS F 249 -2.93 55.57 -6.77
CA HIS F 249 -1.63 54.89 -6.66
C HIS F 249 -0.50 55.67 -5.99
N VAL F 250 -0.66 56.99 -5.86
CA VAL F 250 0.34 57.84 -5.24
C VAL F 250 -0.08 58.19 -3.81
N VAL F 251 0.87 58.10 -2.90
CA VAL F 251 0.66 58.38 -1.48
C VAL F 251 1.65 59.46 -1.01
N PRO F 252 1.35 60.12 0.13
CA PRO F 252 2.30 61.11 0.62
C PRO F 252 3.59 60.45 1.11
N THR F 253 4.70 61.17 0.99
CA THR F 253 6.01 60.71 1.47
C THR F 253 6.09 60.97 2.97
N VAL F 254 5.89 59.92 3.75
CA VAL F 254 5.99 60.01 5.21
C VAL F 254 6.64 58.74 5.75
N PRO F 255 7.27 58.83 6.94
CA PRO F 255 7.75 57.62 7.62
C PRO F 255 6.66 56.58 7.81
N ARG F 256 6.99 55.32 7.56
CA ARG F 256 6.11 54.18 7.85
C ARG F 256 6.96 53.05 8.46
N PRO F 257 6.40 52.29 9.42
CA PRO F 257 7.16 51.20 10.01
C PRO F 257 7.30 50.02 9.04
N TYR F 258 8.22 50.16 8.10
CA TYR F 258 8.38 49.19 7.01
C TYR F 258 8.92 47.88 7.57
N GLU F 259 8.26 46.79 7.21
CA GLU F 259 8.54 45.45 7.71
C GLU F 259 9.78 44.83 7.07
N LYS F 260 9.96 45.07 5.77
CA LYS F 260 11.12 44.61 5.00
C LYS F 260 11.52 45.69 3.99
N TYR F 261 12.68 45.51 3.34
CA TYR F 261 13.11 46.38 2.24
C TYR F 261 13.79 45.59 1.11
N TYR F 262 13.54 45.99 -0.14
CA TYR F 262 14.36 45.61 -1.30
C TYR F 262 14.72 46.87 -2.05
N VAL F 263 15.86 46.82 -2.74
CA VAL F 263 16.21 47.81 -3.76
C VAL F 263 16.07 47.12 -5.11
N SER F 264 15.59 47.87 -6.11
CA SER F 264 15.51 47.39 -7.49
C SER F 264 16.31 48.30 -8.40
N CYS F 265 16.95 47.73 -9.42
CA CYS F 265 17.93 48.46 -10.22
C CYS F 265 17.84 48.19 -11.71
N ASP F 266 17.76 49.28 -12.49
CA ASP F 266 18.00 49.25 -13.92
C ASP F 266 19.36 49.92 -14.16
N TYR F 267 20.37 49.16 -14.58
CA TYR F 267 21.73 49.71 -14.76
C TYR F 267 21.86 50.39 -16.12
N GLY F 268 22.73 51.40 -16.18
CA GLY F 268 23.06 52.08 -17.42
C GLY F 268 24.30 52.96 -17.28
N THR F 269 25.30 52.76 -18.15
CA THR F 269 26.46 53.64 -18.22
C THR F 269 26.14 54.80 -19.15
N GLN F 270 25.75 54.46 -20.38
CA GLN F 270 25.34 55.46 -21.38
C GLN F 270 23.82 55.68 -21.43
N ASN F 271 23.11 55.12 -20.45
CA ASN F 271 21.69 55.42 -20.21
C ASN F 271 21.50 55.68 -18.70
N PRO F 272 20.34 56.24 -18.30
CA PRO F 272 20.13 56.48 -16.87
C PRO F 272 20.19 55.22 -16.02
N THR F 273 20.76 55.33 -14.83
CA THR F 273 20.71 54.26 -13.83
C THR F 273 19.67 54.65 -12.79
N THR F 274 18.91 53.66 -12.32
CA THR F 274 17.85 53.89 -11.36
C THR F 274 17.88 52.86 -10.23
N PHE F 275 17.76 53.33 -8.99
CA PHE F 275 17.50 52.48 -7.83
C PHE F 275 16.13 52.85 -7.29
N GLY F 276 15.39 51.86 -6.81
CA GLY F 276 14.08 52.09 -6.21
C GLY F 276 13.98 51.31 -4.91
N LEU F 277 13.83 52.01 -3.80
CA LEU F 277 13.64 51.37 -2.50
C LEU F 277 12.18 50.96 -2.39
N TRP F 278 11.95 49.70 -2.00
CA TRP F 278 10.61 49.16 -1.85
C TRP F 278 10.47 48.63 -0.43
N GLY F 279 9.48 49.14 0.31
CA GLY F 279 9.24 48.74 1.70
C GLY F 279 7.85 48.17 1.90
N LEU F 280 7.75 47.08 2.67
CA LEU F 280 6.46 46.40 2.93
C LEU F 280 5.76 46.94 4.17
N TYR F 281 4.44 47.12 4.09
CA TYR F 281 3.66 47.69 5.18
C TYR F 281 2.16 47.42 4.99
N ASN F 282 1.59 46.59 5.87
CA ASN F 282 0.19 46.14 5.80
C ASN F 282 -0.17 45.45 4.47
N GLY F 283 0.74 44.59 4.00
CA GLY F 283 0.52 43.81 2.77
C GLY F 283 0.69 44.56 1.46
N VAL F 284 1.28 45.76 1.51
CA VAL F 284 1.46 46.62 0.33
C VAL F 284 2.92 47.07 0.26
N TRP F 285 3.52 46.94 -0.91
CA TRP F 285 4.90 47.37 -1.14
C TRP F 285 4.92 48.80 -1.66
N TYR F 286 5.52 49.72 -0.90
CA TYR F 286 5.58 51.13 -1.25
C TYR F 286 6.92 51.45 -1.89
N LYS F 287 6.91 52.20 -2.99
CA LYS F 287 8.15 52.75 -3.51
C LYS F 287 8.48 53.94 -2.63
N VAL F 288 9.44 53.71 -1.71
CA VAL F 288 9.72 54.65 -0.62
C VAL F 288 10.46 55.88 -1.15
N LYS F 289 11.39 55.65 -2.07
CA LYS F 289 12.07 56.74 -2.78
C LYS F 289 12.78 56.21 -4.03
N GLU F 290 13.26 57.12 -4.86
CA GLU F 290 13.88 56.76 -6.13
C GLU F 290 15.21 57.47 -6.34
N TYR F 291 16.11 56.78 -7.04
CA TYR F 291 17.38 57.33 -7.48
C TYR F 291 17.32 57.32 -9.01
N HIS F 292 17.80 58.41 -9.62
CA HIS F 292 17.80 58.56 -11.07
C HIS F 292 19.02 59.38 -11.47
N TYR F 293 20.05 58.72 -12.00
CA TYR F 293 21.25 59.38 -12.49
C TYR F 293 21.37 59.19 -13.99
N ASP F 294 21.45 60.30 -14.73
CA ASP F 294 21.61 60.29 -16.17
C ASP F 294 22.98 60.88 -16.57
N GLY F 295 23.79 60.07 -17.25
CA GLY F 295 25.11 60.47 -17.71
C GLY F 295 25.10 61.51 -18.81
N ARG F 296 24.17 61.38 -19.76
CA ARG F 296 24.01 62.37 -20.84
C ARG F 296 23.61 63.76 -20.34
N LYS F 297 22.75 63.79 -19.30
CA LYS F 297 22.32 65.05 -18.68
C LYS F 297 23.44 65.71 -17.88
N GLU F 298 24.13 64.91 -17.05
CA GLU F 298 25.23 65.41 -16.22
C GLU F 298 26.55 65.64 -16.98
N ASN F 299 26.68 65.07 -18.18
CA ASN F 299 27.93 65.09 -18.97
C ASN F 299 29.07 64.37 -18.22
N LYS F 300 28.76 63.18 -17.69
CA LYS F 300 29.65 62.42 -16.82
C LYS F 300 29.11 60.98 -16.65
N GLN F 301 29.69 60.04 -17.39
CA GLN F 301 29.35 58.62 -17.23
C GLN F 301 29.89 58.11 -15.90
N LYS F 302 29.22 57.10 -15.34
CA LYS F 302 29.60 56.55 -14.03
C LYS F 302 29.95 55.07 -14.09
N THR F 303 30.79 54.66 -13.13
CA THR F 303 31.36 53.33 -13.06
C THR F 303 30.68 52.50 -11.98
N ASP F 304 30.71 51.17 -12.15
CA ASP F 304 30.19 50.21 -11.15
C ASP F 304 30.52 50.64 -9.73
N GLN F 305 31.78 51.02 -9.52
CA GLN F 305 32.26 51.50 -8.23
C GLN F 305 31.46 52.69 -7.73
N GLU F 306 31.37 53.73 -8.55
CA GLU F 306 30.62 54.95 -8.20
C GLU F 306 29.14 54.69 -7.93
N TYR F 307 28.54 53.76 -8.68
CA TYR F 307 27.14 53.38 -8.47
C TYR F 307 26.95 52.61 -7.17
N TYR F 308 27.94 51.80 -6.80
CA TYR F 308 27.97 51.12 -5.50
C TYR F 308 28.00 52.13 -4.34
N GLU F 309 28.81 53.18 -4.49
CA GLU F 309 28.96 54.21 -3.44
C GLU F 309 27.67 55.00 -3.22
N ASP F 310 27.02 55.38 -4.31
CA ASP F 310 25.69 56.02 -4.26
C ASP F 310 24.60 55.09 -3.70
N LEU F 311 24.68 53.81 -4.02
CA LEU F 311 23.71 52.83 -3.51
C LEU F 311 23.79 52.68 -1.99
N MET F 312 25.00 52.74 -1.44
CA MET F 312 25.18 52.64 0.02
C MET F 312 24.67 53.89 0.74
N LYS F 313 24.87 55.07 0.14
CA LYS F 313 24.19 56.30 0.60
C LYS F 313 22.66 56.19 0.49
N PHE F 314 22.19 55.55 -0.58
CA PHE F 314 20.77 55.32 -0.83
C PHE F 314 20.08 54.43 0.23
N ILE F 315 20.83 53.52 0.87
CA ILE F 315 20.26 52.64 1.92
C ILE F 315 20.89 52.84 3.32
N GLU F 316 21.49 54.01 3.58
CA GLU F 316 22.12 54.29 4.88
C GLU F 316 21.12 54.14 6.03
N ASP F 317 20.06 54.94 5.95
CA ASP F 317 19.17 55.17 7.09
C ASP F 317 18.23 53.99 7.38
N ILE F 318 18.04 53.08 6.43
CA ILE F 318 17.25 51.87 6.68
C ILE F 318 18.02 50.88 7.56
N GLU F 319 17.27 50.05 8.27
CA GLU F 319 17.85 49.03 9.13
C GLU F 319 18.30 47.86 8.25
N LYS F 320 19.57 47.52 8.37
CA LYS F 320 20.22 46.48 7.60
C LYS F 320 19.63 45.13 7.78
N HIS F 321 19.16 44.84 8.96
CA HIS F 321 18.55 43.54 9.13
C HIS F 321 17.31 43.33 8.26
N LYS F 322 16.54 44.39 8.05
CA LYS F 322 15.35 44.36 7.24
C LYS F 322 15.61 44.45 5.74
N PHE F 323 16.85 44.72 5.36
CA PHE F 323 17.23 44.82 3.94
C PHE F 323 17.45 43.42 3.40
N LYS F 324 16.64 43.04 2.41
CA LYS F 324 16.66 41.70 1.82
C LYS F 324 17.54 41.57 0.56
N GLY F 325 18.03 42.68 0.02
CA GLY F 325 19.01 42.66 -1.06
C GLY F 325 18.64 43.49 -2.29
N VAL F 326 19.61 43.69 -3.17
CA VAL F 326 19.45 44.48 -4.40
C VAL F 326 18.93 43.55 -5.50
N ILE F 327 18.08 44.09 -6.37
CA ILE F 327 17.56 43.36 -7.53
C ILE F 327 18.05 44.04 -8.81
N VAL F 328 18.88 43.31 -9.59
CA VAL F 328 19.64 43.89 -10.71
C VAL F 328 19.31 43.15 -12.00
N ASP F 329 19.25 43.90 -13.12
CA ASP F 329 19.13 43.28 -14.45
C ASP F 329 20.36 42.43 -14.80
N PRO F 330 20.14 41.24 -15.41
CA PRO F 330 21.25 40.35 -15.81
C PRO F 330 22.37 40.97 -16.68
N SER F 331 22.06 41.99 -17.47
CA SER F 331 23.07 42.63 -18.34
C SER F 331 24.17 43.42 -17.60
N ALA F 332 23.97 43.73 -16.32
CA ALA F 332 24.96 44.44 -15.50
C ALA F 332 25.72 43.47 -14.59
N ALA F 333 26.31 42.45 -15.22
CA ALA F 333 26.93 41.34 -14.49
C ALA F 333 28.13 41.76 -13.65
N SER F 334 28.95 42.66 -14.20
CA SER F 334 30.13 43.18 -13.48
C SER F 334 29.72 43.95 -12.23
N PHE F 335 28.56 44.61 -12.28
CA PHE F 335 28.01 45.31 -11.12
C PHE F 335 27.48 44.33 -10.08
N ILE F 336 26.88 43.22 -10.53
CA ILE F 336 26.47 42.14 -9.63
C ILE F 336 27.68 41.52 -8.92
N ALA F 337 28.80 41.40 -9.65
CA ALA F 337 30.05 40.89 -9.09
C ALA F 337 30.65 41.82 -8.05
N LEU F 338 30.65 43.12 -8.35
CA LEU F 338 31.12 44.16 -7.42
C LEU F 338 30.33 44.11 -6.12
N LEU F 339 29.00 44.13 -6.23
CA LEU F 339 28.13 44.12 -5.06
C LEU F 339 28.22 42.84 -4.23
N ARG F 340 28.45 41.70 -4.89
CA ARG F 340 28.65 40.42 -4.19
C ARG F 340 29.99 40.34 -3.43
N GLN F 341 31.04 40.94 -3.99
CA GLN F 341 32.33 41.09 -3.29
C GLN F 341 32.24 41.91 -2.00
N LYS F 342 31.29 42.85 -1.95
CA LYS F 342 31.04 43.67 -0.76
C LYS F 342 30.09 43.02 0.26
N GLY F 343 29.64 41.79 0.01
CA GLY F 343 28.72 41.10 0.90
C GLY F 343 27.29 41.63 0.85
N ILE F 344 26.89 42.17 -0.30
CA ILE F 344 25.51 42.59 -0.53
C ILE F 344 24.83 41.44 -1.27
N LYS F 345 23.64 41.04 -0.81
CA LYS F 345 22.86 40.03 -1.53
C LYS F 345 22.27 40.65 -2.80
N VAL F 346 22.31 39.90 -3.89
CA VAL F 346 21.88 40.36 -5.21
C VAL F 346 21.04 39.28 -5.87
N ILE F 347 19.76 39.55 -6.10
CA ILE F 347 18.92 38.68 -6.92
C ILE F 347 18.99 39.18 -8.36
N LYS F 348 19.36 38.30 -9.28
CA LYS F 348 19.39 38.62 -10.71
C LYS F 348 17.94 38.70 -11.19
N ALA F 349 17.62 39.72 -11.97
CA ALA F 349 16.22 39.99 -12.35
C ALA F 349 15.70 38.95 -13.34
N LYS F 350 14.47 38.49 -13.11
CA LYS F 350 13.81 37.52 -13.99
C LYS F 350 13.54 38.14 -15.37
N ASN F 351 12.98 39.35 -15.34
CA ASN F 351 12.88 40.26 -16.50
C ASN F 351 12.31 39.71 -17.83
N ASP F 352 11.29 38.84 -17.74
CA ASP F 352 10.41 38.59 -18.87
C ASP F 352 9.62 39.90 -19.06
N VAL F 353 9.74 40.49 -20.24
CA VAL F 353 9.21 41.84 -20.51
C VAL F 353 7.69 41.84 -20.49
N LEU F 354 7.08 40.94 -21.26
CA LEU F 354 5.64 40.96 -21.51
C LEU F 354 4.82 40.39 -20.33
N ASP F 355 5.36 39.38 -19.63
CA ASP F 355 4.75 38.90 -18.38
C ASP F 355 5.01 39.88 -17.24
N GLY F 356 6.13 40.59 -17.30
CA GLY F 356 6.47 41.62 -16.32
C GLY F 356 5.61 42.86 -16.42
N ILE F 357 5.25 43.25 -17.65
CA ILE F 357 4.35 44.39 -17.84
C ILE F 357 2.95 44.03 -17.33
N ARG F 358 2.47 42.85 -17.72
CA ARG F 358 1.20 42.31 -17.24
C ARG F 358 1.10 42.26 -15.71
N ASN F 359 2.19 41.86 -15.04
CA ASN F 359 2.22 41.74 -13.59
C ASN F 359 2.28 43.10 -12.88
N VAL F 360 3.03 44.05 -13.45
CA VAL F 360 3.01 45.43 -12.96
C VAL F 360 1.58 45.99 -13.02
N ALA F 361 0.90 45.75 -14.14
CA ALA F 361 -0.49 46.19 -14.33
C ALA F 361 -1.45 45.60 -13.29
N THR F 362 -1.35 44.28 -13.06
CA THR F 362 -2.18 43.59 -12.06
C THR F 362 -1.91 44.08 -10.64
N ALA F 363 -0.63 44.33 -10.33
CA ALA F 363 -0.23 44.92 -9.05
C ALA F 363 -0.81 46.33 -8.84
N LEU F 364 -0.88 47.11 -9.92
CA LEU F 364 -1.56 48.41 -9.90
C LEU F 364 -3.07 48.26 -9.69
N ASN F 365 -3.68 47.30 -10.38
CA ASN F 365 -5.13 47.03 -10.26
C ASN F 365 -5.52 46.50 -8.88
N LYS F 366 -4.69 45.61 -8.34
CA LYS F 366 -4.84 45.06 -6.99
C LYS F 366 -4.42 46.03 -5.86
N LYS F 367 -3.69 47.10 -6.19
CA LYS F 367 -3.00 47.95 -5.21
C LYS F 367 -2.05 47.18 -4.30
N MET F 368 -1.33 46.21 -4.89
CA MET F 368 -0.22 45.55 -4.22
C MET F 368 0.96 46.51 -4.08
N ILE F 369 1.05 47.49 -4.98
CA ILE F 369 2.08 48.54 -4.90
C ILE F 369 1.45 49.94 -4.85
N LEU F 370 2.18 50.85 -4.21
CA LEU F 370 1.82 52.28 -4.12
C LEU F 370 3.09 53.10 -4.15
N TYR F 371 2.97 54.40 -4.38
CA TYR F 371 4.12 55.25 -4.65
C TYR F 371 4.14 56.51 -3.78
N ASN F 372 5.24 56.73 -3.08
CA ASN F 372 5.48 58.02 -2.42
C ASN F 372 5.54 59.11 -3.49
N ASP F 373 4.90 60.25 -3.22
CA ASP F 373 4.80 61.35 -4.21
C ASP F 373 6.15 61.94 -4.65
N CYS F 374 7.22 61.62 -3.93
CA CYS F 374 8.58 61.97 -4.32
C CYS F 374 9.12 61.17 -5.52
N CYS F 375 8.47 60.08 -5.91
CA CYS F 375 8.92 59.29 -7.07
C CYS F 375 8.52 59.93 -8.40
N LYS F 376 9.00 61.15 -8.64
CA LYS F 376 8.50 62.00 -9.72
C LYS F 376 8.91 61.51 -11.11
N GLU F 377 10.14 61.00 -11.25
CA GLU F 377 10.64 60.48 -12.53
C GLU F 377 9.86 59.24 -12.97
N THR F 378 9.47 58.39 -12.01
CA THR F 378 8.65 57.24 -12.31
C THR F 378 7.32 57.67 -12.92
N PHE F 379 6.72 58.71 -12.36
CA PHE F 379 5.41 59.19 -12.85
C PHE F 379 5.54 59.84 -14.22
N ARG F 380 6.66 60.52 -14.46
CA ARG F 380 6.95 61.05 -15.80
C ARG F 380 6.97 59.93 -16.83
N GLU F 381 7.59 58.81 -16.47
CA GLU F 381 7.70 57.65 -17.35
C GLU F 381 6.39 56.88 -17.56
N TYR F 382 5.56 56.77 -16.51
CA TYR F 382 4.23 56.11 -16.64
C TYR F 382 3.36 56.71 -17.74
N SER F 383 3.35 58.03 -17.84
CA SER F 383 2.53 58.75 -18.82
C SER F 383 3.12 58.84 -20.24
N SER F 384 4.29 58.26 -20.48
CA SER F 384 4.90 58.22 -21.82
C SER F 384 5.47 56.84 -22.22
N TYR F 385 5.10 55.79 -21.49
CA TYR F 385 5.58 54.43 -21.79
C TYR F 385 4.50 53.80 -22.64
N VAL F 386 4.81 53.59 -23.92
CA VAL F 386 3.83 53.19 -24.93
C VAL F 386 4.25 51.94 -25.70
N TRP F 387 3.26 51.21 -26.19
CA TRP F 387 3.49 50.09 -27.10
C TRP F 387 4.06 50.62 -28.43
N ASP F 388 4.93 49.83 -29.06
CA ASP F 388 5.45 50.13 -30.39
C ASP F 388 4.33 49.81 -31.39
N GLU F 389 3.69 50.86 -31.91
CA GLU F 389 2.51 50.75 -32.77
C GLU F 389 2.80 49.93 -34.03
N LYS F 390 3.93 50.22 -34.68
CA LYS F 390 4.29 49.57 -35.93
C LYS F 390 4.65 48.10 -35.72
N ALA F 391 5.34 47.79 -34.63
CA ALA F 391 5.71 46.39 -34.31
C ALA F 391 4.49 45.49 -34.07
N ALA F 392 3.49 46.01 -33.35
CA ALA F 392 2.25 45.27 -33.06
C ALA F 392 1.39 44.99 -34.31
N GLU F 393 1.50 45.86 -35.31
CA GLU F 393 0.88 45.61 -36.63
C GLU F 393 1.63 44.53 -37.45
N ARG F 394 2.87 44.19 -37.04
CA ARG F 394 3.57 42.98 -37.50
C ARG F 394 3.41 41.78 -36.53
N GLY F 395 2.44 41.83 -35.63
CA GLY F 395 2.23 40.77 -34.63
C GLY F 395 3.26 40.64 -33.50
N GLU F 396 4.02 41.70 -33.23
CA GLU F 396 5.05 41.69 -32.17
C GLU F 396 4.70 42.71 -31.08
N ASP F 397 4.43 42.22 -29.87
CA ASP F 397 4.08 43.09 -28.74
C ASP F 397 5.33 43.49 -27.95
N LYS F 398 5.73 44.75 -28.11
CA LYS F 398 6.91 45.32 -27.46
C LYS F 398 6.62 46.75 -26.99
N PRO F 399 7.33 47.22 -25.95
CA PRO F 399 7.33 48.64 -25.63
C PRO F 399 8.35 49.40 -26.45
N VAL F 400 8.08 50.68 -26.68
CA VAL F 400 9.08 51.60 -27.19
C VAL F 400 9.92 51.93 -25.96
N LYS F 401 11.23 51.68 -26.06
CA LYS F 401 12.16 51.84 -24.92
C LYS F 401 12.78 53.24 -24.89
N GLN F 402 11.94 54.24 -24.59
CA GLN F 402 12.38 55.58 -24.27
C GLN F 402 11.79 55.95 -22.92
N ASN F 403 12.62 56.34 -21.96
CA ASN F 403 12.18 56.73 -20.61
C ASN F 403 11.37 55.60 -19.97
N ASP F 404 12.01 54.45 -19.80
CA ASP F 404 11.41 53.27 -19.17
C ASP F 404 12.32 52.71 -18.08
N HIS F 405 13.22 53.55 -17.57
CA HIS F 405 14.33 53.11 -16.74
C HIS F 405 13.88 52.84 -15.31
N GLN F 406 13.08 53.74 -14.75
CA GLN F 406 12.39 53.48 -13.47
C GLN F 406 11.38 52.34 -13.63
N LEU F 407 10.62 52.36 -14.73
CA LEU F 407 9.59 51.35 -14.98
C LEU F 407 10.17 49.94 -15.14
N ASP F 408 11.37 49.82 -15.73
CA ASP F 408 12.05 48.54 -15.87
C ASP F 408 12.47 48.01 -14.51
N ALA F 409 13.10 48.87 -13.72
CA ALA F 409 13.45 48.56 -12.33
C ALA F 409 12.23 48.10 -11.54
N ASP F 410 11.14 48.88 -11.64
CA ASP F 410 9.87 48.54 -11.00
C ASP F 410 9.34 47.17 -11.44
N ARG F 411 9.47 46.87 -12.73
CA ARG F 411 9.07 45.57 -13.29
C ARG F 411 9.92 44.42 -12.75
N TYR F 412 11.22 44.65 -12.57
CA TYR F 412 12.12 43.62 -12.01
C TYR F 412 11.70 43.28 -10.59
N PHE F 413 11.40 44.30 -9.80
CA PHE F 413 10.90 44.10 -8.43
C PHE F 413 9.59 43.30 -8.39
N VAL F 414 8.63 43.75 -9.19
CA VAL F 414 7.27 43.20 -9.18
C VAL F 414 7.26 41.77 -9.68
N ASN F 415 7.95 41.52 -10.80
CA ASN F 415 8.00 40.19 -11.40
C ASN F 415 8.83 39.20 -10.58
N THR F 416 9.88 39.68 -9.91
CA THR F 416 10.77 38.84 -9.07
C THR F 416 10.24 38.54 -7.66
N ILE F 417 9.80 39.58 -6.94
CA ILE F 417 9.40 39.46 -5.54
C ILE F 417 7.91 39.18 -5.36
N LEU F 418 7.07 39.85 -6.14
CA LEU F 418 5.60 39.77 -5.98
C LEU F 418 4.92 38.67 -6.82
N PHE F 419 5.60 38.18 -7.85
CA PHE F 419 5.01 37.20 -8.79
C PHE F 419 5.98 36.08 -9.12
NA NA G . 54.58 -10.61 -5.73
NA NA H . -23.23 28.30 43.95
NA NA I . 0.90 -41.05 41.62
NA NA J . -51.47 -16.60 -3.97
NA NA K . 2.79 -10.71 -55.44
NA NA L . 17.13 51.61 -19.02
#